data_5RHN
# 
_entry.id   5RHN 
# 
_audit_conform.dict_name       mmcif_pdbx.dic 
_audit_conform.dict_version    5.387 
_audit_conform.dict_location   http://mmcif.pdb.org/dictionaries/ascii/mmcif_pdbx.dic 
# 
loop_
_database_2.database_id 
_database_2.database_code 
_database_2.pdbx_database_accession 
_database_2.pdbx_DOI 
PDB   5RHN         pdb_00005rhn 10.2210/pdb5rhn/pdb 
WWPDB D_1000179766 ?            ?                   
# 
loop_
_pdbx_audit_revision_history.ordinal 
_pdbx_audit_revision_history.data_content_type 
_pdbx_audit_revision_history.major_revision 
_pdbx_audit_revision_history.minor_revision 
_pdbx_audit_revision_history.revision_date 
1 'Structure model' 1 0 1997-06-16 
2 'Structure model' 1 1 2008-03-25 
3 'Structure model' 1 2 2011-07-13 
4 'Structure model' 1 3 2024-03-06 
# 
_pdbx_audit_revision_details.ordinal             1 
_pdbx_audit_revision_details.revision_ordinal    1 
_pdbx_audit_revision_details.data_content_type   'Structure model' 
_pdbx_audit_revision_details.provider            repository 
_pdbx_audit_revision_details.type                'Initial release' 
_pdbx_audit_revision_details.description         ? 
_pdbx_audit_revision_details.details             ? 
# 
loop_
_pdbx_audit_revision_group.ordinal 
_pdbx_audit_revision_group.revision_ordinal 
_pdbx_audit_revision_group.data_content_type 
_pdbx_audit_revision_group.group 
1 2 'Structure model' 'Version format compliance' 
2 3 'Structure model' 'Derived calculations'      
3 3 'Structure model' 'Version format compliance' 
4 4 'Structure model' 'Data collection'           
5 4 'Structure model' 'Database references'       
6 4 'Structure model' 'Derived calculations'      
7 4 'Structure model' Other                       
# 
loop_
_pdbx_audit_revision_category.ordinal 
_pdbx_audit_revision_category.revision_ordinal 
_pdbx_audit_revision_category.data_content_type 
_pdbx_audit_revision_category.category 
1 4 'Structure model' chem_comp_atom       
2 4 'Structure model' chem_comp_bond       
3 4 'Structure model' database_2           
4 4 'Structure model' pdbx_database_status 
5 4 'Structure model' struct_site          
# 
loop_
_pdbx_audit_revision_item.ordinal 
_pdbx_audit_revision_item.revision_ordinal 
_pdbx_audit_revision_item.data_content_type 
_pdbx_audit_revision_item.item 
1 4 'Structure model' '_database_2.pdbx_DOI'                
2 4 'Structure model' '_database_2.pdbx_database_accession' 
3 4 'Structure model' '_pdbx_database_status.process_site'  
4 4 'Structure model' '_struct_site.pdbx_auth_asym_id'      
5 4 'Structure model' '_struct_site.pdbx_auth_comp_id'      
6 4 'Structure model' '_struct_site.pdbx_auth_seq_id'       
# 
_pdbx_database_status.status_code                     REL 
_pdbx_database_status.entry_id                        5RHN 
_pdbx_database_status.recvd_initial_deposition_date   1997-02-26 
_pdbx_database_status.deposit_site                    ? 
_pdbx_database_status.process_site                    BNL 
_pdbx_database_status.status_code_sf                  REL 
_pdbx_database_status.status_code_mr                  ? 
_pdbx_database_status.SG_entry                        ? 
_pdbx_database_status.pdb_format_compatible           Y 
_pdbx_database_status.status_code_cs                  ? 
_pdbx_database_status.status_code_nmr_data            ? 
_pdbx_database_status.methods_development_category    ? 
# 
loop_
_audit_author.name 
_audit_author.pdbx_ordinal 
'Brenner, C.'      1 
'Garrison, P.'     2 
'Gilmour, J.'      3 
'Peisach, D.'      4 
'Ringe, D.'        5 
'Petsko, G.A.'     6 
'Lowenstein, J.M.' 7 
# 
_citation.id                        primary 
_citation.title                     
'Crystal structures of HINT demonstrate that histidine triad proteins are GalT-related nucleotide-binding proteins.' 
_citation.journal_abbrev            Nat.Struct.Biol. 
_citation.journal_volume            4 
_citation.page_first                231 
_citation.page_last                 238 
_citation.year                      1997 
_citation.journal_id_ASTM           NSBIEW 
_citation.country                   US 
_citation.journal_id_ISSN           1072-8368 
_citation.journal_id_CSD            2024 
_citation.book_publisher            ? 
_citation.pdbx_database_id_PubMed   9164465 
_citation.pdbx_database_id_DOI      10.1038/nsb0397-231 
# 
loop_
_citation_author.citation_id 
_citation_author.name 
_citation_author.ordinal 
_citation_author.identifier_ORCID 
primary 'Brenner, C.'      1 ? 
primary 'Garrison, P.'     2 ? 
primary 'Gilmour, J.'      3 ? 
primary 'Peisach, D.'      4 ? 
primary 'Ringe, D.'        5 ? 
primary 'Petsko, G.A.'     6 ? 
primary 'Lowenstein, J.M.' 7 ? 
# 
loop_
_entity.id 
_entity.type 
_entity.src_method 
_entity.pdbx_description 
_entity.formula_weight 
_entity.pdbx_number_of_molecules 
_entity.pdbx_ec 
_entity.pdbx_mutation 
_entity.pdbx_fragment 
_entity.details 
1 polymer     man 'HISTIDINE TRIAD NUCLEOTIDE-BINDING PROTEIN' 12584.530 1  ? ? ? ? 
2 non-polymer syn "8-BROMO-ADENOSINE-5'-MONOPHOSPHATE"         426.117   1  ? ? ? ? 
3 water       nat water                                        18.015    51 ? ? ? ? 
# 
_entity_name_com.entity_id   1 
_entity_name_com.name        HINT 
# 
_entity_poly.entity_id                      1 
_entity_poly.type                           'polypeptide(L)' 
_entity_poly.nstd_linkage                   no 
_entity_poly.nstd_monomer                   no 
_entity_poly.pdbx_seq_one_letter_code       
;RPGGDTIFGKIIRKEIPAKIIFEDDQCLAFHDISPQAPTHFLVIPKKHISQISAAEDADESLLGHLMIVGKKCAADLGLK
KGYRMVVNEGSDGGQSVYHVHLHVLGGRQMNWPPG
;
_entity_poly.pdbx_seq_one_letter_code_can   
;RPGGDTIFGKIIRKEIPAKIIFEDDQCLAFHDISPQAPTHFLVIPKKHISQISAAEDADESLLGHLMIVGKKCAADLGLK
KGYRMVVNEGSDGGQSVYHVHLHVLGGRQMNWPPG
;
_entity_poly.pdbx_strand_id                 A 
_entity_poly.pdbx_target_identifier         ? 
# 
loop_
_pdbx_entity_nonpoly.entity_id 
_pdbx_entity_nonpoly.name 
_pdbx_entity_nonpoly.comp_id 
2 "8-BROMO-ADENOSINE-5'-MONOPHOSPHATE" 8BR 
3 water                                HOH 
# 
loop_
_entity_poly_seq.entity_id 
_entity_poly_seq.num 
_entity_poly_seq.mon_id 
_entity_poly_seq.hetero 
1 1   ARG n 
1 2   PRO n 
1 3   GLY n 
1 4   GLY n 
1 5   ASP n 
1 6   THR n 
1 7   ILE n 
1 8   PHE n 
1 9   GLY n 
1 10  LYS n 
1 11  ILE n 
1 12  ILE n 
1 13  ARG n 
1 14  LYS n 
1 15  GLU n 
1 16  ILE n 
1 17  PRO n 
1 18  ALA n 
1 19  LYS n 
1 20  ILE n 
1 21  ILE n 
1 22  PHE n 
1 23  GLU n 
1 24  ASP n 
1 25  ASP n 
1 26  GLN n 
1 27  CYS n 
1 28  LEU n 
1 29  ALA n 
1 30  PHE n 
1 31  HIS n 
1 32  ASP n 
1 33  ILE n 
1 34  SER n 
1 35  PRO n 
1 36  GLN n 
1 37  ALA n 
1 38  PRO n 
1 39  THR n 
1 40  HIS n 
1 41  PHE n 
1 42  LEU n 
1 43  VAL n 
1 44  ILE n 
1 45  PRO n 
1 46  LYS n 
1 47  LYS n 
1 48  HIS n 
1 49  ILE n 
1 50  SER n 
1 51  GLN n 
1 52  ILE n 
1 53  SER n 
1 54  ALA n 
1 55  ALA n 
1 56  GLU n 
1 57  ASP n 
1 58  ALA n 
1 59  ASP n 
1 60  GLU n 
1 61  SER n 
1 62  LEU n 
1 63  LEU n 
1 64  GLY n 
1 65  HIS n 
1 66  LEU n 
1 67  MET n 
1 68  ILE n 
1 69  VAL n 
1 70  GLY n 
1 71  LYS n 
1 72  LYS n 
1 73  CYS n 
1 74  ALA n 
1 75  ALA n 
1 76  ASP n 
1 77  LEU n 
1 78  GLY n 
1 79  LEU n 
1 80  LYS n 
1 81  LYS n 
1 82  GLY n 
1 83  TYR n 
1 84  ARG n 
1 85  MET n 
1 86  VAL n 
1 87  VAL n 
1 88  ASN n 
1 89  GLU n 
1 90  GLY n 
1 91  SER n 
1 92  ASP n 
1 93  GLY n 
1 94  GLY n 
1 95  GLN n 
1 96  SER n 
1 97  VAL n 
1 98  TYR n 
1 99  HIS n 
1 100 VAL n 
1 101 HIS n 
1 102 LEU n 
1 103 HIS n 
1 104 VAL n 
1 105 LEU n 
1 106 GLY n 
1 107 GLY n 
1 108 ARG n 
1 109 GLN n 
1 110 MET n 
1 111 ASN n 
1 112 TRP n 
1 113 PRO n 
1 114 PRO n 
1 115 GLY n 
# 
_entity_src_gen.entity_id                          1 
_entity_src_gen.pdbx_src_id                        1 
_entity_src_gen.pdbx_alt_source_flag               sample 
_entity_src_gen.pdbx_seq_type                      ? 
_entity_src_gen.pdbx_beg_seq_num                   ? 
_entity_src_gen.pdbx_end_seq_num                   ? 
_entity_src_gen.gene_src_common_name               rabbit 
_entity_src_gen.gene_src_genus                     Oryctolagus 
_entity_src_gen.pdbx_gene_src_gene                 HINT 
_entity_src_gen.gene_src_species                   ? 
_entity_src_gen.gene_src_strain                    ? 
_entity_src_gen.gene_src_tissue                    ? 
_entity_src_gen.gene_src_tissue_fraction           ? 
_entity_src_gen.gene_src_details                   ? 
_entity_src_gen.pdbx_gene_src_fragment             ? 
_entity_src_gen.pdbx_gene_src_scientific_name      'Oryctolagus cuniculus' 
_entity_src_gen.pdbx_gene_src_ncbi_taxonomy_id     9986 
_entity_src_gen.pdbx_gene_src_variant              ? 
_entity_src_gen.pdbx_gene_src_cell_line            ? 
_entity_src_gen.pdbx_gene_src_atcc                 ? 
_entity_src_gen.pdbx_gene_src_organ                HEART 
_entity_src_gen.pdbx_gene_src_organelle            ? 
_entity_src_gen.pdbx_gene_src_cell                 ? 
_entity_src_gen.pdbx_gene_src_cellular_location    ? 
_entity_src_gen.host_org_common_name               ? 
_entity_src_gen.pdbx_host_org_scientific_name      'Escherichia coli' 
_entity_src_gen.pdbx_host_org_ncbi_taxonomy_id     562 
_entity_src_gen.host_org_genus                     Escherichia 
_entity_src_gen.pdbx_host_org_gene                 HINT 
_entity_src_gen.pdbx_host_org_organ                ? 
_entity_src_gen.host_org_species                   ? 
_entity_src_gen.pdbx_host_org_tissue               ? 
_entity_src_gen.pdbx_host_org_tissue_fraction      ? 
_entity_src_gen.pdbx_host_org_strain               JM109/DE3/LACIQ 
_entity_src_gen.pdbx_host_org_variant              ? 
_entity_src_gen.pdbx_host_org_cell_line            ? 
_entity_src_gen.pdbx_host_org_atcc                 ? 
_entity_src_gen.pdbx_host_org_culture_collection   ? 
_entity_src_gen.pdbx_host_org_cell                 ? 
_entity_src_gen.pdbx_host_org_organelle            ? 
_entity_src_gen.pdbx_host_org_cellular_location    ? 
_entity_src_gen.pdbx_host_org_vector_type          LAC 
_entity_src_gen.pdbx_host_org_vector               PSGA02 
_entity_src_gen.host_org_details                   ? 
_entity_src_gen.expression_system_id               ? 
_entity_src_gen.plasmid_name                       PSGA02-HINT 
_entity_src_gen.plasmid_details                    ? 
_entity_src_gen.pdbx_description                   
;RABBIT HINT CDNA WAS CLONED FROM HEART LIBRARY, EXPRESSED IN ESCHERICHIA COLI, AND PURIFIED BY ADENOSINE-AGAROSE AFFINITY CHROMATOGRAPHY
;
# 
loop_
_chem_comp.id 
_chem_comp.type 
_chem_comp.mon_nstd_flag 
_chem_comp.name 
_chem_comp.pdbx_synonyms 
_chem_comp.formula 
_chem_comp.formula_weight 
8BR non-polymer         . "8-BROMO-ADENOSINE-5'-MONOPHOSPHATE" ? 'C10 H13 Br N5 O7 P' 426.117 
ALA 'L-peptide linking' y ALANINE                              ? 'C3 H7 N O2'         89.093  
ARG 'L-peptide linking' y ARGININE                             ? 'C6 H15 N4 O2 1'     175.209 
ASN 'L-peptide linking' y ASPARAGINE                           ? 'C4 H8 N2 O3'        132.118 
ASP 'L-peptide linking' y 'ASPARTIC ACID'                      ? 'C4 H7 N O4'         133.103 
CYS 'L-peptide linking' y CYSTEINE                             ? 'C3 H7 N O2 S'       121.158 
GLN 'L-peptide linking' y GLUTAMINE                            ? 'C5 H10 N2 O3'       146.144 
GLU 'L-peptide linking' y 'GLUTAMIC ACID'                      ? 'C5 H9 N O4'         147.129 
GLY 'peptide linking'   y GLYCINE                              ? 'C2 H5 N O2'         75.067  
HIS 'L-peptide linking' y HISTIDINE                            ? 'C6 H10 N3 O2 1'     156.162 
HOH non-polymer         . WATER                                ? 'H2 O'               18.015  
ILE 'L-peptide linking' y ISOLEUCINE                           ? 'C6 H13 N O2'        131.173 
LEU 'L-peptide linking' y LEUCINE                              ? 'C6 H13 N O2'        131.173 
LYS 'L-peptide linking' y LYSINE                               ? 'C6 H15 N2 O2 1'     147.195 
MET 'L-peptide linking' y METHIONINE                           ? 'C5 H11 N O2 S'      149.211 
PHE 'L-peptide linking' y PHENYLALANINE                        ? 'C9 H11 N O2'        165.189 
PRO 'L-peptide linking' y PROLINE                              ? 'C5 H9 N O2'         115.130 
SER 'L-peptide linking' y SERINE                               ? 'C3 H7 N O3'         105.093 
THR 'L-peptide linking' y THREONINE                            ? 'C4 H9 N O3'         119.119 
TRP 'L-peptide linking' y TRYPTOPHAN                           ? 'C11 H12 N2 O2'      204.225 
TYR 'L-peptide linking' y TYROSINE                             ? 'C9 H11 N O3'        181.189 
VAL 'L-peptide linking' y VALINE                               ? 'C5 H11 N O2'        117.146 
# 
loop_
_pdbx_poly_seq_scheme.asym_id 
_pdbx_poly_seq_scheme.entity_id 
_pdbx_poly_seq_scheme.seq_id 
_pdbx_poly_seq_scheme.mon_id 
_pdbx_poly_seq_scheme.ndb_seq_num 
_pdbx_poly_seq_scheme.pdb_seq_num 
_pdbx_poly_seq_scheme.auth_seq_num 
_pdbx_poly_seq_scheme.pdb_mon_id 
_pdbx_poly_seq_scheme.auth_mon_id 
_pdbx_poly_seq_scheme.pdb_strand_id 
_pdbx_poly_seq_scheme.pdb_ins_code 
_pdbx_poly_seq_scheme.hetero 
A 1 1   ARG 1   12  12  ARG ARG A . n 
A 1 2   PRO 2   13  13  PRO PRO A . n 
A 1 3   GLY 3   14  14  GLY GLY A . n 
A 1 4   GLY 4   15  15  GLY GLY A . n 
A 1 5   ASP 5   16  16  ASP ASP A . n 
A 1 6   THR 6   17  17  THR THR A . n 
A 1 7   ILE 7   18  18  ILE ILE A . n 
A 1 8   PHE 8   19  19  PHE PHE A . n 
A 1 9   GLY 9   20  20  GLY GLY A . n 
A 1 10  LYS 10  21  21  LYS LYS A . n 
A 1 11  ILE 11  22  22  ILE ILE A . n 
A 1 12  ILE 12  23  23  ILE ILE A . n 
A 1 13  ARG 13  24  24  ARG ARG A . n 
A 1 14  LYS 14  25  25  LYS LYS A . n 
A 1 15  GLU 15  26  26  GLU GLU A . n 
A 1 16  ILE 16  27  27  ILE ILE A . n 
A 1 17  PRO 17  28  28  PRO PRO A . n 
A 1 18  ALA 18  29  29  ALA ALA A . n 
A 1 19  LYS 19  30  30  LYS LYS A . n 
A 1 20  ILE 20  31  31  ILE ILE A . n 
A 1 21  ILE 21  32  32  ILE ILE A . n 
A 1 22  PHE 22  33  33  PHE PHE A . n 
A 1 23  GLU 23  34  34  GLU GLU A . n 
A 1 24  ASP 24  35  35  ASP ASP A . n 
A 1 25  ASP 25  36  36  ASP ASP A . n 
A 1 26  GLN 26  37  37  GLN GLN A . n 
A 1 27  CYS 27  38  38  CYS CYS A . n 
A 1 28  LEU 28  39  39  LEU LEU A . n 
A 1 29  ALA 29  40  40  ALA ALA A . n 
A 1 30  PHE 30  41  41  PHE PHE A . n 
A 1 31  HIS 31  42  42  HIS HIS A . n 
A 1 32  ASP 32  43  43  ASP ASP A . n 
A 1 33  ILE 33  44  44  ILE ILE A . n 
A 1 34  SER 34  45  45  SER SER A . n 
A 1 35  PRO 35  46  46  PRO PRO A . n 
A 1 36  GLN 36  47  47  GLN GLN A . n 
A 1 37  ALA 37  48  48  ALA ALA A . n 
A 1 38  PRO 38  49  49  PRO PRO A . n 
A 1 39  THR 39  50  50  THR THR A . n 
A 1 40  HIS 40  51  51  HIS HIS A . n 
A 1 41  PHE 41  52  52  PHE PHE A . n 
A 1 42  LEU 42  53  53  LEU LEU A . n 
A 1 43  VAL 43  54  54  VAL VAL A . n 
A 1 44  ILE 44  55  55  ILE ILE A . n 
A 1 45  PRO 45  56  56  PRO PRO A . n 
A 1 46  LYS 46  57  57  LYS LYS A . n 
A 1 47  LYS 47  58  58  LYS LYS A . n 
A 1 48  HIS 48  59  59  HIS HIS A . n 
A 1 49  ILE 49  60  60  ILE ILE A . n 
A 1 50  SER 50  61  61  SER SER A . n 
A 1 51  GLN 51  62  62  GLN GLN A . n 
A 1 52  ILE 52  63  63  ILE ILE A . n 
A 1 53  SER 53  64  64  SER SER A . n 
A 1 54  ALA 54  65  65  ALA ALA A . n 
A 1 55  ALA 55  66  66  ALA ALA A . n 
A 1 56  GLU 56  67  67  GLU GLU A . n 
A 1 57  ASP 57  68  68  ASP ASP A . n 
A 1 58  ALA 58  69  69  ALA ALA A . n 
A 1 59  ASP 59  70  70  ASP ASP A . n 
A 1 60  GLU 60  71  71  GLU GLU A . n 
A 1 61  SER 61  72  72  SER SER A . n 
A 1 62  LEU 62  73  73  LEU LEU A . n 
A 1 63  LEU 63  74  74  LEU LEU A . n 
A 1 64  GLY 64  75  75  GLY GLY A . n 
A 1 65  HIS 65  76  76  HIS HIS A . n 
A 1 66  LEU 66  77  77  LEU LEU A . n 
A 1 67  MET 67  78  78  MET MET A . n 
A 1 68  ILE 68  79  79  ILE ILE A . n 
A 1 69  VAL 69  80  80  VAL VAL A . n 
A 1 70  GLY 70  81  81  GLY GLY A . n 
A 1 71  LYS 71  82  82  LYS LYS A . n 
A 1 72  LYS 72  83  83  LYS LYS A . n 
A 1 73  CYS 73  84  84  CYS CYS A . n 
A 1 74  ALA 74  85  85  ALA ALA A . n 
A 1 75  ALA 75  86  86  ALA ALA A . n 
A 1 76  ASP 76  87  87  ASP ASP A . n 
A 1 77  LEU 77  88  88  LEU LEU A . n 
A 1 78  GLY 78  89  89  GLY GLY A . n 
A 1 79  LEU 79  90  90  LEU LEU A . n 
A 1 80  LYS 80  91  91  LYS LYS A . n 
A 1 81  LYS 81  92  92  LYS LYS A . n 
A 1 82  GLY 82  93  93  GLY GLY A . n 
A 1 83  TYR 83  94  94  TYR TYR A . n 
A 1 84  ARG 84  95  95  ARG ARG A . n 
A 1 85  MET 85  96  96  MET MET A . n 
A 1 86  VAL 86  97  97  VAL VAL A . n 
A 1 87  VAL 87  98  98  VAL VAL A . n 
A 1 88  ASN 88  99  99  ASN ASN A . n 
A 1 89  GLU 89  100 100 GLU GLU A . n 
A 1 90  GLY 90  101 101 GLY GLY A . n 
A 1 91  SER 91  102 102 SER SER A . n 
A 1 92  ASP 92  103 103 ASP ASP A . n 
A 1 93  GLY 93  104 104 GLY GLY A . n 
A 1 94  GLY 94  105 105 GLY GLY A . n 
A 1 95  GLN 95  106 106 GLN GLN A . n 
A 1 96  SER 96  107 107 SER SER A . n 
A 1 97  VAL 97  108 108 VAL VAL A . n 
A 1 98  TYR 98  109 109 TYR TYR A . n 
A 1 99  HIS 99  110 110 HIS HIS A . n 
A 1 100 VAL 100 111 111 VAL VAL A . n 
A 1 101 HIS 101 112 112 HIS HIS A . n 
A 1 102 LEU 102 113 113 LEU LEU A . n 
A 1 103 HIS 103 114 114 HIS HIS A . n 
A 1 104 VAL 104 115 115 VAL VAL A . n 
A 1 105 LEU 105 116 116 LEU LEU A . n 
A 1 106 GLY 106 117 117 GLY GLY A . n 
A 1 107 GLY 107 118 118 GLY GLY A . n 
A 1 108 ARG 108 119 119 ARG ARG A . n 
A 1 109 GLN 109 120 120 GLN GLN A . n 
A 1 110 MET 110 121 121 MET MET A . n 
A 1 111 ASN 111 122 122 ASN ASN A . n 
A 1 112 TRP 112 123 123 TRP TRP A . n 
A 1 113 PRO 113 124 124 PRO PRO A . n 
A 1 114 PRO 114 125 125 PRO PRO A . n 
A 1 115 GLY 115 126 126 GLY GLY A . n 
# 
loop_
_pdbx_nonpoly_scheme.asym_id 
_pdbx_nonpoly_scheme.entity_id 
_pdbx_nonpoly_scheme.mon_id 
_pdbx_nonpoly_scheme.ndb_seq_num 
_pdbx_nonpoly_scheme.pdb_seq_num 
_pdbx_nonpoly_scheme.auth_seq_num 
_pdbx_nonpoly_scheme.pdb_mon_id 
_pdbx_nonpoly_scheme.auth_mon_id 
_pdbx_nonpoly_scheme.pdb_strand_id 
_pdbx_nonpoly_scheme.pdb_ins_code 
B 2 8BR 1  201 201 8BR 8BR A . 
C 3 HOH 1  211 211 HOH HOH A . 
C 3 HOH 2  212 212 HOH HOH A . 
C 3 HOH 3  213 213 HOH HOH A . 
C 3 HOH 4  214 214 HOH HOH A . 
C 3 HOH 5  215 215 HOH HOH A . 
C 3 HOH 6  216 216 HOH HOH A . 
C 3 HOH 7  217 217 HOH HOH A . 
C 3 HOH 8  218 218 HOH HOH A . 
C 3 HOH 9  219 219 HOH HOH A . 
C 3 HOH 10 220 220 HOH HOH A . 
C 3 HOH 11 221 221 HOH HOH A . 
C 3 HOH 12 222 222 HOH HOH A . 
C 3 HOH 13 223 223 HOH HOH A . 
C 3 HOH 14 224 224 HOH HOH A . 
C 3 HOH 15 225 225 HOH HOH A . 
C 3 HOH 16 226 226 HOH HOH A . 
C 3 HOH 17 227 227 HOH HOH A . 
C 3 HOH 18 228 228 HOH HOH A . 
C 3 HOH 19 229 229 HOH HOH A . 
C 3 HOH 20 230 230 HOH HOH A . 
C 3 HOH 21 231 231 HOH HOH A . 
C 3 HOH 22 232 232 HOH HOH A . 
C 3 HOH 23 233 233 HOH HOH A . 
C 3 HOH 24 234 234 HOH HOH A . 
C 3 HOH 25 235 235 HOH HOH A . 
C 3 HOH 26 236 236 HOH HOH A . 
C 3 HOH 27 237 237 HOH HOH A . 
C 3 HOH 28 238 238 HOH HOH A . 
C 3 HOH 29 239 239 HOH HOH A . 
C 3 HOH 30 240 240 HOH HOH A . 
C 3 HOH 31 241 241 HOH HOH A . 
C 3 HOH 32 242 242 HOH HOH A . 
C 3 HOH 33 243 243 HOH HOH A . 
C 3 HOH 34 244 244 HOH HOH A . 
C 3 HOH 35 245 245 HOH HOH A . 
C 3 HOH 36 246 246 HOH HOH A . 
C 3 HOH 37 247 247 HOH HOH A . 
C 3 HOH 38 248 248 HOH HOH A . 
C 3 HOH 39 249 249 HOH HOH A . 
C 3 HOH 40 250 250 HOH HOH A . 
C 3 HOH 41 251 251 HOH HOH A . 
C 3 HOH 42 252 252 HOH HOH A . 
C 3 HOH 43 253 253 HOH HOH A . 
C 3 HOH 44 254 254 HOH HOH A . 
C 3 HOH 45 255 255 HOH HOH A . 
C 3 HOH 46 256 256 HOH HOH A . 
C 3 HOH 47 257 257 HOH HOH A . 
C 3 HOH 48 258 258 HOH HOH A . 
C 3 HOH 49 259 259 HOH HOH A . 
C 3 HOH 50 260 260 HOH HOH A . 
C 3 HOH 51 261 261 HOH HOH A . 
# 
loop_
_pdbx_unobs_or_zero_occ_atoms.id 
_pdbx_unobs_or_zero_occ_atoms.PDB_model_num 
_pdbx_unobs_or_zero_occ_atoms.polymer_flag 
_pdbx_unobs_or_zero_occ_atoms.occupancy_flag 
_pdbx_unobs_or_zero_occ_atoms.auth_asym_id 
_pdbx_unobs_or_zero_occ_atoms.auth_comp_id 
_pdbx_unobs_or_zero_occ_atoms.auth_seq_id 
_pdbx_unobs_or_zero_occ_atoms.PDB_ins_code 
_pdbx_unobs_or_zero_occ_atoms.auth_atom_id 
_pdbx_unobs_or_zero_occ_atoms.label_alt_id 
_pdbx_unobs_or_zero_occ_atoms.label_asym_id 
_pdbx_unobs_or_zero_occ_atoms.label_comp_id 
_pdbx_unobs_or_zero_occ_atoms.label_seq_id 
_pdbx_unobs_or_zero_occ_atoms.label_atom_id 
1 1 Y 1 A ARG 12 ? CG  ? A ARG 1 CG  
2 1 Y 1 A ARG 12 ? CD  ? A ARG 1 CD  
3 1 Y 1 A ARG 12 ? NE  ? A ARG 1 NE  
4 1 Y 1 A ARG 12 ? CZ  ? A ARG 1 CZ  
5 1 Y 1 A ARG 12 ? NH1 ? A ARG 1 NH1 
6 1 Y 1 A ARG 12 ? NH2 ? A ARG 1 NH2 
# 
loop_
_software.name 
_software.classification 
_software.version 
_software.citation_id 
_software.pdbx_ordinal 
X-PLOR 'model building' . ? 1 
X-PLOR refinement       . ? 2 
R-AXIS 'data reduction' . ? 3 
R-AXIS 'data scaling'   . ? 4 
X-PLOR phasing          . ? 5 
# 
_cell.entry_id           5RHN 
_cell.length_a           40.320 
_cell.length_b           40.320 
_cell.length_c           143.080 
_cell.angle_alpha        90.00 
_cell.angle_beta         90.00 
_cell.angle_gamma        90.00 
_cell.Z_PDB              8 
_cell.pdbx_unique_axis   ? 
# 
_symmetry.entry_id                         5RHN 
_symmetry.space_group_name_H-M             'P 43 21 2' 
_symmetry.pdbx_full_space_group_name_H-M   ? 
_symmetry.cell_setting                     ? 
_symmetry.Int_Tables_number                96 
# 
_exptl.entry_id          5RHN 
_exptl.method            'X-RAY DIFFRACTION' 
_exptl.crystals_number   1 
# 
_exptl_crystal.id                    1 
_exptl_crystal.density_meas          ? 
_exptl_crystal.density_Matthews      2.08 
_exptl_crystal.density_percent_sol   41. 
_exptl_crystal.description           
'5RHN (TETRAGONAL HINT-8-BR-AMP, ISOMORPHOUS WITH HINT WITHOUT NUCLEOTIDE) WAS DETERMINED BY REFINEMENT OF HINT WITHOUT NUCLEOTIDE.' 
# 
_exptl_crystal_grow.crystal_id      1 
_exptl_crystal_grow.method          ? 
_exptl_crystal_grow.temp            ? 
_exptl_crystal_grow.temp_details    ? 
_exptl_crystal_grow.pH              6.5 
_exptl_crystal_grow.pdbx_pH_range   ? 
_exptl_crystal_grow.pdbx_details    '30% POLYETHYLENE GLYCOL 8000, 0.1 M SODIUM ACETATE, 0.1 M SODIUM CACODYLATE, PH 6.5' 
# 
_diffrn.id                     1 
_diffrn.ambient_temp           293 
_diffrn.ambient_temp_details   ? 
_diffrn.crystal_id             1 
# 
_diffrn_detector.diffrn_id              1 
_diffrn_detector.detector               'IMAGE PLATE' 
_diffrn_detector.type                   'RIGAKU RAXIS II' 
_diffrn_detector.pdbx_collection_date   1996-07 
_diffrn_detector.details                COLLIMATOR 
# 
_diffrn_radiation.diffrn_id                        1 
_diffrn_radiation.wavelength_id                    1 
_diffrn_radiation.pdbx_monochromatic_or_laue_m_l   M 
_diffrn_radiation.monochromator                    'NI FILTER' 
_diffrn_radiation.pdbx_diffrn_protocol             ? 
_diffrn_radiation.pdbx_scattering_type             x-ray 
# 
_diffrn_radiation_wavelength.id           1 
_diffrn_radiation_wavelength.wavelength   1.5418 
_diffrn_radiation_wavelength.wt           1.0 
# 
_diffrn_source.diffrn_id                   1 
_diffrn_source.source                      'ROTATING ANODE' 
_diffrn_source.type                        'RIGAKU RUH2R' 
_diffrn_source.pdbx_synchrotron_site       ? 
_diffrn_source.pdbx_synchrotron_beamline   ? 
_diffrn_source.pdbx_wavelength             1.5418 
_diffrn_source.pdbx_wavelength_list        ? 
# 
_reflns.entry_id                     5RHN 
_reflns.observed_criterion_sigma_I   0. 
_reflns.observed_criterion_sigma_F   ? 
_reflns.d_resolution_low             35.13 
_reflns.d_resolution_high            2.31 
_reflns.number_obs                   5578 
_reflns.number_all                   ? 
_reflns.percent_possible_obs         98. 
_reflns.pdbx_Rmerge_I_obs            0.0840000 
_reflns.pdbx_Rsym_value              0.0500000 
_reflns.pdbx_netI_over_sigmaI        12. 
_reflns.B_iso_Wilson_estimate        ? 
_reflns.pdbx_redundancy              8.2 
_reflns.pdbx_ordinal                 1 
_reflns.pdbx_diffrn_id               1 
# 
_reflns_shell.d_res_high             2.31 
_reflns_shell.d_res_low              2.50 
_reflns_shell.percent_possible_all   97.3 
_reflns_shell.Rmerge_I_obs           ? 
_reflns_shell.pdbx_Rsym_value        ? 
_reflns_shell.meanI_over_sigI_obs    ? 
_reflns_shell.pdbx_redundancy        ? 
_reflns_shell.pdbx_ordinal           1 
_reflns_shell.pdbx_diffrn_id         1 
# 
_refine.entry_id                                 5RHN 
_refine.ls_number_reflns_obs                     5478 
_refine.ls_number_reflns_all                     ? 
_refine.pdbx_ls_sigma_I                          ? 
_refine.pdbx_ls_sigma_F                          0. 
_refine.pdbx_data_cutoff_high_absF               ? 
_refine.pdbx_data_cutoff_low_absF                ? 
_refine.pdbx_data_cutoff_high_rms_absF           ? 
_refine.ls_d_res_low                             10.00 
_refine.ls_d_res_high                            2.31 
_refine.ls_percent_reflns_obs                    98. 
_refine.ls_R_factor_obs                          0.1620000 
_refine.ls_R_factor_all                          ? 
_refine.ls_R_factor_R_work                       0.1620000 
_refine.ls_R_factor_R_free                       0.2640000 
_refine.ls_R_factor_R_free_error                 0.012 
_refine.ls_R_factor_R_free_error_details         ? 
_refine.ls_percent_reflns_R_free                 8. 
_refine.ls_number_reflns_R_free                  471 
_refine.ls_number_parameters                     ? 
_refine.ls_number_restraints                     ? 
_refine.occupancy_min                            ? 
_refine.occupancy_max                            ? 
_refine.B_iso_mean                               ? 
_refine.aniso_B[1][1]                            ? 
_refine.aniso_B[2][2]                            ? 
_refine.aniso_B[3][3]                            ? 
_refine.aniso_B[1][2]                            ? 
_refine.aniso_B[1][3]                            ? 
_refine.aniso_B[2][3]                            ? 
_refine.solvent_model_details                    ? 
_refine.solvent_model_param_ksol                 ? 
_refine.solvent_model_param_bsol                 ? 
_refine.pdbx_ls_cross_valid_method               ? 
_refine.details                                  ? 
_refine.pdbx_starting_model                      ? 
_refine.pdbx_method_to_determine_struct          ? 
_refine.pdbx_isotropic_thermal_model             ? 
_refine.pdbx_stereochemistry_target_values       ? 
_refine.pdbx_stereochem_target_val_spec_case     ? 
_refine.pdbx_R_Free_selection_details            RANDOM 
_refine.pdbx_overall_ESU_R                       ? 
_refine.pdbx_overall_ESU_R_Free                  ? 
_refine.overall_SU_ML                            ? 
_refine.overall_SU_B                             ? 
_refine.pdbx_refine_id                           'X-RAY DIFFRACTION' 
_refine.pdbx_diffrn_id                           1 
_refine.pdbx_TLS_residual_ADP_flag               ? 
_refine.correlation_coeff_Fo_to_Fc               ? 
_refine.correlation_coeff_Fo_to_Fc_free          ? 
_refine.pdbx_solvent_vdw_probe_radii             ? 
_refine.pdbx_solvent_ion_probe_radii             ? 
_refine.pdbx_solvent_shrinkage_radii             ? 
_refine.pdbx_overall_phase_error                 ? 
_refine.overall_SU_R_Cruickshank_DPI             ? 
_refine.pdbx_overall_SU_R_free_Cruickshank_DPI   ? 
_refine.pdbx_overall_SU_R_Blow_DPI               ? 
_refine.pdbx_overall_SU_R_free_Blow_DPI          ? 
# 
_refine_hist.pdbx_refine_id                   'X-RAY DIFFRACTION' 
_refine_hist.cycle_id                         LAST 
_refine_hist.pdbx_number_atoms_protein        878 
_refine_hist.pdbx_number_atoms_nucleic_acid   0 
_refine_hist.pdbx_number_atoms_ligand         24 
_refine_hist.number_atoms_solvent             51 
_refine_hist.number_atoms_total               953 
_refine_hist.d_res_high                       2.31 
_refine_hist.d_res_low                        10.00 
# 
loop_
_refine_ls_restr.type 
_refine_ls_restr.dev_ideal 
_refine_ls_restr.dev_ideal_target 
_refine_ls_restr.weight 
_refine_ls_restr.number 
_refine_ls_restr.pdbx_refine_id 
_refine_ls_restr.pdbx_restraint_function 
x_bond_d                0.011 ? ? ? 'X-RAY DIFFRACTION' ? 
x_bond_d_na             ?     ? ? ? 'X-RAY DIFFRACTION' ? 
x_bond_d_prot           ?     ? ? ? 'X-RAY DIFFRACTION' ? 
x_angle_d               ?     ? ? ? 'X-RAY DIFFRACTION' ? 
x_angle_d_na            ?     ? ? ? 'X-RAY DIFFRACTION' ? 
x_angle_d_prot          ?     ? ? ? 'X-RAY DIFFRACTION' ? 
x_angle_deg             1.71  ? ? ? 'X-RAY DIFFRACTION' ? 
x_angle_deg_na          ?     ? ? ? 'X-RAY DIFFRACTION' ? 
x_angle_deg_prot        ?     ? ? ? 'X-RAY DIFFRACTION' ? 
x_dihedral_angle_d      25.3  ? ? ? 'X-RAY DIFFRACTION' ? 
x_dihedral_angle_d_na   ?     ? ? ? 'X-RAY DIFFRACTION' ? 
x_dihedral_angle_d_prot ?     ? ? ? 'X-RAY DIFFRACTION' ? 
x_improper_angle_d      1.46  ? ? ? 'X-RAY DIFFRACTION' ? 
x_improper_angle_d_na   ?     ? ? ? 'X-RAY DIFFRACTION' ? 
x_improper_angle_d_prot ?     ? ? ? 'X-RAY DIFFRACTION' ? 
x_mcbond_it             ?     ? ? ? 'X-RAY DIFFRACTION' ? 
x_mcangle_it            ?     ? ? ? 'X-RAY DIFFRACTION' ? 
x_scbond_it             ?     ? ? ? 'X-RAY DIFFRACTION' ? 
x_scangle_it            ?     ? ? ? 'X-RAY DIFFRACTION' ? 
# 
_refine_ls_shell.pdbx_total_number_of_bins_used   8 
_refine_ls_shell.d_res_high                       2.31 
_refine_ls_shell.d_res_low                        2.41 
_refine_ls_shell.number_reflns_R_work             559 
_refine_ls_shell.R_factor_R_work                  0.1970000 
_refine_ls_shell.percent_reflns_obs               97. 
_refine_ls_shell.R_factor_R_free                  0.2830000 
_refine_ls_shell.R_factor_R_free_error            0.039 
_refine_ls_shell.percent_reflns_R_free            8.8 
_refine_ls_shell.number_reflns_R_free             54 
_refine_ls_shell.pdbx_refine_id                   'X-RAY DIFFRACTION' 
_refine_ls_shell.number_reflns_all                ? 
_refine_ls_shell.R_factor_all                     ? 
# 
loop_
_pdbx_xplor_file.serial_no 
_pdbx_xplor_file.param_file 
_pdbx_xplor_file.topol_file 
_pdbx_xplor_file.pdbx_refine_id 
1 PARHCSDX.PRO TOPHCSDX.PRO 'X-RAY DIFFRACTION' 
2 RIB.PAR      WATER.TOPH   'X-RAY DIFFRACTION' 
3 WATER.PARAM  RIB.TOP      'X-RAY DIFFRACTION' 
# 
_struct.entry_id                  5RHN 
_struct.title                     'HISTIDINE TRIAD NUCLEOTIDE-BINDING PROTEIN (HINT) FROM RABBIT COMPLEXED WITH 8-BR-AMP' 
_struct.pdbx_model_details        ? 
_struct.pdbx_CASP_flag            ? 
_struct.pdbx_model_type_details   ? 
# 
_struct_keywords.entry_id        5RHN 
_struct_keywords.pdbx_keywords   'NUCLEOTIDE-BINDING PROTEIN' 
_struct_keywords.text            'NUCLEOTIDE-BINDING PROTEIN' 
# 
loop_
_struct_asym.id 
_struct_asym.pdbx_blank_PDB_chainid_flag 
_struct_asym.pdbx_modified 
_struct_asym.entity_id 
_struct_asym.details 
A N N 1 ? 
B N N 2 ? 
C N N 3 ? 
# 
_struct_ref.id                         1 
_struct_ref.db_name                    UNP 
_struct_ref.db_code                    HINT1_RABIT 
_struct_ref.entity_id                  1 
_struct_ref.pdbx_db_accession          P80912 
_struct_ref.pdbx_align_begin           1 
_struct_ref.pdbx_seq_one_letter_code   
;ADEIAKAQVARPGGDTIFGKIIRKEIPAKIIFEDDQCLAFHDISPQAPTHFLVIPKKHISQISAAEDADESLLGHLMIVG
KKCAADLGLKKGYRMVVNEGSDGGQSVYHVHLHVLGGRQMNWPPG
;
_struct_ref.pdbx_db_isoform            ? 
# 
_struct_ref_seq.align_id                      1 
_struct_ref_seq.ref_id                        1 
_struct_ref_seq.pdbx_PDB_id_code              5RHN 
_struct_ref_seq.pdbx_strand_id                A 
_struct_ref_seq.seq_align_beg                 1 
_struct_ref_seq.pdbx_seq_align_beg_ins_code   ? 
_struct_ref_seq.seq_align_end                 115 
_struct_ref_seq.pdbx_seq_align_end_ins_code   ? 
_struct_ref_seq.pdbx_db_accession             P80912 
_struct_ref_seq.db_align_beg                  11 
_struct_ref_seq.pdbx_db_align_beg_ins_code    ? 
_struct_ref_seq.db_align_end                  125 
_struct_ref_seq.pdbx_db_align_end_ins_code    ? 
_struct_ref_seq.pdbx_auth_seq_align_beg       12 
_struct_ref_seq.pdbx_auth_seq_align_end       126 
# 
_pdbx_struct_assembly.id                   1 
_pdbx_struct_assembly.details              author_and_software_defined_assembly 
_pdbx_struct_assembly.method_details       PISA,PQS 
_pdbx_struct_assembly.oligomeric_details   dimeric 
_pdbx_struct_assembly.oligomeric_count     2 
# 
loop_
_pdbx_struct_assembly_prop.biol_id 
_pdbx_struct_assembly_prop.type 
_pdbx_struct_assembly_prop.value 
_pdbx_struct_assembly_prop.details 
1 'ABSA (A^2)' 5170 ? 
1 MORE         -32  ? 
1 'SSA (A^2)'  9280 ? 
# 
_pdbx_struct_assembly_gen.assembly_id       1 
_pdbx_struct_assembly_gen.oper_expression   1,2 
_pdbx_struct_assembly_gen.asym_id_list      A,B,C 
# 
loop_
_pdbx_struct_oper_list.id 
_pdbx_struct_oper_list.type 
_pdbx_struct_oper_list.name 
_pdbx_struct_oper_list.symmetry_operation 
_pdbx_struct_oper_list.matrix[1][1] 
_pdbx_struct_oper_list.matrix[1][2] 
_pdbx_struct_oper_list.matrix[1][3] 
_pdbx_struct_oper_list.vector[1] 
_pdbx_struct_oper_list.matrix[2][1] 
_pdbx_struct_oper_list.matrix[2][2] 
_pdbx_struct_oper_list.matrix[2][3] 
_pdbx_struct_oper_list.vector[2] 
_pdbx_struct_oper_list.matrix[3][1] 
_pdbx_struct_oper_list.matrix[3][2] 
_pdbx_struct_oper_list.matrix[3][3] 
_pdbx_struct_oper_list.vector[3] 
1 'identity operation'         1_555 x,y,z    1.0000000000  0.0000000000  0.0000000000  0.0000000000  0.0000000000  1.0000000000  0.0000000000 0.0000000000   0.0000000000  0.0000000000 1.0000000000 0.0000000000 
2 'crystal symmetry operation' 7_556 y,x,-z+1 -0.2536742806 -0.3429808199 -0.9044409967 -3.8996389869 -0.3429808199 -0.8423800229 0.4156441437 -18.0754319761 -0.9044409967 0.4156441437 0.0960543034 3.6366392264 
# 
_struct_biol.id   1 
# 
loop_
_struct_conf.conf_type_id 
_struct_conf.id 
_struct_conf.pdbx_PDB_helix_id 
_struct_conf.beg_label_comp_id 
_struct_conf.beg_label_asym_id 
_struct_conf.beg_label_seq_id 
_struct_conf.pdbx_beg_PDB_ins_code 
_struct_conf.end_label_comp_id 
_struct_conf.end_label_asym_id 
_struct_conf.end_label_seq_id 
_struct_conf.pdbx_end_PDB_ins_code 
_struct_conf.beg_auth_comp_id 
_struct_conf.beg_auth_asym_id 
_struct_conf.beg_auth_seq_id 
_struct_conf.end_auth_comp_id 
_struct_conf.end_auth_asym_id 
_struct_conf.end_auth_seq_id 
_struct_conf.pdbx_PDB_helix_class 
_struct_conf.details 
_struct_conf.pdbx_PDB_helix_length 
HELX_P HELX_P1 A1 THR A 6  ? LYS A 14 ? THR A 17 LYS A 25 1 ? 9  
HELX_P HELX_P2 A2 ASP A 57 ? GLY A 78 ? ASP A 68 GLY A 89 1 ? 22 
# 
_struct_conf_type.id          HELX_P 
_struct_conf_type.criteria    ? 
_struct_conf_type.reference   ? 
# 
_struct_mon_prot_cis.pdbx_id                1 
_struct_mon_prot_cis.label_comp_id          TRP 
_struct_mon_prot_cis.label_seq_id           112 
_struct_mon_prot_cis.label_asym_id          A 
_struct_mon_prot_cis.label_alt_id           . 
_struct_mon_prot_cis.pdbx_PDB_ins_code      ? 
_struct_mon_prot_cis.auth_comp_id           TRP 
_struct_mon_prot_cis.auth_seq_id            123 
_struct_mon_prot_cis.auth_asym_id           A 
_struct_mon_prot_cis.pdbx_label_comp_id_2   PRO 
_struct_mon_prot_cis.pdbx_label_seq_id_2    113 
_struct_mon_prot_cis.pdbx_label_asym_id_2   A 
_struct_mon_prot_cis.pdbx_PDB_ins_code_2    ? 
_struct_mon_prot_cis.pdbx_auth_comp_id_2    PRO 
_struct_mon_prot_cis.pdbx_auth_seq_id_2     124 
_struct_mon_prot_cis.pdbx_auth_asym_id_2    A 
_struct_mon_prot_cis.pdbx_PDB_model_num     1 
_struct_mon_prot_cis.pdbx_omega_angle       0.31 
# 
_struct_sheet.id               B 
_struct_sheet.type             ? 
_struct_sheet.number_strands   5 
_struct_sheet.details          ? 
# 
loop_
_struct_sheet_order.sheet_id 
_struct_sheet_order.range_id_1 
_struct_sheet_order.range_id_2 
_struct_sheet_order.offset 
_struct_sheet_order.sense 
B 1 2 ? anti-parallel 
B 2 3 ? anti-parallel 
B 3 4 ? anti-parallel 
B 4 5 ? anti-parallel 
# 
loop_
_struct_sheet_range.sheet_id 
_struct_sheet_range.id 
_struct_sheet_range.beg_label_comp_id 
_struct_sheet_range.beg_label_asym_id 
_struct_sheet_range.beg_label_seq_id 
_struct_sheet_range.pdbx_beg_PDB_ins_code 
_struct_sheet_range.end_label_comp_id 
_struct_sheet_range.end_label_asym_id 
_struct_sheet_range.end_label_seq_id 
_struct_sheet_range.pdbx_end_PDB_ins_code 
_struct_sheet_range.beg_auth_comp_id 
_struct_sheet_range.beg_auth_asym_id 
_struct_sheet_range.beg_auth_seq_id 
_struct_sheet_range.end_auth_comp_id 
_struct_sheet_range.end_auth_asym_id 
_struct_sheet_range.end_auth_seq_id 
B 1 TYR A 83  ? VAL A 86  ? TYR A 94  VAL A 97  
B 2 HIS A 101 ? GLY A 106 ? HIS A 112 GLY A 117 
B 3 THR A 39  ? PRO A 45  ? THR A 50  PRO A 56  
B 4 CYS A 27  ? HIS A 31  ? CYS A 38  HIS A 42  
B 5 ILE A 20  ? GLU A 23  ? ILE A 31  GLU A 34  
# 
loop_
_pdbx_struct_sheet_hbond.sheet_id 
_pdbx_struct_sheet_hbond.range_id_1 
_pdbx_struct_sheet_hbond.range_id_2 
_pdbx_struct_sheet_hbond.range_1_label_atom_id 
_pdbx_struct_sheet_hbond.range_1_label_comp_id 
_pdbx_struct_sheet_hbond.range_1_label_asym_id 
_pdbx_struct_sheet_hbond.range_1_label_seq_id 
_pdbx_struct_sheet_hbond.range_1_PDB_ins_code 
_pdbx_struct_sheet_hbond.range_1_auth_atom_id 
_pdbx_struct_sheet_hbond.range_1_auth_comp_id 
_pdbx_struct_sheet_hbond.range_1_auth_asym_id 
_pdbx_struct_sheet_hbond.range_1_auth_seq_id 
_pdbx_struct_sheet_hbond.range_2_label_atom_id 
_pdbx_struct_sheet_hbond.range_2_label_comp_id 
_pdbx_struct_sheet_hbond.range_2_label_asym_id 
_pdbx_struct_sheet_hbond.range_2_label_seq_id 
_pdbx_struct_sheet_hbond.range_2_PDB_ins_code 
_pdbx_struct_sheet_hbond.range_2_auth_atom_id 
_pdbx_struct_sheet_hbond.range_2_auth_comp_id 
_pdbx_struct_sheet_hbond.range_2_auth_asym_id 
_pdbx_struct_sheet_hbond.range_2_auth_seq_id 
B 1 2 O ARG A 84  ? O ARG A 95  N LEU A 105 ? N LEU A 116 
B 2 3 O LEU A 102 ? O LEU A 113 N VAL A 43  ? N VAL A 54  
B 3 4 O LEU A 42  ? O LEU A 53  N PHE A 30  ? N PHE A 41  
B 4 5 O ALA A 29  ? O ALA A 40  N PHE A 22  ? N PHE A 33  
# 
loop_
_struct_site.id 
_struct_site.pdbx_evidence_code 
_struct_site.pdbx_auth_asym_id 
_struct_site.pdbx_auth_comp_id 
_struct_site.pdbx_auth_seq_id 
_struct_site.pdbx_auth_ins_code 
_struct_site.pdbx_num_residues 
_struct_site.details 
HIT Unknown  ? ?   ?   ? 3  
'THE HISTIDINE TRIAD FORMS PART OF THE ALPHA PHOSPHATE-BINDING LOOP IN THE HIT PROTEIN SUPERFAMILY OF NUCLEOTIDE-BINDING PROTEINS.' 
AC1 Software A 8BR 201 ? 17 'BINDING SITE FOR RESIDUE 8BR A 201' 
# 
loop_
_struct_site_gen.id 
_struct_site_gen.site_id 
_struct_site_gen.pdbx_num_res 
_struct_site_gen.label_comp_id 
_struct_site_gen.label_asym_id 
_struct_site_gen.label_seq_id 
_struct_site_gen.pdbx_auth_ins_code 
_struct_site_gen.auth_comp_id 
_struct_site_gen.auth_asym_id 
_struct_site_gen.auth_seq_id 
_struct_site_gen.label_atom_id 
_struct_site_gen.label_alt_id 
_struct_site_gen.symmetry 
_struct_site_gen.details 
1  HIT 3  HIS A 99  ? HIS A 110 . ? 1_555 ? 
2  HIT 3  HIS A 101 ? HIS A 112 . ? 1_555 ? 
3  HIT 3  HIS A 103 ? HIS A 114 . ? 1_555 ? 
4  AC1 17 PHE A 8   ? PHE A 19  . ? 1_555 ? 
5  AC1 17 LYS A 14  ? LYS A 25  . ? 5_545 ? 
6  AC1 17 GLU A 23  ? GLU A 34  . ? 5_545 ? 
7  AC1 17 PHE A 30  ? PHE A 41  . ? 1_555 ? 
8  AC1 17 HIS A 31  ? HIS A 42  . ? 1_555 ? 
9  AC1 17 ASP A 32  ? ASP A 43  . ? 1_555 ? 
10 AC1 17 ILE A 33  ? ILE A 44  . ? 1_555 ? 
11 AC1 17 SER A 34  ? SER A 45  . ? 1_555 ? 
12 AC1 17 ASN A 88  ? ASN A 99  . ? 1_555 ? 
13 AC1 17 GLY A 94  ? GLY A 105 . ? 1_555 ? 
14 AC1 17 GLN A 95  ? GLN A 106 . ? 1_555 ? 
15 AC1 17 SER A 96  ? SER A 107 . ? 1_555 ? 
16 AC1 17 VAL A 97  ? VAL A 108 . ? 1_555 ? 
17 AC1 17 HIS A 101 ? HIS A 112 . ? 1_555 ? 
18 AC1 17 HIS A 103 ? HIS A 114 . ? 1_555 ? 
19 AC1 17 HOH C .   ? HOH A 251 . ? 7_556 ? 
20 AC1 17 HOH C .   ? HOH A 261 . ? 1_555 ? 
# 
loop_
_pdbx_validate_torsion.id 
_pdbx_validate_torsion.PDB_model_num 
_pdbx_validate_torsion.auth_comp_id 
_pdbx_validate_torsion.auth_asym_id 
_pdbx_validate_torsion.auth_seq_id 
_pdbx_validate_torsion.PDB_ins_code 
_pdbx_validate_torsion.label_alt_id 
_pdbx_validate_torsion.phi 
_pdbx_validate_torsion.psi 
1 1 ASP A 16 ? ? -116.07 68.91   
2 1 TYR A 94 ? ? -171.77 -179.23 
# 
loop_
_chem_comp_atom.comp_id 
_chem_comp_atom.atom_id 
_chem_comp_atom.type_symbol 
_chem_comp_atom.pdbx_aromatic_flag 
_chem_comp_atom.pdbx_stereo_config 
_chem_comp_atom.pdbx_ordinal 
8BR P      P  N N 1   
8BR O1P    O  N N 2   
8BR O2P    O  N N 3   
8BR O3P    O  N N 4   
8BR "O5'"  O  N N 5   
8BR "C5'"  C  N N 6   
8BR "C4'"  C  N R 7   
8BR "O4'"  O  N N 8   
8BR "C3'"  C  N S 9   
8BR "O3'"  O  N N 10  
8BR "C2'"  C  N R 11  
8BR "O2'"  O  N N 12  
8BR "C1'"  C  N R 13  
8BR N9     N  Y N 14  
8BR C8     C  Y N 15  
8BR BR8    BR N N 16  
8BR N7     N  Y N 17  
8BR C5     C  Y N 18  
8BR C6     C  Y N 19  
8BR N6     N  N N 20  
8BR N1     N  Y N 21  
8BR C2     C  Y N 22  
8BR N3     N  Y N 23  
8BR C4     C  Y N 24  
8BR HOP2   H  N N 25  
8BR HOP3   H  N N 26  
8BR "H5'1" H  N N 27  
8BR "H5'2" H  N N 28  
8BR "H4'"  H  N N 29  
8BR "H3'"  H  N N 30  
8BR "HO3'" H  N N 31  
8BR "H2'"  H  N N 32  
8BR "HO2'" H  N N 33  
8BR "H1'"  H  N N 34  
8BR HN61   H  N N 35  
8BR HN62   H  N N 36  
8BR H2     H  N N 37  
ALA N      N  N N 38  
ALA CA     C  N S 39  
ALA C      C  N N 40  
ALA O      O  N N 41  
ALA CB     C  N N 42  
ALA OXT    O  N N 43  
ALA H      H  N N 44  
ALA H2     H  N N 45  
ALA HA     H  N N 46  
ALA HB1    H  N N 47  
ALA HB2    H  N N 48  
ALA HB3    H  N N 49  
ALA HXT    H  N N 50  
ARG N      N  N N 51  
ARG CA     C  N S 52  
ARG C      C  N N 53  
ARG O      O  N N 54  
ARG CB     C  N N 55  
ARG CG     C  N N 56  
ARG CD     C  N N 57  
ARG NE     N  N N 58  
ARG CZ     C  N N 59  
ARG NH1    N  N N 60  
ARG NH2    N  N N 61  
ARG OXT    O  N N 62  
ARG H      H  N N 63  
ARG H2     H  N N 64  
ARG HA     H  N N 65  
ARG HB2    H  N N 66  
ARG HB3    H  N N 67  
ARG HG2    H  N N 68  
ARG HG3    H  N N 69  
ARG HD2    H  N N 70  
ARG HD3    H  N N 71  
ARG HE     H  N N 72  
ARG HH11   H  N N 73  
ARG HH12   H  N N 74  
ARG HH21   H  N N 75  
ARG HH22   H  N N 76  
ARG HXT    H  N N 77  
ASN N      N  N N 78  
ASN CA     C  N S 79  
ASN C      C  N N 80  
ASN O      O  N N 81  
ASN CB     C  N N 82  
ASN CG     C  N N 83  
ASN OD1    O  N N 84  
ASN ND2    N  N N 85  
ASN OXT    O  N N 86  
ASN H      H  N N 87  
ASN H2     H  N N 88  
ASN HA     H  N N 89  
ASN HB2    H  N N 90  
ASN HB3    H  N N 91  
ASN HD21   H  N N 92  
ASN HD22   H  N N 93  
ASN HXT    H  N N 94  
ASP N      N  N N 95  
ASP CA     C  N S 96  
ASP C      C  N N 97  
ASP O      O  N N 98  
ASP CB     C  N N 99  
ASP CG     C  N N 100 
ASP OD1    O  N N 101 
ASP OD2    O  N N 102 
ASP OXT    O  N N 103 
ASP H      H  N N 104 
ASP H2     H  N N 105 
ASP HA     H  N N 106 
ASP HB2    H  N N 107 
ASP HB3    H  N N 108 
ASP HD2    H  N N 109 
ASP HXT    H  N N 110 
CYS N      N  N N 111 
CYS CA     C  N R 112 
CYS C      C  N N 113 
CYS O      O  N N 114 
CYS CB     C  N N 115 
CYS SG     S  N N 116 
CYS OXT    O  N N 117 
CYS H      H  N N 118 
CYS H2     H  N N 119 
CYS HA     H  N N 120 
CYS HB2    H  N N 121 
CYS HB3    H  N N 122 
CYS HG     H  N N 123 
CYS HXT    H  N N 124 
GLN N      N  N N 125 
GLN CA     C  N S 126 
GLN C      C  N N 127 
GLN O      O  N N 128 
GLN CB     C  N N 129 
GLN CG     C  N N 130 
GLN CD     C  N N 131 
GLN OE1    O  N N 132 
GLN NE2    N  N N 133 
GLN OXT    O  N N 134 
GLN H      H  N N 135 
GLN H2     H  N N 136 
GLN HA     H  N N 137 
GLN HB2    H  N N 138 
GLN HB3    H  N N 139 
GLN HG2    H  N N 140 
GLN HG3    H  N N 141 
GLN HE21   H  N N 142 
GLN HE22   H  N N 143 
GLN HXT    H  N N 144 
GLU N      N  N N 145 
GLU CA     C  N S 146 
GLU C      C  N N 147 
GLU O      O  N N 148 
GLU CB     C  N N 149 
GLU CG     C  N N 150 
GLU CD     C  N N 151 
GLU OE1    O  N N 152 
GLU OE2    O  N N 153 
GLU OXT    O  N N 154 
GLU H      H  N N 155 
GLU H2     H  N N 156 
GLU HA     H  N N 157 
GLU HB2    H  N N 158 
GLU HB3    H  N N 159 
GLU HG2    H  N N 160 
GLU HG3    H  N N 161 
GLU HE2    H  N N 162 
GLU HXT    H  N N 163 
GLY N      N  N N 164 
GLY CA     C  N N 165 
GLY C      C  N N 166 
GLY O      O  N N 167 
GLY OXT    O  N N 168 
GLY H      H  N N 169 
GLY H2     H  N N 170 
GLY HA2    H  N N 171 
GLY HA3    H  N N 172 
GLY HXT    H  N N 173 
HIS N      N  N N 174 
HIS CA     C  N S 175 
HIS C      C  N N 176 
HIS O      O  N N 177 
HIS CB     C  N N 178 
HIS CG     C  Y N 179 
HIS ND1    N  Y N 180 
HIS CD2    C  Y N 181 
HIS CE1    C  Y N 182 
HIS NE2    N  Y N 183 
HIS OXT    O  N N 184 
HIS H      H  N N 185 
HIS H2     H  N N 186 
HIS HA     H  N N 187 
HIS HB2    H  N N 188 
HIS HB3    H  N N 189 
HIS HD1    H  N N 190 
HIS HD2    H  N N 191 
HIS HE1    H  N N 192 
HIS HE2    H  N N 193 
HIS HXT    H  N N 194 
HOH O      O  N N 195 
HOH H1     H  N N 196 
HOH H2     H  N N 197 
ILE N      N  N N 198 
ILE CA     C  N S 199 
ILE C      C  N N 200 
ILE O      O  N N 201 
ILE CB     C  N S 202 
ILE CG1    C  N N 203 
ILE CG2    C  N N 204 
ILE CD1    C  N N 205 
ILE OXT    O  N N 206 
ILE H      H  N N 207 
ILE H2     H  N N 208 
ILE HA     H  N N 209 
ILE HB     H  N N 210 
ILE HG12   H  N N 211 
ILE HG13   H  N N 212 
ILE HG21   H  N N 213 
ILE HG22   H  N N 214 
ILE HG23   H  N N 215 
ILE HD11   H  N N 216 
ILE HD12   H  N N 217 
ILE HD13   H  N N 218 
ILE HXT    H  N N 219 
LEU N      N  N N 220 
LEU CA     C  N S 221 
LEU C      C  N N 222 
LEU O      O  N N 223 
LEU CB     C  N N 224 
LEU CG     C  N N 225 
LEU CD1    C  N N 226 
LEU CD2    C  N N 227 
LEU OXT    O  N N 228 
LEU H      H  N N 229 
LEU H2     H  N N 230 
LEU HA     H  N N 231 
LEU HB2    H  N N 232 
LEU HB3    H  N N 233 
LEU HG     H  N N 234 
LEU HD11   H  N N 235 
LEU HD12   H  N N 236 
LEU HD13   H  N N 237 
LEU HD21   H  N N 238 
LEU HD22   H  N N 239 
LEU HD23   H  N N 240 
LEU HXT    H  N N 241 
LYS N      N  N N 242 
LYS CA     C  N S 243 
LYS C      C  N N 244 
LYS O      O  N N 245 
LYS CB     C  N N 246 
LYS CG     C  N N 247 
LYS CD     C  N N 248 
LYS CE     C  N N 249 
LYS NZ     N  N N 250 
LYS OXT    O  N N 251 
LYS H      H  N N 252 
LYS H2     H  N N 253 
LYS HA     H  N N 254 
LYS HB2    H  N N 255 
LYS HB3    H  N N 256 
LYS HG2    H  N N 257 
LYS HG3    H  N N 258 
LYS HD2    H  N N 259 
LYS HD3    H  N N 260 
LYS HE2    H  N N 261 
LYS HE3    H  N N 262 
LYS HZ1    H  N N 263 
LYS HZ2    H  N N 264 
LYS HZ3    H  N N 265 
LYS HXT    H  N N 266 
MET N      N  N N 267 
MET CA     C  N S 268 
MET C      C  N N 269 
MET O      O  N N 270 
MET CB     C  N N 271 
MET CG     C  N N 272 
MET SD     S  N N 273 
MET CE     C  N N 274 
MET OXT    O  N N 275 
MET H      H  N N 276 
MET H2     H  N N 277 
MET HA     H  N N 278 
MET HB2    H  N N 279 
MET HB3    H  N N 280 
MET HG2    H  N N 281 
MET HG3    H  N N 282 
MET HE1    H  N N 283 
MET HE2    H  N N 284 
MET HE3    H  N N 285 
MET HXT    H  N N 286 
PHE N      N  N N 287 
PHE CA     C  N S 288 
PHE C      C  N N 289 
PHE O      O  N N 290 
PHE CB     C  N N 291 
PHE CG     C  Y N 292 
PHE CD1    C  Y N 293 
PHE CD2    C  Y N 294 
PHE CE1    C  Y N 295 
PHE CE2    C  Y N 296 
PHE CZ     C  Y N 297 
PHE OXT    O  N N 298 
PHE H      H  N N 299 
PHE H2     H  N N 300 
PHE HA     H  N N 301 
PHE HB2    H  N N 302 
PHE HB3    H  N N 303 
PHE HD1    H  N N 304 
PHE HD2    H  N N 305 
PHE HE1    H  N N 306 
PHE HE2    H  N N 307 
PHE HZ     H  N N 308 
PHE HXT    H  N N 309 
PRO N      N  N N 310 
PRO CA     C  N S 311 
PRO C      C  N N 312 
PRO O      O  N N 313 
PRO CB     C  N N 314 
PRO CG     C  N N 315 
PRO CD     C  N N 316 
PRO OXT    O  N N 317 
PRO H      H  N N 318 
PRO HA     H  N N 319 
PRO HB2    H  N N 320 
PRO HB3    H  N N 321 
PRO HG2    H  N N 322 
PRO HG3    H  N N 323 
PRO HD2    H  N N 324 
PRO HD3    H  N N 325 
PRO HXT    H  N N 326 
SER N      N  N N 327 
SER CA     C  N S 328 
SER C      C  N N 329 
SER O      O  N N 330 
SER CB     C  N N 331 
SER OG     O  N N 332 
SER OXT    O  N N 333 
SER H      H  N N 334 
SER H2     H  N N 335 
SER HA     H  N N 336 
SER HB2    H  N N 337 
SER HB3    H  N N 338 
SER HG     H  N N 339 
SER HXT    H  N N 340 
THR N      N  N N 341 
THR CA     C  N S 342 
THR C      C  N N 343 
THR O      O  N N 344 
THR CB     C  N R 345 
THR OG1    O  N N 346 
THR CG2    C  N N 347 
THR OXT    O  N N 348 
THR H      H  N N 349 
THR H2     H  N N 350 
THR HA     H  N N 351 
THR HB     H  N N 352 
THR HG1    H  N N 353 
THR HG21   H  N N 354 
THR HG22   H  N N 355 
THR HG23   H  N N 356 
THR HXT    H  N N 357 
TRP N      N  N N 358 
TRP CA     C  N S 359 
TRP C      C  N N 360 
TRP O      O  N N 361 
TRP CB     C  N N 362 
TRP CG     C  Y N 363 
TRP CD1    C  Y N 364 
TRP CD2    C  Y N 365 
TRP NE1    N  Y N 366 
TRP CE2    C  Y N 367 
TRP CE3    C  Y N 368 
TRP CZ2    C  Y N 369 
TRP CZ3    C  Y N 370 
TRP CH2    C  Y N 371 
TRP OXT    O  N N 372 
TRP H      H  N N 373 
TRP H2     H  N N 374 
TRP HA     H  N N 375 
TRP HB2    H  N N 376 
TRP HB3    H  N N 377 
TRP HD1    H  N N 378 
TRP HE1    H  N N 379 
TRP HE3    H  N N 380 
TRP HZ2    H  N N 381 
TRP HZ3    H  N N 382 
TRP HH2    H  N N 383 
TRP HXT    H  N N 384 
TYR N      N  N N 385 
TYR CA     C  N S 386 
TYR C      C  N N 387 
TYR O      O  N N 388 
TYR CB     C  N N 389 
TYR CG     C  Y N 390 
TYR CD1    C  Y N 391 
TYR CD2    C  Y N 392 
TYR CE1    C  Y N 393 
TYR CE2    C  Y N 394 
TYR CZ     C  Y N 395 
TYR OH     O  N N 396 
TYR OXT    O  N N 397 
TYR H      H  N N 398 
TYR H2     H  N N 399 
TYR HA     H  N N 400 
TYR HB2    H  N N 401 
TYR HB3    H  N N 402 
TYR HD1    H  N N 403 
TYR HD2    H  N N 404 
TYR HE1    H  N N 405 
TYR HE2    H  N N 406 
TYR HH     H  N N 407 
TYR HXT    H  N N 408 
VAL N      N  N N 409 
VAL CA     C  N S 410 
VAL C      C  N N 411 
VAL O      O  N N 412 
VAL CB     C  N N 413 
VAL CG1    C  N N 414 
VAL CG2    C  N N 415 
VAL OXT    O  N N 416 
VAL H      H  N N 417 
VAL H2     H  N N 418 
VAL HA     H  N N 419 
VAL HB     H  N N 420 
VAL HG11   H  N N 421 
VAL HG12   H  N N 422 
VAL HG13   H  N N 423 
VAL HG21   H  N N 424 
VAL HG22   H  N N 425 
VAL HG23   H  N N 426 
VAL HXT    H  N N 427 
# 
loop_
_chem_comp_bond.comp_id 
_chem_comp_bond.atom_id_1 
_chem_comp_bond.atom_id_2 
_chem_comp_bond.value_order 
_chem_comp_bond.pdbx_aromatic_flag 
_chem_comp_bond.pdbx_stereo_config 
_chem_comp_bond.pdbx_ordinal 
8BR P     O1P    doub N N 1   
8BR P     O2P    sing N N 2   
8BR P     O3P    sing N N 3   
8BR P     "O5'"  sing N N 4   
8BR O2P   HOP2   sing N N 5   
8BR O3P   HOP3   sing N N 6   
8BR "O5'" "C5'"  sing N N 7   
8BR "C5'" "C4'"  sing N N 8   
8BR "C5'" "H5'1" sing N N 9   
8BR "C5'" "H5'2" sing N N 10  
8BR "C4'" "O4'"  sing N N 11  
8BR "C4'" "C3'"  sing N N 12  
8BR "C4'" "H4'"  sing N N 13  
8BR "O4'" "C1'"  sing N N 14  
8BR "C3'" "O3'"  sing N N 15  
8BR "C3'" "C2'"  sing N N 16  
8BR "C3'" "H3'"  sing N N 17  
8BR "O3'" "HO3'" sing N N 18  
8BR "C2'" "O2'"  sing N N 19  
8BR "C2'" "C1'"  sing N N 20  
8BR "C2'" "H2'"  sing N N 21  
8BR "O2'" "HO2'" sing N N 22  
8BR "C1'" N9     sing N N 23  
8BR "C1'" "H1'"  sing N N 24  
8BR N9    C8     sing Y N 25  
8BR N9    C4     sing Y N 26  
8BR C8    BR8    sing N N 27  
8BR C8    N7     doub Y N 28  
8BR N7    C5     sing Y N 29  
8BR C5    C6     sing Y N 30  
8BR C5    C4     doub Y N 31  
8BR C6    N6     sing N N 32  
8BR C6    N1     doub Y N 33  
8BR N6    HN61   sing N N 34  
8BR N6    HN62   sing N N 35  
8BR N1    C2     sing Y N 36  
8BR C2    N3     doub Y N 37  
8BR C2    H2     sing N N 38  
8BR N3    C4     sing Y N 39  
ALA N     CA     sing N N 40  
ALA N     H      sing N N 41  
ALA N     H2     sing N N 42  
ALA CA    C      sing N N 43  
ALA CA    CB     sing N N 44  
ALA CA    HA     sing N N 45  
ALA C     O      doub N N 46  
ALA C     OXT    sing N N 47  
ALA CB    HB1    sing N N 48  
ALA CB    HB2    sing N N 49  
ALA CB    HB3    sing N N 50  
ALA OXT   HXT    sing N N 51  
ARG N     CA     sing N N 52  
ARG N     H      sing N N 53  
ARG N     H2     sing N N 54  
ARG CA    C      sing N N 55  
ARG CA    CB     sing N N 56  
ARG CA    HA     sing N N 57  
ARG C     O      doub N N 58  
ARG C     OXT    sing N N 59  
ARG CB    CG     sing N N 60  
ARG CB    HB2    sing N N 61  
ARG CB    HB3    sing N N 62  
ARG CG    CD     sing N N 63  
ARG CG    HG2    sing N N 64  
ARG CG    HG3    sing N N 65  
ARG CD    NE     sing N N 66  
ARG CD    HD2    sing N N 67  
ARG CD    HD3    sing N N 68  
ARG NE    CZ     sing N N 69  
ARG NE    HE     sing N N 70  
ARG CZ    NH1    sing N N 71  
ARG CZ    NH2    doub N N 72  
ARG NH1   HH11   sing N N 73  
ARG NH1   HH12   sing N N 74  
ARG NH2   HH21   sing N N 75  
ARG NH2   HH22   sing N N 76  
ARG OXT   HXT    sing N N 77  
ASN N     CA     sing N N 78  
ASN N     H      sing N N 79  
ASN N     H2     sing N N 80  
ASN CA    C      sing N N 81  
ASN CA    CB     sing N N 82  
ASN CA    HA     sing N N 83  
ASN C     O      doub N N 84  
ASN C     OXT    sing N N 85  
ASN CB    CG     sing N N 86  
ASN CB    HB2    sing N N 87  
ASN CB    HB3    sing N N 88  
ASN CG    OD1    doub N N 89  
ASN CG    ND2    sing N N 90  
ASN ND2   HD21   sing N N 91  
ASN ND2   HD22   sing N N 92  
ASN OXT   HXT    sing N N 93  
ASP N     CA     sing N N 94  
ASP N     H      sing N N 95  
ASP N     H2     sing N N 96  
ASP CA    C      sing N N 97  
ASP CA    CB     sing N N 98  
ASP CA    HA     sing N N 99  
ASP C     O      doub N N 100 
ASP C     OXT    sing N N 101 
ASP CB    CG     sing N N 102 
ASP CB    HB2    sing N N 103 
ASP CB    HB3    sing N N 104 
ASP CG    OD1    doub N N 105 
ASP CG    OD2    sing N N 106 
ASP OD2   HD2    sing N N 107 
ASP OXT   HXT    sing N N 108 
CYS N     CA     sing N N 109 
CYS N     H      sing N N 110 
CYS N     H2     sing N N 111 
CYS CA    C      sing N N 112 
CYS CA    CB     sing N N 113 
CYS CA    HA     sing N N 114 
CYS C     O      doub N N 115 
CYS C     OXT    sing N N 116 
CYS CB    SG     sing N N 117 
CYS CB    HB2    sing N N 118 
CYS CB    HB3    sing N N 119 
CYS SG    HG     sing N N 120 
CYS OXT   HXT    sing N N 121 
GLN N     CA     sing N N 122 
GLN N     H      sing N N 123 
GLN N     H2     sing N N 124 
GLN CA    C      sing N N 125 
GLN CA    CB     sing N N 126 
GLN CA    HA     sing N N 127 
GLN C     O      doub N N 128 
GLN C     OXT    sing N N 129 
GLN CB    CG     sing N N 130 
GLN CB    HB2    sing N N 131 
GLN CB    HB3    sing N N 132 
GLN CG    CD     sing N N 133 
GLN CG    HG2    sing N N 134 
GLN CG    HG3    sing N N 135 
GLN CD    OE1    doub N N 136 
GLN CD    NE2    sing N N 137 
GLN NE2   HE21   sing N N 138 
GLN NE2   HE22   sing N N 139 
GLN OXT   HXT    sing N N 140 
GLU N     CA     sing N N 141 
GLU N     H      sing N N 142 
GLU N     H2     sing N N 143 
GLU CA    C      sing N N 144 
GLU CA    CB     sing N N 145 
GLU CA    HA     sing N N 146 
GLU C     O      doub N N 147 
GLU C     OXT    sing N N 148 
GLU CB    CG     sing N N 149 
GLU CB    HB2    sing N N 150 
GLU CB    HB3    sing N N 151 
GLU CG    CD     sing N N 152 
GLU CG    HG2    sing N N 153 
GLU CG    HG3    sing N N 154 
GLU CD    OE1    doub N N 155 
GLU CD    OE2    sing N N 156 
GLU OE2   HE2    sing N N 157 
GLU OXT   HXT    sing N N 158 
GLY N     CA     sing N N 159 
GLY N     H      sing N N 160 
GLY N     H2     sing N N 161 
GLY CA    C      sing N N 162 
GLY CA    HA2    sing N N 163 
GLY CA    HA3    sing N N 164 
GLY C     O      doub N N 165 
GLY C     OXT    sing N N 166 
GLY OXT   HXT    sing N N 167 
HIS N     CA     sing N N 168 
HIS N     H      sing N N 169 
HIS N     H2     sing N N 170 
HIS CA    C      sing N N 171 
HIS CA    CB     sing N N 172 
HIS CA    HA     sing N N 173 
HIS C     O      doub N N 174 
HIS C     OXT    sing N N 175 
HIS CB    CG     sing N N 176 
HIS CB    HB2    sing N N 177 
HIS CB    HB3    sing N N 178 
HIS CG    ND1    sing Y N 179 
HIS CG    CD2    doub Y N 180 
HIS ND1   CE1    doub Y N 181 
HIS ND1   HD1    sing N N 182 
HIS CD2   NE2    sing Y N 183 
HIS CD2   HD2    sing N N 184 
HIS CE1   NE2    sing Y N 185 
HIS CE1   HE1    sing N N 186 
HIS NE2   HE2    sing N N 187 
HIS OXT   HXT    sing N N 188 
HOH O     H1     sing N N 189 
HOH O     H2     sing N N 190 
ILE N     CA     sing N N 191 
ILE N     H      sing N N 192 
ILE N     H2     sing N N 193 
ILE CA    C      sing N N 194 
ILE CA    CB     sing N N 195 
ILE CA    HA     sing N N 196 
ILE C     O      doub N N 197 
ILE C     OXT    sing N N 198 
ILE CB    CG1    sing N N 199 
ILE CB    CG2    sing N N 200 
ILE CB    HB     sing N N 201 
ILE CG1   CD1    sing N N 202 
ILE CG1   HG12   sing N N 203 
ILE CG1   HG13   sing N N 204 
ILE CG2   HG21   sing N N 205 
ILE CG2   HG22   sing N N 206 
ILE CG2   HG23   sing N N 207 
ILE CD1   HD11   sing N N 208 
ILE CD1   HD12   sing N N 209 
ILE CD1   HD13   sing N N 210 
ILE OXT   HXT    sing N N 211 
LEU N     CA     sing N N 212 
LEU N     H      sing N N 213 
LEU N     H2     sing N N 214 
LEU CA    C      sing N N 215 
LEU CA    CB     sing N N 216 
LEU CA    HA     sing N N 217 
LEU C     O      doub N N 218 
LEU C     OXT    sing N N 219 
LEU CB    CG     sing N N 220 
LEU CB    HB2    sing N N 221 
LEU CB    HB3    sing N N 222 
LEU CG    CD1    sing N N 223 
LEU CG    CD2    sing N N 224 
LEU CG    HG     sing N N 225 
LEU CD1   HD11   sing N N 226 
LEU CD1   HD12   sing N N 227 
LEU CD1   HD13   sing N N 228 
LEU CD2   HD21   sing N N 229 
LEU CD2   HD22   sing N N 230 
LEU CD2   HD23   sing N N 231 
LEU OXT   HXT    sing N N 232 
LYS N     CA     sing N N 233 
LYS N     H      sing N N 234 
LYS N     H2     sing N N 235 
LYS CA    C      sing N N 236 
LYS CA    CB     sing N N 237 
LYS CA    HA     sing N N 238 
LYS C     O      doub N N 239 
LYS C     OXT    sing N N 240 
LYS CB    CG     sing N N 241 
LYS CB    HB2    sing N N 242 
LYS CB    HB3    sing N N 243 
LYS CG    CD     sing N N 244 
LYS CG    HG2    sing N N 245 
LYS CG    HG3    sing N N 246 
LYS CD    CE     sing N N 247 
LYS CD    HD2    sing N N 248 
LYS CD    HD3    sing N N 249 
LYS CE    NZ     sing N N 250 
LYS CE    HE2    sing N N 251 
LYS CE    HE3    sing N N 252 
LYS NZ    HZ1    sing N N 253 
LYS NZ    HZ2    sing N N 254 
LYS NZ    HZ3    sing N N 255 
LYS OXT   HXT    sing N N 256 
MET N     CA     sing N N 257 
MET N     H      sing N N 258 
MET N     H2     sing N N 259 
MET CA    C      sing N N 260 
MET CA    CB     sing N N 261 
MET CA    HA     sing N N 262 
MET C     O      doub N N 263 
MET C     OXT    sing N N 264 
MET CB    CG     sing N N 265 
MET CB    HB2    sing N N 266 
MET CB    HB3    sing N N 267 
MET CG    SD     sing N N 268 
MET CG    HG2    sing N N 269 
MET CG    HG3    sing N N 270 
MET SD    CE     sing N N 271 
MET CE    HE1    sing N N 272 
MET CE    HE2    sing N N 273 
MET CE    HE3    sing N N 274 
MET OXT   HXT    sing N N 275 
PHE N     CA     sing N N 276 
PHE N     H      sing N N 277 
PHE N     H2     sing N N 278 
PHE CA    C      sing N N 279 
PHE CA    CB     sing N N 280 
PHE CA    HA     sing N N 281 
PHE C     O      doub N N 282 
PHE C     OXT    sing N N 283 
PHE CB    CG     sing N N 284 
PHE CB    HB2    sing N N 285 
PHE CB    HB3    sing N N 286 
PHE CG    CD1    doub Y N 287 
PHE CG    CD2    sing Y N 288 
PHE CD1   CE1    sing Y N 289 
PHE CD1   HD1    sing N N 290 
PHE CD2   CE2    doub Y N 291 
PHE CD2   HD2    sing N N 292 
PHE CE1   CZ     doub Y N 293 
PHE CE1   HE1    sing N N 294 
PHE CE2   CZ     sing Y N 295 
PHE CE2   HE2    sing N N 296 
PHE CZ    HZ     sing N N 297 
PHE OXT   HXT    sing N N 298 
PRO N     CA     sing N N 299 
PRO N     CD     sing N N 300 
PRO N     H      sing N N 301 
PRO CA    C      sing N N 302 
PRO CA    CB     sing N N 303 
PRO CA    HA     sing N N 304 
PRO C     O      doub N N 305 
PRO C     OXT    sing N N 306 
PRO CB    CG     sing N N 307 
PRO CB    HB2    sing N N 308 
PRO CB    HB3    sing N N 309 
PRO CG    CD     sing N N 310 
PRO CG    HG2    sing N N 311 
PRO CG    HG3    sing N N 312 
PRO CD    HD2    sing N N 313 
PRO CD    HD3    sing N N 314 
PRO OXT   HXT    sing N N 315 
SER N     CA     sing N N 316 
SER N     H      sing N N 317 
SER N     H2     sing N N 318 
SER CA    C      sing N N 319 
SER CA    CB     sing N N 320 
SER CA    HA     sing N N 321 
SER C     O      doub N N 322 
SER C     OXT    sing N N 323 
SER CB    OG     sing N N 324 
SER CB    HB2    sing N N 325 
SER CB    HB3    sing N N 326 
SER OG    HG     sing N N 327 
SER OXT   HXT    sing N N 328 
THR N     CA     sing N N 329 
THR N     H      sing N N 330 
THR N     H2     sing N N 331 
THR CA    C      sing N N 332 
THR CA    CB     sing N N 333 
THR CA    HA     sing N N 334 
THR C     O      doub N N 335 
THR C     OXT    sing N N 336 
THR CB    OG1    sing N N 337 
THR CB    CG2    sing N N 338 
THR CB    HB     sing N N 339 
THR OG1   HG1    sing N N 340 
THR CG2   HG21   sing N N 341 
THR CG2   HG22   sing N N 342 
THR CG2   HG23   sing N N 343 
THR OXT   HXT    sing N N 344 
TRP N     CA     sing N N 345 
TRP N     H      sing N N 346 
TRP N     H2     sing N N 347 
TRP CA    C      sing N N 348 
TRP CA    CB     sing N N 349 
TRP CA    HA     sing N N 350 
TRP C     O      doub N N 351 
TRP C     OXT    sing N N 352 
TRP CB    CG     sing N N 353 
TRP CB    HB2    sing N N 354 
TRP CB    HB3    sing N N 355 
TRP CG    CD1    doub Y N 356 
TRP CG    CD2    sing Y N 357 
TRP CD1   NE1    sing Y N 358 
TRP CD1   HD1    sing N N 359 
TRP CD2   CE2    doub Y N 360 
TRP CD2   CE3    sing Y N 361 
TRP NE1   CE2    sing Y N 362 
TRP NE1   HE1    sing N N 363 
TRP CE2   CZ2    sing Y N 364 
TRP CE3   CZ3    doub Y N 365 
TRP CE3   HE3    sing N N 366 
TRP CZ2   CH2    doub Y N 367 
TRP CZ2   HZ2    sing N N 368 
TRP CZ3   CH2    sing Y N 369 
TRP CZ3   HZ3    sing N N 370 
TRP CH2   HH2    sing N N 371 
TRP OXT   HXT    sing N N 372 
TYR N     CA     sing N N 373 
TYR N     H      sing N N 374 
TYR N     H2     sing N N 375 
TYR CA    C      sing N N 376 
TYR CA    CB     sing N N 377 
TYR CA    HA     sing N N 378 
TYR C     O      doub N N 379 
TYR C     OXT    sing N N 380 
TYR CB    CG     sing N N 381 
TYR CB    HB2    sing N N 382 
TYR CB    HB3    sing N N 383 
TYR CG    CD1    doub Y N 384 
TYR CG    CD2    sing Y N 385 
TYR CD1   CE1    sing Y N 386 
TYR CD1   HD1    sing N N 387 
TYR CD2   CE2    doub Y N 388 
TYR CD2   HD2    sing N N 389 
TYR CE1   CZ     doub Y N 390 
TYR CE1   HE1    sing N N 391 
TYR CE2   CZ     sing Y N 392 
TYR CE2   HE2    sing N N 393 
TYR CZ    OH     sing N N 394 
TYR OH    HH     sing N N 395 
TYR OXT   HXT    sing N N 396 
VAL N     CA     sing N N 397 
VAL N     H      sing N N 398 
VAL N     H2     sing N N 399 
VAL CA    C      sing N N 400 
VAL CA    CB     sing N N 401 
VAL CA    HA     sing N N 402 
VAL C     O      doub N N 403 
VAL C     OXT    sing N N 404 
VAL CB    CG1    sing N N 405 
VAL CB    CG2    sing N N 406 
VAL CB    HB     sing N N 407 
VAL CG1   HG11   sing N N 408 
VAL CG1   HG12   sing N N 409 
VAL CG1   HG13   sing N N 410 
VAL CG2   HG21   sing N N 411 
VAL CG2   HG22   sing N N 412 
VAL CG2   HG23   sing N N 413 
VAL OXT   HXT    sing N N 414 
# 
_atom_sites.entry_id                    5RHN 
_atom_sites.fract_transf_matrix[1][1]   0.00108802 
_atom_sites.fract_transf_matrix[1][2]   -0.00048837 
_atom_sites.fract_transf_matrix[1][3]   0.02477331 
_atom_sites.fract_transf_matrix[2][1]   -0.02251450 
_atom_sites.fract_transf_matrix[2][2]   0.01033510 
_atom_sites.fract_transf_matrix[2][3]   0.00119255 
_atom_sites.fract_transf_matrix[3][1]   -0.00291560 
_atom_sites.fract_transf_matrix[3][2]   -0.00635180 
_atom_sites.fract_transf_matrix[3][3]   0.00000283 
_atom_sites.fract_transf_vector[1]      0.299720 
_atom_sites.fract_transf_vector[2]      0.394396 
_atom_sites.fract_transf_vector[3]      0.436897 
# 
loop_
_atom_type.symbol 
BR 
C  
N  
O  
P  
S  
# 
loop_
_atom_site.group_PDB 
_atom_site.id 
_atom_site.type_symbol 
_atom_site.label_atom_id 
_atom_site.label_alt_id 
_atom_site.label_comp_id 
_atom_site.label_asym_id 
_atom_site.label_entity_id 
_atom_site.label_seq_id 
_atom_site.pdbx_PDB_ins_code 
_atom_site.Cartn_x 
_atom_site.Cartn_y 
_atom_site.Cartn_z 
_atom_site.occupancy 
_atom_site.B_iso_or_equiv 
_atom_site.pdbx_formal_charge 
_atom_site.auth_seq_id 
_atom_site.auth_comp_id 
_atom_site.auth_asym_id 
_atom_site.auth_atom_id 
_atom_site.pdbx_PDB_model_num 
ATOM   1   N  N     . ARG A 1 1   ? 6.688   15.428  13.714  1.00 57.77 ? 12  ARG A N     1 
ATOM   2   C  CA    . ARG A 1 1   ? 6.324   14.934  12.349  1.00 58.50 ? 12  ARG A CA    1 
ATOM   3   C  C     . ARG A 1 1   ? 5.502   13.637  12.390  1.00 59.03 ? 12  ARG A C     1 
ATOM   4   O  O     . ARG A 1 1   ? 6.018   12.564  12.754  1.00 59.56 ? 12  ARG A O     1 
ATOM   5   C  CB    . ARG A 1 1   ? 7.588   14.734  11.494  1.00 56.40 ? 12  ARG A CB    1 
ATOM   6   N  N     . PRO A 1 2   ? 4.192   13.739  12.077  1.00 59.06 ? 13  PRO A N     1 
ATOM   7   C  CA    . PRO A 1 2   ? 3.243   12.612  12.051  1.00 57.72 ? 13  PRO A CA    1 
ATOM   8   C  C     . PRO A 1 2   ? 3.433   11.704  10.820  1.00 56.69 ? 13  PRO A C     1 
ATOM   9   O  O     . PRO A 1 2   ? 3.942   12.149  9.784   1.00 57.32 ? 13  PRO A O     1 
ATOM   10  C  CB    . PRO A 1 2   ? 1.884   13.317  12.000  1.00 57.40 ? 13  PRO A CB    1 
ATOM   11  C  CG    . PRO A 1 2   ? 2.159   14.678  12.608  1.00 58.22 ? 13  PRO A CG    1 
ATOM   12  C  CD    . PRO A 1 2   ? 3.476   15.024  11.980  1.00 58.80 ? 13  PRO A CD    1 
ATOM   13  N  N     . GLY A 1 3   ? 2.979   10.454  10.909  1.00 54.43 ? 14  GLY A N     1 
ATOM   14  C  CA    . GLY A 1 3   ? 3.141   9.550   9.780   1.00 51.65 ? 14  GLY A CA    1 
ATOM   15  C  C     . GLY A 1 3   ? 4.558   8.999   9.681   1.00 49.30 ? 14  GLY A C     1 
ATOM   16  O  O     . GLY A 1 3   ? 4.902   8.342   8.691   1.00 48.27 ? 14  GLY A O     1 
ATOM   17  N  N     . GLY A 1 4   ? 5.368   9.247   10.716  1.00 48.05 ? 15  GLY A N     1 
ATOM   18  C  CA    . GLY A 1 4   ? 6.738   8.746   10.752  1.00 47.42 ? 15  GLY A CA    1 
ATOM   19  C  C     . GLY A 1 4   ? 7.730   9.503   9.893   1.00 46.52 ? 15  GLY A C     1 
ATOM   20  O  O     . GLY A 1 4   ? 7.371   10.459  9.218   1.00 46.24 ? 15  GLY A O     1 
ATOM   21  N  N     . ASP A 1 5   ? 8.989   9.076   9.911   1.00 45.72 ? 16  ASP A N     1 
ATOM   22  C  CA    . ASP A 1 5   ? 10.015  9.751   9.121   1.00 43.81 ? 16  ASP A CA    1 
ATOM   23  C  C     . ASP A 1 5   ? 10.629  8.881   8.023   1.00 38.39 ? 16  ASP A C     1 
ATOM   24  O  O     . ASP A 1 5   ? 11.792  8.488   8.099   1.00 38.10 ? 16  ASP A O     1 
ATOM   25  C  CB    . ASP A 1 5   ? 11.116  10.333  10.022  1.00 52.00 ? 16  ASP A CB    1 
ATOM   26  C  CG    . ASP A 1 5   ? 10.722  11.689  10.660  1.00 59.73 ? 16  ASP A CG    1 
ATOM   27  O  OD1   . ASP A 1 5   ? 10.155  11.678  11.788  1.00 63.39 ? 16  ASP A OD1   1 
ATOM   28  O  OD2   . ASP A 1 5   ? 11.014  12.763  10.052  1.00 62.82 ? 16  ASP A OD2   1 
ATOM   29  N  N     . THR A 1 6   ? 9.820   8.580   7.014   1.00 32.05 ? 17  THR A N     1 
ATOM   30  C  CA    . THR A 1 6   ? 10.224  7.795   5.850   1.00 25.04 ? 17  THR A CA    1 
ATOM   31  C  C     . THR A 1 6   ? 9.731   8.547   4.593   1.00 21.79 ? 17  THR A C     1 
ATOM   32  O  O     . THR A 1 6   ? 9.165   9.633   4.704   1.00 20.46 ? 17  THR A O     1 
ATOM   33  C  CB    . THR A 1 6   ? 9.595   6.363   5.871   1.00 23.39 ? 17  THR A CB    1 
ATOM   34  O  OG1   . THR A 1 6   ? 8.160   6.445   5.834   1.00 19.74 ? 17  THR A OG1   1 
ATOM   35  C  CG2   . THR A 1 6   ? 10.024  5.622   7.116   1.00 18.50 ? 17  THR A CG2   1 
ATOM   36  N  N     . ILE A 1 7   ? 9.936   7.972   3.410   1.00 17.97 ? 18  ILE A N     1 
ATOM   37  C  CA    . ILE A 1 7   ? 9.463   8.600   2.184   1.00 16.44 ? 18  ILE A CA    1 
ATOM   38  C  C     . ILE A 1 7   ? 7.941   8.720   2.303   1.00 13.56 ? 18  ILE A C     1 
ATOM   39  O  O     . ILE A 1 7   ? 7.370   9.764   1.996   1.00 14.63 ? 18  ILE A O     1 
ATOM   40  C  CB    . ILE A 1 7   ? 9.760   7.745   0.925   1.00 17.16 ? 18  ILE A CB    1 
ATOM   41  C  CG1   . ILE A 1 7   ? 11.263  7.539   0.728   1.00 18.61 ? 18  ILE A CG1   1 
ATOM   42  C  CG2   . ILE A 1 7   ? 9.171   8.429   -0.296  1.00 20.03 ? 18  ILE A CG2   1 
ATOM   43  C  CD1   . ILE A 1 7   ? 11.586  6.423   -0.271  1.00 16.00 ? 18  ILE A CD1   1 
ATOM   44  N  N     . PHE A 1 8   ? 7.305   7.658   2.799   1.00 10.52 ? 19  PHE A N     1 
ATOM   45  C  CA    . PHE A 1 8   ? 5.858   7.618   2.966   1.00 10.61 ? 19  PHE A CA    1 
ATOM   46  C  C     . PHE A 1 8   ? 5.307   8.620   3.983   1.00 9.82  ? 19  PHE A C     1 
ATOM   47  O  O     . PHE A 1 8   ? 4.174   9.073   3.853   1.00 13.91 ? 19  PHE A O     1 
ATOM   48  C  CB    . PHE A 1 8   ? 5.404   6.187   3.264   1.00 7.81  ? 19  PHE A CB    1 
ATOM   49  C  CG    . PHE A 1 8   ? 5.649   5.228   2.128   1.00 12.29 ? 19  PHE A CG    1 
ATOM   50  C  CD1   . PHE A 1 8   ? 5.992   5.707   0.850   1.00 11.58 ? 19  PHE A CD1   1 
ATOM   51  C  CD2   . PHE A 1 8   ? 5.517   3.859   2.312   1.00 13.33 ? 19  PHE A CD2   1 
ATOM   52  C  CE1   . PHE A 1 8   ? 6.208   4.854   -0.219  1.00 12.02 ? 19  PHE A CE1   1 
ATOM   53  C  CE2   . PHE A 1 8   ? 5.730   2.982   1.251   1.00 11.91 ? 19  PHE A CE2   1 
ATOM   54  C  CZ    . PHE A 1 8   ? 6.075   3.479   -0.025  1.00 11.74 ? 19  PHE A CZ    1 
ATOM   55  N  N     . GLY A 1 9   ? 6.091   8.944   5.006   1.00 11.15 ? 20  GLY A N     1 
ATOM   56  C  CA    . GLY A 1 9   ? 5.664   9.919   5.994   1.00 11.74 ? 20  GLY A CA    1 
ATOM   57  C  C     . GLY A 1 9   ? 5.603   11.295  5.336   1.00 12.19 ? 20  GLY A C     1 
ATOM   58  O  O     . GLY A 1 9   ? 4.707   12.071  5.619   1.00 13.07 ? 20  GLY A O     1 
ATOM   59  N  N     . LYS A 1 10  ? 6.554   11.587  4.448   1.00 12.27 ? 21  LYS A N     1 
ATOM   60  C  CA    . LYS A 1 10  ? 6.572   12.857  3.725   1.00 13.51 ? 21  LYS A CA    1 
ATOM   61  C  C     . LYS A 1 10  ? 5.397   12.982  2.757   1.00 11.80 ? 21  LYS A C     1 
ATOM   62  O  O     . LYS A 1 10  ? 4.998   14.073  2.390   1.00 7.26  ? 21  LYS A O     1 
ATOM   63  C  CB    . LYS A 1 10  ? 7.860   12.999  2.923   1.00 15.39 ? 21  LYS A CB    1 
ATOM   64  C  CG    . LYS A 1 10  ? 9.115   13.113  3.769   1.00 20.55 ? 21  LYS A CG    1 
ATOM   65  C  CD    . LYS A 1 10  ? 10.211  13.857  2.994   1.00 25.79 ? 21  LYS A CD    1 
ATOM   66  C  CE    . LYS A 1 10  ? 11.367  14.248  3.908   1.00 33.74 ? 21  LYS A CE    1 
ATOM   67  N  NZ    . LYS A 1 10  ? 10.980  15.169  5.046   1.00 38.13 ? 21  LYS A NZ    1 
ATOM   68  N  N     . ILE A 1 11  ? 4.920   11.851  2.260   1.00 13.02 ? 22  ILE A N     1 
ATOM   69  C  CA    . ILE A 1 11  ? 3.791   11.852  1.347   1.00 13.85 ? 22  ILE A CA    1 
ATOM   70  C  C     . ILE A 1 11  ? 2.516   12.148  2.159   1.00 15.34 ? 22  ILE A C     1 
ATOM   71  O  O     . ILE A 1 11  ? 1.648   12.910  1.723   1.00 17.03 ? 22  ILE A O     1 
ATOM   72  C  CB    . ILE A 1 11  ? 3.656   10.482  0.622   1.00 14.29 ? 22  ILE A CB    1 
ATOM   73  C  CG1   . ILE A 1 11  ? 4.819   10.266  -0.336  1.00 9.70  ? 22  ILE A CG1   1 
ATOM   74  C  CG2   . ILE A 1 11  ? 2.341   10.410  -0.134  1.00 12.55 ? 22  ILE A CG2   1 
ATOM   75  C  CD1   . ILE A 1 11  ? 4.630   9.052   -1.208  1.00 10.81 ? 22  ILE A CD1   1 
ATOM   76  N  N     . ILE A 1 12  ? 2.415   11.535  3.340   1.00 13.75 ? 23  ILE A N     1 
ATOM   77  C  CA    . ILE A 1 12  ? 1.268   11.712  4.211   1.00 13.52 ? 23  ILE A CA    1 
ATOM   78  C  C     . ILE A 1 12  ? 1.088   13.192  4.562   1.00 15.38 ? 23  ILE A C     1 
ATOM   79  O  O     . ILE A 1 12  ? 0.007   13.740  4.391   1.00 20.91 ? 23  ILE A O     1 
ATOM   80  C  CB    . ILE A 1 12  ? 1.414   10.828  5.493   1.00 14.07 ? 23  ILE A CB    1 
ATOM   81  C  CG1   . ILE A 1 12  ? 1.106   9.355   5.162   1.00 14.86 ? 23  ILE A CG1   1 
ATOM   82  C  CG2   . ILE A 1 12  ? 0.495   11.321  6.597   1.00 16.83 ? 23  ILE A CG2   1 
ATOM   83  C  CD1   . ILE A 1 12  ? 1.636   8.351   6.164   1.00 11.90 ? 23  ILE A CD1   1 
ATOM   84  N  N     . ARG A 1 13  ? 2.168   13.842  4.986   1.00 18.16 ? 24  ARG A N     1 
ATOM   85  C  CA    . ARG A 1 13  ? 2.171   15.255  5.367   1.00 18.96 ? 24  ARG A CA    1 
ATOM   86  C  C     . ARG A 1 13  ? 2.135   16.207  4.175   1.00 21.58 ? 24  ARG A C     1 
ATOM   87  O  O     . ARG A 1 13  ? 2.233   17.423  4.340   1.00 22.16 ? 24  ARG A O     1 
ATOM   88  C  CB    . ARG A 1 13  ? 3.433   15.575  6.166   1.00 17.19 ? 24  ARG A CB    1 
ATOM   89  C  CG    . ARG A 1 13  ? 3.572   14.873  7.503   1.00 16.27 ? 24  ARG A CG    1 
ATOM   90  C  CD    . ARG A 1 13  ? 4.928   15.195  8.102   1.00 13.39 ? 24  ARG A CD    1 
ATOM   91  N  NE    . ARG A 1 13  ? 5.685   13.983  8.360   1.00 21.15 ? 24  ARG A NE    1 
ATOM   92  C  CZ    . ARG A 1 13  ? 6.932   13.774  7.962   1.00 21.50 ? 24  ARG A CZ    1 
ATOM   93  N  NH1   . ARG A 1 13  ? 7.588   14.707  7.277   1.00 22.94 ? 24  ARG A NH1   1 
ATOM   94  N  NH2   . ARG A 1 13  ? 7.489   12.603  8.182   1.00 26.57 ? 24  ARG A NH2   1 
ATOM   95  N  N     . LYS A 1 14  ? 2.080   15.650  2.973   1.00 23.49 ? 25  LYS A N     1 
ATOM   96  C  CA    . LYS A 1 14  ? 2.051   16.437  1.743   1.00 24.65 ? 25  LYS A CA    1 
ATOM   97  C  C     . LYS A 1 14  ? 3.309   17.242  1.459   1.00 25.02 ? 25  LYS A C     1 
ATOM   98  O  O     . LYS A 1 14  ? 3.275   18.221  0.710   1.00 29.08 ? 25  LYS A O     1 
ATOM   99  C  CB    . LYS A 1 14  ? 0.795   17.311  1.671   1.00 26.54 ? 25  LYS A CB    1 
ATOM   100 C  CG    . LYS A 1 14  ? -0.449  16.538  1.206   1.00 29.83 ? 25  LYS A CG    1 
ATOM   101 C  CD    . LYS A 1 14  ? -1.415  16.242  2.345   1.00 33.26 ? 25  LYS A CD    1 
ATOM   102 C  CE    . LYS A 1 14  ? -2.650  15.457  1.862   1.00 36.19 ? 25  LYS A CE    1 
ATOM   103 N  NZ    . LYS A 1 14  ? -3.672  15.321  2.947   1.00 36.85 ? 25  LYS A NZ    1 
ATOM   104 N  N     . GLU A 1 15  ? 4.428   16.794  2.022   1.00 23.27 ? 26  GLU A N     1 
ATOM   105 C  CA    . GLU A 1 15  ? 5.710   17.438  1.810   1.00 24.20 ? 26  GLU A CA    1 
ATOM   106 C  C     . GLU A 1 15  ? 6.202   17.143  0.401   1.00 25.41 ? 26  GLU A C     1 
ATOM   107 O  O     . GLU A 1 15  ? 6.768   18.011  -0.246  1.00 27.58 ? 26  GLU A O     1 
ATOM   108 C  CB    . GLU A 1 15  ? 6.728   16.992  2.870   1.00 24.60 ? 26  GLU A CB    1 
ATOM   109 C  CG    . GLU A 1 15  ? 6.352   17.497  4.272   1.00 27.64 ? 26  GLU A CG    1 
ATOM   110 C  CD    . GLU A 1 15  ? 7.320   17.094  5.394   1.00 29.18 ? 26  GLU A CD    1 
ATOM   111 O  OE1   . GLU A 1 15  ? 8.371   16.462  5.138   1.00 29.02 ? 26  GLU A OE1   1 
ATOM   112 O  OE2   . GLU A 1 15  ? 7.015   17.431  6.561   1.00 29.90 ? 26  GLU A OE2   1 
ATOM   113 N  N     . ILE A 1 16  ? 6.015   15.914  -0.069  1.00 26.40 ? 27  ILE A N     1 
ATOM   114 C  CA    . ILE A 1 16  ? 6.396   15.569  -1.434  1.00 25.39 ? 27  ILE A CA    1 
ATOM   115 C  C     . ILE A 1 16  ? 5.115   15.151  -2.156  1.00 28.37 ? 27  ILE A C     1 
ATOM   116 O  O     . ILE A 1 16  ? 4.222   14.549  -1.551  1.00 27.79 ? 27  ILE A O     1 
ATOM   117 C  CB    . ILE A 1 16  ? 7.473   14.471  -1.508  1.00 25.86 ? 27  ILE A CB    1 
ATOM   118 C  CG1   . ILE A 1 16  ? 6.985   13.164  -0.903  1.00 23.63 ? 27  ILE A CG1   1 
ATOM   119 C  CG2   . ILE A 1 16  ? 8.736   14.954  -0.820  1.00 27.08 ? 27  ILE A CG2   1 
ATOM   120 C  CD1   . ILE A 1 16  ? 7.840   11.981  -1.312  1.00 26.66 ? 27  ILE A CD1   1 
ATOM   121 N  N     . PRO A 1 17  ? 4.998   15.473  -3.459  1.00 30.09 ? 28  PRO A N     1 
ATOM   122 C  CA    . PRO A 1 17  ? 3.779   15.101  -4.185  1.00 27.80 ? 28  PRO A CA    1 
ATOM   123 C  C     . PRO A 1 17  ? 3.595   13.618  -4.518  1.00 23.09 ? 28  PRO A C     1 
ATOM   124 O  O     . PRO A 1 17  ? 4.547   12.835  -4.588  1.00 20.12 ? 28  PRO A O     1 
ATOM   125 C  CB    . PRO A 1 17  ? 3.875   15.958  -5.443  1.00 28.90 ? 28  PRO A CB    1 
ATOM   126 C  CG    . PRO A 1 17  ? 5.358   15.886  -5.744  1.00 31.06 ? 28  PRO A CG    1 
ATOM   127 C  CD    . PRO A 1 17  ? 5.979   16.101  -4.366  1.00 32.19 ? 28  PRO A CD    1 
ATOM   128 N  N     . ALA A 1 18  ? 2.338   13.257  -4.716  1.00 20.48 ? 29  ALA A N     1 
ATOM   129 C  CA    . ALA A 1 18  ? 1.955   11.902  -5.055  1.00 18.47 ? 29  ALA A CA    1 
ATOM   130 C  C     . ALA A 1 18  ? 0.602   11.953  -5.764  1.00 15.81 ? 29  ALA A C     1 
ATOM   131 O  O     . ALA A 1 18  ? -0.179  12.892  -5.592  1.00 16.11 ? 29  ALA A O     1 
ATOM   132 C  CB    . ALA A 1 18  ? 1.882   11.016  -3.789  1.00 14.65 ? 29  ALA A CB    1 
ATOM   133 N  N     . LYS A 1 19  ? 0.361   10.960  -6.603  1.00 17.82 ? 30  LYS A N     1 
ATOM   134 C  CA    . LYS A 1 19  ? -0.884  10.856  -7.353  1.00 18.47 ? 30  LYS A CA    1 
ATOM   135 C  C     . LYS A 1 19  ? -1.878  10.186  -6.392  1.00 15.80 ? 30  LYS A C     1 
ATOM   136 O  O     . LYS A 1 19  ? -1.972  8.961   -6.367  1.00 15.70 ? 30  LYS A O     1 
ATOM   137 C  CB    . LYS A 1 19  ? -0.675  9.946   -8.585  1.00 21.31 ? 30  LYS A CB    1 
ATOM   138 C  CG    . LYS A 1 19  ? 0.498   10.299  -9.560  1.00 26.53 ? 30  LYS A CG    1 
ATOM   139 C  CD    . LYS A 1 19  ? 1.892   10.056  -8.963  1.00 31.39 ? 30  LYS A CD    1 
ATOM   140 C  CE    . LYS A 1 19  ? 2.077   8.619   -8.446  1.00 32.11 ? 30  LYS A CE    1 
ATOM   141 N  NZ    . LYS A 1 19  ? 2.593   8.593   -7.034  1.00 24.13 ? 30  LYS A NZ    1 
ATOM   142 N  N     . ILE A 1 20  ? -2.570  10.970  -5.569  1.00 12.47 ? 31  ILE A N     1 
ATOM   143 C  CA    . ILE A 1 20  ? -3.523  10.399  -4.617  1.00 12.23 ? 31  ILE A CA    1 
ATOM   144 C  C     . ILE A 1 20  ? -4.803  9.923   -5.322  1.00 13.24 ? 31  ILE A C     1 
ATOM   145 O  O     . ILE A 1 20  ? -5.384  10.632  -6.143  1.00 15.29 ? 31  ILE A O     1 
ATOM   146 C  CB    . ILE A 1 20  ? -3.837  11.396  -3.460  1.00 11.28 ? 31  ILE A CB    1 
ATOM   147 C  CG1   . ILE A 1 20  ? -2.576  11.655  -2.639  1.00 10.82 ? 31  ILE A CG1   1 
ATOM   148 C  CG2   . ILE A 1 20  ? -4.895  10.854  -2.536  1.00 8.44  ? 31  ILE A CG2   1 
ATOM   149 C  CD1   . ILE A 1 20  ? -2.759  12.692  -1.545  1.00 16.56 ? 31  ILE A CD1   1 
ATOM   150 N  N     . ILE A 1 21  ? -5.182  8.687   -5.043  1.00 12.69 ? 32  ILE A N     1 
ATOM   151 C  CA    . ILE A 1 21  ? -6.357  8.052   -5.632  1.00 13.88 ? 32  ILE A CA    1 
ATOM   152 C  C     . ILE A 1 21  ? -7.514  8.051   -4.629  1.00 13.33 ? 32  ILE A C     1 
ATOM   153 O  O     . ILE A 1 21  ? -8.678  8.156   -5.001  1.00 16.14 ? 32  ILE A O     1 
ATOM   154 C  CB    . ILE A 1 21  ? -6.062  6.565   -5.951  1.00 13.75 ? 32  ILE A CB    1 
ATOM   155 C  CG1   . ILE A 1 21  ? -4.870  6.408   -6.871  1.00 17.36 ? 32  ILE A CG1   1 
ATOM   156 C  CG2   . ILE A 1 21  ? -7.264  5.899   -6.544  1.00 19.23 ? 32  ILE A CG2   1 
ATOM   157 C  CD1   . ILE A 1 21  ? -4.429  4.949   -6.926  1.00 21.30 ? 32  ILE A CD1   1 
ATOM   158 N  N     . PHE A 1 22  ? -7.166  7.883   -3.358  1.00 12.02 ? 33  PHE A N     1 
ATOM   159 C  CA    . PHE A 1 22  ? -8.132  7.817   -2.275  1.00 9.87  ? 33  PHE A CA    1 
ATOM   160 C  C     . PHE A 1 22  ? -7.459  8.196   -0.956  1.00 9.43  ? 33  PHE A C     1 
ATOM   161 O  O     . PHE A 1 22  ? -6.282  7.918   -0.752  1.00 7.50  ? 33  PHE A O     1 
ATOM   162 C  CB    . PHE A 1 22  ? -8.660  6.377   -2.161  1.00 12.55 ? 33  PHE A CB    1 
ATOM   163 C  CG    . PHE A 1 22  ? -9.641  6.165   -1.038  1.00 16.19 ? 33  PHE A CG    1 
ATOM   164 C  CD1   . PHE A 1 22  ? -9.200  5.798   0.238   1.00 14.76 ? 33  PHE A CD1   1 
ATOM   165 C  CD2   . PHE A 1 22  ? -11.011 6.310   -1.266  1.00 19.83 ? 33  PHE A CD2   1 
ATOM   166 C  CE1   . PHE A 1 22  ? -10.097 5.572   1.272   1.00 16.20 ? 33  PHE A CE1   1 
ATOM   167 C  CE2   . PHE A 1 22  ? -11.934 6.086   -0.238  1.00 22.17 ? 33  PHE A CE2   1 
ATOM   168 C  CZ    . PHE A 1 22  ? -11.472 5.714   1.042   1.00 19.74 ? 33  PHE A CZ    1 
ATOM   169 N  N     . GLU A 1 23  ? -8.216  8.829   -0.068  1.00 7.68  ? 34  GLU A N     1 
ATOM   170 C  CA    . GLU A 1 23  ? -7.713  9.201   1.229   1.00 5.36  ? 34  GLU A CA    1 
ATOM   171 C  C     . GLU A 1 23  ? -8.889  9.269   2.188   1.00 9.17  ? 34  GLU A C     1 
ATOM   172 O  O     . GLU A 1 23  ? -9.986  9.681   1.811   1.00 8.67  ? 34  GLU A O     1 
ATOM   173 C  CB    . GLU A 1 23  ? -7.023  10.569  1.197   1.00 6.47  ? 34  GLU A CB    1 
ATOM   174 C  CG    . GLU A 1 23  ? -6.628  11.038  2.601   1.00 6.26  ? 34  GLU A CG    1 
ATOM   175 C  CD    . GLU A 1 23  ? -5.812  12.300  2.615   1.00 11.52 ? 34  GLU A CD    1 
ATOM   176 O  OE1   . GLU A 1 23  ? -5.361  12.752  1.543   1.00 19.01 ? 34  GLU A OE1   1 
ATOM   177 O  OE2   . GLU A 1 23  ? -5.603  12.852  3.712   1.00 12.80 ? 34  GLU A OE2   1 
ATOM   178 N  N     . ASP A 1 24  ? -8.720  8.705   3.373   1.00 10.26 ? 35  ASP A N     1 
ATOM   179 C  CA    . ASP A 1 24  ? -9.758  8.811   4.378   1.00 8.72  ? 35  ASP A CA    1 
ATOM   180 C  C     . ASP A 1 24  ? -9.039  9.118   5.643   1.00 11.12 ? 35  ASP A C     1 
ATOM   181 O  O     . ASP A 1 24  ? -7.839  9.376   5.641   1.00 11.00 ? 35  ASP A O     1 
ATOM   182 C  CB    . ASP A 1 24  ? -10.687 7.581   4.504   1.00 11.19 ? 35  ASP A CB    1 
ATOM   183 C  CG    . ASP A 1 24  ? -9.960  6.271   4.852   1.00 11.30 ? 35  ASP A CG    1 
ATOM   184 O  OD1   . ASP A 1 24  ? -8.852  6.269   5.433   1.00 8.51  ? 35  ASP A OD1   1 
ATOM   185 O  OD2   . ASP A 1 24  ? -10.550 5.216   4.541   1.00 11.38 ? 35  ASP A OD2   1 
ATOM   186 N  N     . ASP A 1 25  ? -9.748  9.076   6.746   1.00 12.60 ? 36  ASP A N     1 
ATOM   187 C  CA    . ASP A 1 25  ? -9.117  9.408   8.006   1.00 18.67 ? 36  ASP A CA    1 
ATOM   188 C  C     . ASP A 1 25  ? -8.035  8.439   8.458   1.00 18.26 ? 36  ASP A C     1 
ATOM   189 O  O     . ASP A 1 25  ? -7.175  8.813   9.248   1.00 21.64 ? 36  ASP A O     1 
ATOM   190 C  CB    . ASP A 1 25  ? -10.192 9.524   9.089   1.00 24.11 ? 36  ASP A CB    1 
ATOM   191 C  CG    . ASP A 1 25  ? -11.007 8.248   9.238   1.00 33.27 ? 36  ASP A CG    1 
ATOM   192 O  OD1   . ASP A 1 25  ? -11.575 7.740   8.231   1.00 38.09 ? 36  ASP A OD1   1 
ATOM   193 O  OD2   . ASP A 1 25  ? -11.083 7.749   10.383  1.00 40.57 ? 36  ASP A OD2   1 
ATOM   194 N  N     . GLN A 1 26  ? -8.042  7.220   7.926   1.00 16.71 ? 37  GLN A N     1 
ATOM   195 C  CA    . GLN A 1 26  ? -7.090  6.185   8.354   1.00 17.69 ? 37  GLN A CA    1 
ATOM   196 C  C     . GLN A 1 26  ? -5.959  5.822   7.422   1.00 14.48 ? 37  GLN A C     1 
ATOM   197 O  O     . GLN A 1 26  ? -4.919  5.345   7.876   1.00 14.09 ? 37  GLN A O     1 
ATOM   198 C  CB    . GLN A 1 26  ? -7.832  4.882   8.668   1.00 19.26 ? 37  GLN A CB    1 
ATOM   199 C  CG    . GLN A 1 26  ? -8.878  4.999   9.731   1.00 22.81 ? 37  GLN A CG    1 
ATOM   200 C  CD    . GLN A 1 26  ? -9.983  4.024   9.486   1.00 28.89 ? 37  GLN A CD    1 
ATOM   201 O  OE1   . GLN A 1 26  ? -11.048 4.391   8.968   1.00 34.55 ? 37  GLN A OE1   1 
ATOM   202 N  NE2   . GLN A 1 26  ? -9.727  2.754   9.793   1.00 27.15 ? 37  GLN A NE2   1 
ATOM   203 N  N     . CYS A 1 27  ? -6.173  5.983   6.125   1.00 11.13 ? 38  CYS A N     1 
ATOM   204 C  CA    . CYS A 1 27  ? -5.143  5.612   5.182   1.00 11.76 ? 38  CYS A CA    1 
ATOM   205 C  C     . CYS A 1 27  ? -5.201  6.474   3.943   1.00 11.13 ? 38  CYS A C     1 
ATOM   206 O  O     . CYS A 1 27  ? -6.101  7.298   3.783   1.00 10.01 ? 38  CYS A O     1 
ATOM   207 C  CB    . CYS A 1 27  ? -5.273  4.145   4.810   1.00 10.74 ? 38  CYS A CB    1 
ATOM   208 S  SG    . CYS A 1 27  ? -6.775  3.823   3.928   1.00 11.91 ? 38  CYS A SG    1 
ATOM   209 N  N     . LEU A 1 28  ? -4.289  6.175   3.030   1.00 9.18  ? 39  LEU A N     1 
ATOM   210 C  CA    . LEU A 1 28  ? -4.097  6.922   1.807   1.00 9.64  ? 39  LEU A CA    1 
ATOM   211 C  C     . LEU A 1 28  ? -3.662  5.929   0.721   1.00 11.19 ? 39  LEU A C     1 
ATOM   212 O  O     . LEU A 1 28  ? -2.956  4.957   1.028   1.00 12.33 ? 39  LEU A O     1 
ATOM   213 C  CB    . LEU A 1 28  ? -2.947  7.887   2.094   1.00 14.15 ? 39  LEU A CB    1 
ATOM   214 C  CG    . LEU A 1 28  ? -2.400  8.948   1.156   1.00 19.33 ? 39  LEU A CG    1 
ATOM   215 C  CD1   . LEU A 1 28  ? -3.482  9.980   0.872   1.00 22.55 ? 39  LEU A CD1   1 
ATOM   216 C  CD2   . LEU A 1 28  ? -1.186  9.592   1.827   1.00 23.03 ? 39  LEU A CD2   1 
ATOM   217 N  N     . ALA A 1 29  ? -4.069  6.162   -0.531  1.00 8.32  ? 40  ALA A N     1 
ATOM   218 C  CA    . ALA A 1 29  ? -3.712  5.294   -1.655  1.00 5.61  ? 40  ALA A CA    1 
ATOM   219 C  C     . ALA A 1 29  ? -3.159  6.152   -2.768  1.00 5.55  ? 40  ALA A C     1 
ATOM   220 O  O     . ALA A 1 29  ? -3.732  7.183   -3.090  1.00 7.14  ? 40  ALA A O     1 
ATOM   221 C  CB    . ALA A 1 29  ? -4.926  4.540   -2.161  1.00 4.66  ? 40  ALA A CB    1 
ATOM   222 N  N     . PHE A 1 30  ? -2.054  5.717   -3.362  1.00 4.70  ? 41  PHE A N     1 
ATOM   223 C  CA    . PHE A 1 30  ? -1.410  6.447   -4.452  1.00 7.50  ? 41  PHE A CA    1 
ATOM   224 C  C     . PHE A 1 30  ? -0.678  5.509   -5.441  1.00 7.15  ? 41  PHE A C     1 
ATOM   225 O  O     . PHE A 1 30  ? -0.290  4.405   -5.093  1.00 9.37  ? 41  PHE A O     1 
ATOM   226 C  CB    . PHE A 1 30  ? -0.426  7.481   -3.875  1.00 6.98  ? 41  PHE A CB    1 
ATOM   227 C  CG    . PHE A 1 30  ? 0.605   6.890   -2.955  1.00 7.98  ? 41  PHE A CG    1 
ATOM   228 C  CD1   . PHE A 1 30  ? 0.330   6.730   -1.596  1.00 8.34  ? 41  PHE A CD1   1 
ATOM   229 C  CD2   . PHE A 1 30  ? 1.866   6.553   -3.431  1.00 7.20  ? 41  PHE A CD2   1 
ATOM   230 C  CE1   . PHE A 1 30  ? 1.294   6.242   -0.733  1.00 7.82  ? 41  PHE A CE1   1 
ATOM   231 C  CE2   . PHE A 1 30  ? 2.837   6.063   -2.580  1.00 7.55  ? 41  PHE A CE2   1 
ATOM   232 C  CZ    . PHE A 1 30  ? 2.562   5.913   -1.223  1.00 6.42  ? 41  PHE A CZ    1 
ATOM   233 N  N     . HIS A 1 31  ? -0.485  5.949   -6.670  1.00 6.30  ? 42  HIS A N     1 
ATOM   234 C  CA    . HIS A 1 31  ? 0.181   5.106   -7.660  1.00 9.84  ? 42  HIS A CA    1 
ATOM   235 C  C     . HIS A 1 31  ? 1.647   4.894   -7.358  1.00 10.45 ? 42  HIS A C     1 
ATOM   236 O  O     . HIS A 1 31  ? 2.317   5.761   -6.801  1.00 11.51 ? 42  HIS A O     1 
ATOM   237 C  CB    . HIS A 1 31  ? 0.036   5.681   -9.079  1.00 9.69  ? 42  HIS A CB    1 
ATOM   238 C  CG    . HIS A 1 31  ? -1.355  5.584   -9.618  1.00 10.25 ? 42  HIS A CG    1 
ATOM   239 N  ND1   . HIS A 1 31  ? -2.230  6.650   -9.625  1.00 10.65 ? 42  HIS A ND1   1 
ATOM   240 C  CD2   . HIS A 1 31  ? -2.045  4.529   -10.112 1.00 9.63  ? 42  HIS A CD2   1 
ATOM   241 C  CE1   . HIS A 1 31  ? -3.403  6.255   -10.090 1.00 10.58 ? 42  HIS A CE1   1 
ATOM   242 N  NE2   . HIS A 1 31  ? -3.313  4.974   -10.400 1.00 13.28 ? 42  HIS A NE2   1 
ATOM   243 N  N     . ASP A 1 32  ? 2.134   3.713   -7.691  1.00 10.77 ? 43  ASP A N     1 
ATOM   244 C  CA    . ASP A 1 32  ? 3.522   3.399   -7.459  1.00 13.09 ? 43  ASP A CA    1 
ATOM   245 C  C     . ASP A 1 32  ? 4.367   4.152   -8.485  1.00 14.14 ? 43  ASP A C     1 
ATOM   246 O  O     . ASP A 1 32  ? 3.938   4.333   -9.620  1.00 16.77 ? 43  ASP A O     1 
ATOM   247 C  CB    . ASP A 1 32  ? 3.743   1.894   -7.582  1.00 11.10 ? 43  ASP A CB    1 
ATOM   248 C  CG    . ASP A 1 32  ? 5.037   1.454   -6.936  1.00 13.82 ? 43  ASP A CG    1 
ATOM   249 O  OD1   . ASP A 1 32  ? 6.104   1.604   -7.558  1.00 12.25 ? 43  ASP A OD1   1 
ATOM   250 O  OD2   . ASP A 1 32  ? 4.986   0.970   -5.791  1.00 15.59 ? 43  ASP A OD2   1 
ATOM   251 N  N     . ILE A 1 33  ? 5.564   4.581   -8.092  1.00 15.31 ? 44  ILE A N     1 
ATOM   252 C  CA    . ILE A 1 33  ? 6.451   5.341   -8.987  1.00 15.74 ? 44  ILE A CA    1 
ATOM   253 C  C     . ILE A 1 33  ? 7.178   4.444   -10.015 1.00 14.92 ? 44  ILE A C     1 
ATOM   254 O  O     . ILE A 1 33  ? 7.604   4.917   -11.076 1.00 12.59 ? 44  ILE A O     1 
ATOM   255 C  CB    . ILE A 1 33  ? 7.453   6.219   -8.159  1.00 19.35 ? 44  ILE A CB    1 
ATOM   256 C  CG1   . ILE A 1 33  ? 8.061   7.302   -9.034  1.00 20.33 ? 44  ILE A CG1   1 
ATOM   257 C  CG2   . ILE A 1 33  ? 8.589   5.378   -7.609  1.00 18.39 ? 44  ILE A CG2   1 
ATOM   258 C  CD1   . ILE A 1 33  ? 8.754   8.364   -8.243  1.00 22.84 ? 44  ILE A CD1   1 
ATOM   259 N  N     . SER A 1 34  ? 7.331   3.163   -9.676  1.00 12.04 ? 45  SER A N     1 
ATOM   260 C  CA    . SER A 1 34  ? 7.955   2.164   -10.545 1.00 12.48 ? 45  SER A CA    1 
ATOM   261 C  C     . SER A 1 34  ? 6.958   1.014   -10.673 1.00 13.48 ? 45  SER A C     1 
ATOM   262 O  O     . SER A 1 34  ? 7.127   -0.045  -10.061 1.00 13.14 ? 45  SER A O     1 
ATOM   263 C  CB    . SER A 1 34  ? 9.243   1.616   -9.920  1.00 12.60 ? 45  SER A CB    1 
ATOM   264 O  OG    . SER A 1 34  ? 10.100  2.652   -9.492  1.00 12.44 ? 45  SER A OG    1 
ATOM   265 N  N     . PRO A 1 35  ? 5.894   1.221   -11.468 1.00 13.49 ? 46  PRO A N     1 
ATOM   266 C  CA    . PRO A 1 35  ? 4.873   0.183   -11.656 1.00 13.09 ? 46  PRO A CA    1 
ATOM   267 C  C     . PRO A 1 35  ? 5.370   -1.123  -12.277 1.00 12.60 ? 46  PRO A C     1 
ATOM   268 O  O     . PRO A 1 35  ? 6.184   -1.110  -13.183 1.00 15.23 ? 46  PRO A O     1 
ATOM   269 C  CB    . PRO A 1 35  ? 3.834   0.900   -12.532 1.00 15.27 ? 46  PRO A CB    1 
ATOM   270 C  CG    . PRO A 1 35  ? 4.662   1.873   -13.315 1.00 13.41 ? 46  PRO A CG    1 
ATOM   271 C  CD    . PRO A 1 35  ? 5.603   2.413   -12.278 1.00 12.63 ? 46  PRO A CD    1 
ATOM   272 N  N     . GLN A 1 36  ? 4.878   -2.251  -11.771 1.00 11.77 ? 47  GLN A N     1 
ATOM   273 C  CA    . GLN A 1 36  ? 5.279   -3.573  -12.261 1.00 9.73  ? 47  GLN A CA    1 
ATOM   274 C  C     . GLN A 1 36  ? 4.120   -4.238  -12.989 1.00 7.67  ? 47  GLN A C     1 
ATOM   275 O  O     . GLN A 1 36  ? 4.175   -5.411  -13.354 1.00 8.53  ? 47  GLN A O     1 
ATOM   276 C  CB    . GLN A 1 36  ? 5.746   -4.459  -11.095 1.00 11.35 ? 47  GLN A CB    1 
ATOM   277 C  CG    . GLN A 1 36  ? 6.832   -3.824  -10.212 1.00 12.51 ? 47  GLN A CG    1 
ATOM   278 C  CD    . GLN A 1 36  ? 8.130   -3.615  -10.951 1.00 15.29 ? 47  GLN A CD    1 
ATOM   279 O  OE1   . GLN A 1 36  ? 8.570   -4.480  -11.702 1.00 20.14 ? 47  GLN A OE1   1 
ATOM   280 N  NE2   . GLN A 1 36  ? 8.758   -2.472  -10.736 1.00 19.40 ? 47  GLN A NE2   1 
ATOM   281 N  N     . ALA A 1 37  ? 3.057   -3.475  -13.172 1.00 5.36  ? 48  ALA A N     1 
ATOM   282 C  CA    . ALA A 1 37  ? 1.865   -3.933  -13.874 1.00 7.63  ? 48  ALA A CA    1 
ATOM   283 C  C     . ALA A 1 37  ? 1.201   -2.668  -14.371 1.00 6.65  ? 48  ALA A C     1 
ATOM   284 O  O     . ALA A 1 37  ? 1.500   -1.587  -13.880 1.00 6.44  ? 48  ALA A O     1 
ATOM   285 C  CB    . ALA A 1 37  ? 0.929   -4.667  -12.925 1.00 3.02  ? 48  ALA A CB    1 
ATOM   286 N  N     . PRO A 1 38  ? 0.307   -2.783  -15.363 1.00 7.94  ? 49  PRO A N     1 
ATOM   287 C  CA    . PRO A 1 38  ? -0.396  -1.611  -15.906 1.00 10.42 ? 49  PRO A CA    1 
ATOM   288 C  C     . PRO A 1 38  ? -0.981  -0.719  -14.813 1.00 11.96 ? 49  PRO A C     1 
ATOM   289 O  O     . PRO A 1 38  ? -0.927  0.508   -14.902 1.00 14.28 ? 49  PRO A O     1 
ATOM   290 C  CB    . PRO A 1 38  ? -1.482  -2.247  -16.762 1.00 6.97  ? 49  PRO A CB    1 
ATOM   291 C  CG    . PRO A 1 38  ? -0.738  -3.402  -17.350 1.00 7.80  ? 49  PRO A CG    1 
ATOM   292 C  CD    . PRO A 1 38  ? 0.029   -3.981  -16.168 1.00 5.66  ? 49  PRO A CD    1 
ATOM   293 N  N     . THR A 1 39  ? -1.610  -1.339  -13.822 1.00 12.80 ? 50  THR A N     1 
ATOM   294 C  CA    . THR A 1 39  ? -2.141  -0.602  -12.683 1.00 13.90 ? 50  THR A CA    1 
ATOM   295 C  C     . THR A 1 39  ? -1.353  -1.162  -11.493 1.00 12.95 ? 50  THR A C     1 
ATOM   296 O  O     . THR A 1 39  ? -1.268  -2.376  -11.299 1.00 14.53 ? 50  THR A O     1 
ATOM   297 C  CB    . THR A 1 39  ? -3.686  -0.778  -12.494 1.00 12.39 ? 50  THR A CB    1 
ATOM   298 O  OG1   . THR A 1 39  ? -4.382  0.056   -13.423 1.00 12.54 ? 50  THR A OG1   1 
ATOM   299 C  CG2   . THR A 1 39  ? -4.114  -0.380  -11.099 1.00 10.38 ? 50  THR A CG2   1 
ATOM   300 N  N     . HIS A 1 40  ? -0.701  -0.273  -10.763 1.00 11.31 ? 51  HIS A N     1 
ATOM   301 C  CA    . HIS A 1 40  ? 0.090   -0.659  -9.614  1.00 8.94  ? 51  HIS A CA    1 
ATOM   302 C  C     . HIS A 1 40  ? 0.040   0.505   -8.634  1.00 9.00  ? 51  HIS A C     1 
ATOM   303 O  O     . HIS A 1 40  ? 0.561   1.595   -8.918  1.00 9.44  ? 51  HIS A O     1 
ATOM   304 C  CB    . HIS A 1 40  ? 1.538   -0.934  -10.036 1.00 9.86  ? 51  HIS A CB    1 
ATOM   305 C  CG    . HIS A 1 40  ? 2.427   -1.403  -8.922  1.00 7.92  ? 51  HIS A CG    1 
ATOM   306 N  ND1   . HIS A 1 40  ? 3.733   -1.785  -9.072  1.00 6.20  ? 51  HIS A ND1   1 
ATOM   307 C  CD2   . HIS A 1 40  ? 2.160   -1.525  -7.590  1.00 5.04  ? 51  HIS A CD2   1 
ATOM   308 C  CE1   . HIS A 1 40  ? 4.215   -2.111  -7.859  1.00 5.87  ? 51  HIS A CE1   1 
ATOM   309 N  NE2   . HIS A 1 40  ? 3.285   -1.964  -6.935  1.00 4.81  ? 51  HIS A NE2   1 
ATOM   310 N  N     . PHE A 1 41  ? -0.640  0.298   -7.509  1.00 8.21  ? 52  PHE A N     1 
ATOM   311 C  CA    . PHE A 1 41  ? -0.728  1.336   -6.498  1.00 6.18  ? 52  PHE A CA    1 
ATOM   312 C  C     . PHE A 1 41  ? -0.455  0.787   -5.112  1.00 6.79  ? 52  PHE A C     1 
ATOM   313 O  O     . PHE A 1 41  ? -0.337  -0.412  -4.931  1.00 4.24  ? 52  PHE A O     1 
ATOM   314 C  CB    . PHE A 1 41  ? -2.060  2.087   -6.552  1.00 6.56  ? 52  PHE A CB    1 
ATOM   315 C  CG    . PHE A 1 41  ? -3.272  1.240   -6.271  1.00 7.52  ? 52  PHE A CG    1 
ATOM   316 C  CD1   . PHE A 1 41  ? -3.917  0.555   -7.305  1.00 5.98  ? 52  PHE A CD1   1 
ATOM   317 C  CD2   . PHE A 1 41  ? -3.818  1.199   -4.994  1.00 5.41  ? 52  PHE A CD2   1 
ATOM   318 C  CE1   . PHE A 1 41  ? -5.104  -0.151  -7.073  1.00 8.05  ? 52  PHE A CE1   1 
ATOM   319 C  CE2   . PHE A 1 41  ? -4.995  0.504   -4.743  1.00 7.02  ? 52  PHE A CE2   1 
ATOM   320 C  CZ    . PHE A 1 41  ? -5.652  -0.174  -5.778  1.00 4.64  ? 52  PHE A CZ    1 
ATOM   321 N  N     . LEU A 1 42  ? -0.273  1.695   -4.157  1.00 8.60  ? 53  LEU A N     1 
ATOM   322 C  CA    . LEU A 1 42  ? 0.019   1.364   -2.769  1.00 6.27  ? 53  LEU A CA    1 
ATOM   323 C  C     . LEU A 1 42  ? -1.085  1.923   -1.841  1.00 6.43  ? 53  LEU A C     1 
ATOM   324 O  O     . LEU A 1 42  ? -1.748  2.922   -2.159  1.00 4.13  ? 53  LEU A O     1 
ATOM   325 C  CB    . LEU A 1 42  ? 1.366   1.994   -2.357  1.00 7.67  ? 53  LEU A CB    1 
ATOM   326 C  CG    . LEU A 1 42  ? 2.653   1.747   -3.165  1.00 5.02  ? 53  LEU A CG    1 
ATOM   327 C  CD1   . LEU A 1 42  ? 3.773   2.598   -2.612  1.00 5.78  ? 53  LEU A CD1   1 
ATOM   328 C  CD2   . LEU A 1 42  ? 3.053   0.287   -3.145  1.00 2.83  ? 53  LEU A CD2   1 
ATOM   329 N  N     . VAL A 1 43  ? -1.359  1.199   -0.762  1.00 3.89  ? 54  VAL A N     1 
ATOM   330 C  CA    . VAL A 1 43  ? -2.320  1.624   0.247   1.00 3.34  ? 54  VAL A CA    1 
ATOM   331 C  C     . VAL A 1 43  ? -1.486  1.620   1.538   1.00 3.91  ? 54  VAL A C     1 
ATOM   332 O  O     . VAL A 1 43  ? -0.859  0.607   1.866   1.00 4.43  ? 54  VAL A O     1 
ATOM   333 C  CB    . VAL A 1 43  ? -3.522  0.666   0.366   1.00 2.00  ? 54  VAL A CB    1 
ATOM   334 C  CG1   . VAL A 1 43  ? -4.516  1.236   1.368   1.00 2.00  ? 54  VAL A CG1   1 
ATOM   335 C  CG2   . VAL A 1 43  ? -4.201  0.496   -0.980  1.00 2.00  ? 54  VAL A CG2   1 
ATOM   336 N  N     . ILE A 1 44  ? -1.360  2.783   2.172   1.00 3.79  ? 55  ILE A N     1 
ATOM   337 C  CA    . ILE A 1 44  ? -0.551  2.918   3.391   1.00 6.32  ? 55  ILE A CA    1 
ATOM   338 C  C     . ILE A 1 44  ? -1.350  3.516   4.554   1.00 7.65  ? 55  ILE A C     1 
ATOM   339 O  O     . ILE A 1 44  ? -2.293  4.293   4.344   1.00 8.21  ? 55  ILE A O     1 
ATOM   340 C  CB    . ILE A 1 44  ? 0.733   3.830   3.153   1.00 6.45  ? 55  ILE A CB    1 
ATOM   341 C  CG1   . ILE A 1 44  ? 0.345   5.312   3.108   1.00 3.08  ? 55  ILE A CG1   1 
ATOM   342 C  CG2   . ILE A 1 44  ? 1.400   3.494   1.816   1.00 7.77  ? 55  ILE A CG2   1 
ATOM   343 C  CD1   . ILE A 1 44  ? 1.517   6.251   2.904   1.00 2.14  ? 55  ILE A CD1   1 
ATOM   344 N  N     . PRO A 1 45  ? -1.042  3.093   5.799   1.00 8.56  ? 56  PRO A N     1 
ATOM   345 C  CA    . PRO A 1 45  ? -1.795  3.682   6.910   1.00 6.09  ? 56  PRO A CA    1 
ATOM   346 C  C     . PRO A 1 45  ? -1.146  5.000   7.315   1.00 5.34  ? 56  PRO A C     1 
ATOM   347 O  O     . PRO A 1 45  ? 0.051   5.192   7.118   1.00 6.07  ? 56  PRO A O     1 
ATOM   348 C  CB    . PRO A 1 45  ? -1.645  2.630   8.026   1.00 5.08  ? 56  PRO A CB    1 
ATOM   349 C  CG    . PRO A 1 45  ? -0.302  2.049   7.781   1.00 6.13  ? 56  PRO A CG    1 
ATOM   350 C  CD    . PRO A 1 45  ? -0.244  1.933   6.249   1.00 7.17  ? 56  PRO A CD    1 
ATOM   351 N  N     . LYS A 1 46  ? -1.940  5.916   7.852   1.00 7.11  ? 57  LYS A N     1 
ATOM   352 C  CA    . LYS A 1 46  ? -1.400  7.187   8.334   1.00 11.35 ? 57  LYS A CA    1 
ATOM   353 C  C     . LYS A 1 46  ? -0.608  6.950   9.626   1.00 12.70 ? 57  LYS A C     1 
ATOM   354 O  O     . LYS A 1 46  ? 0.358   7.655   9.930   1.00 15.47 ? 57  LYS A O     1 
ATOM   355 C  CB    . LYS A 1 46  ? -2.522  8.200   8.559   1.00 8.94  ? 57  LYS A CB    1 
ATOM   356 C  CG    . LYS A 1 46  ? -3.098  8.719   7.255   1.00 10.31 ? 57  LYS A CG    1 
ATOM   357 C  CD    . LYS A 1 46  ? -4.245  9.696   7.438   1.00 12.49 ? 57  LYS A CD    1 
ATOM   358 C  CE    . LYS A 1 46  ? -4.684  10.245  6.084   1.00 11.81 ? 57  LYS A CE    1 
ATOM   359 N  NZ    . LYS A 1 46  ? -5.835  11.184  6.259   1.00 22.79 ? 57  LYS A NZ    1 
ATOM   360 N  N     . LYS A 1 47  ? -1.023  5.947   10.388  1.00 15.74 ? 58  LYS A N     1 
ATOM   361 C  CA    . LYS A 1 47  ? -0.348  5.597   11.623  1.00 16.75 ? 58  LYS A CA    1 
ATOM   362 C  C     . LYS A 1 47  ? 0.979   4.929   11.252  1.00 16.82 ? 58  LYS A C     1 
ATOM   363 O  O     . LYS A 1 47  ? 1.044   4.109   10.336  1.00 17.27 ? 58  LYS A O     1 
ATOM   364 C  CB    . LYS A 1 47  ? -1.223  4.646   12.442  1.00 16.37 ? 58  LYS A CB    1 
ATOM   365 C  CG    . LYS A 1 47  ? -0.548  4.117   13.688  1.00 19.95 ? 58  LYS A CG    1 
ATOM   366 C  CD    . LYS A 1 47  ? -1.459  3.221   14.491  1.00 21.28 ? 58  LYS A CD    1 
ATOM   367 C  CE    . LYS A 1 47  ? -0.647  2.380   15.468  1.00 21.63 ? 58  LYS A CE    1 
ATOM   368 N  NZ    . LYS A 1 47  ? -1.546  1.673   16.410  1.00 26.81 ? 58  LYS A NZ    1 
ATOM   369 N  N     . HIS A 1 48  ? 2.051   5.303   11.926  1.00 17.40 ? 59  HIS A N     1 
ATOM   370 C  CA    . HIS A 1 48  ? 3.315   4.701   11.575  1.00 17.72 ? 59  HIS A CA    1 
ATOM   371 C  C     . HIS A 1 48  ? 3.574   3.373   12.255  1.00 16.96 ? 59  HIS A C     1 
ATOM   372 O  O     . HIS A 1 48  ? 3.736   3.303   13.476  1.00 20.99 ? 59  HIS A O     1 
ATOM   373 C  CB    . HIS A 1 48  ? 4.481   5.644   11.825  1.00 18.64 ? 59  HIS A CB    1 
ATOM   374 C  CG    . HIS A 1 48  ? 5.782   5.104   11.336  1.00 23.36 ? 59  HIS A CG    1 
ATOM   375 N  ND1   . HIS A 1 48  ? 6.867   4.900   12.166  1.00 26.36 ? 59  HIS A ND1   1 
ATOM   376 C  CD2   . HIS A 1 48  ? 6.152   4.653   10.116  1.00 23.61 ? 59  HIS A CD2   1 
ATOM   377 C  CE1   . HIS A 1 48  ? 7.847   4.344   11.475  1.00 24.16 ? 59  HIS A CE1   1 
ATOM   378 N  NE2   . HIS A 1 48  ? 7.441   4.183   10.231  1.00 23.01 ? 59  HIS A NE2   1 
ATOM   379 N  N     . ILE A 1 49  ? 3.533   2.318   11.453  1.00 13.62 ? 60  ILE A N     1 
ATOM   380 C  CA    . ILE A 1 49  ? 3.827   0.954   11.885  1.00 11.29 ? 60  ILE A CA    1 
ATOM   381 C  C     . ILE A 1 49  ? 4.945   0.656   10.889  1.00 11.39 ? 60  ILE A C     1 
ATOM   382 O  O     . ILE A 1 49  ? 4.730   0.727   9.683   1.00 12.62 ? 60  ILE A O     1 
ATOM   383 C  CB    . ILE A 1 49  ? 2.641   0.003   11.635  1.00 10.67 ? 60  ILE A CB    1 
ATOM   384 C  CG1   . ILE A 1 49  ? 1.415   0.467   12.420  1.00 7.44  ? 60  ILE A CG1   1 
ATOM   385 C  CG2   . ILE A 1 49  ? 3.008   -1.406  12.062  1.00 9.39  ? 60  ILE A CG2   1 
ATOM   386 C  CD1   . ILE A 1 49  ? 0.143   -0.239  12.011  1.00 6.22  ? 60  ILE A CD1   1 
ATOM   387 N  N     . SER A 1 50  ? 6.145   0.381   11.381  1.00 11.90 ? 61  SER A N     1 
ATOM   388 C  CA    . SER A 1 50  ? 7.293   0.148   10.498  1.00 14.52 ? 61  SER A CA    1 
ATOM   389 C  C     . SER A 1 50  ? 7.238   -1.084  9.594   1.00 14.16 ? 61  SER A C     1 
ATOM   390 O  O     . SER A 1 50  ? 7.685   -1.051  8.437   1.00 14.49 ? 61  SER A O     1 
ATOM   391 C  CB    . SER A 1 50  ? 8.582   0.137   11.318  1.00 10.90 ? 61  SER A CB    1 
ATOM   392 O  OG    . SER A 1 50  ? 8.464   -0.796  12.364  1.00 18.72 ? 61  SER A OG    1 
ATOM   393 N  N     . GLN A 1 51  ? 6.711   -2.169  10.132  1.00 12.47 ? 62  GLN A N     1 
ATOM   394 C  CA    . GLN A 1 51  ? 6.599   -3.394  9.383   1.00 15.02 ? 62  GLN A CA    1 
ATOM   395 C  C     . GLN A 1 51  ? 5.521   -4.283  10.004  1.00 15.44 ? 62  GLN A C     1 
ATOM   396 O  O     . GLN A 1 51  ? 5.110   -4.069  11.147  1.00 15.19 ? 62  GLN A O     1 
ATOM   397 C  CB    . GLN A 1 51  ? 7.972   -4.091  9.297   1.00 17.05 ? 62  GLN A CB    1 
ATOM   398 C  CG    . GLN A 1 51  ? 8.655   -4.334  10.622  1.00 19.48 ? 62  GLN A CG    1 
ATOM   399 C  CD    . GLN A 1 51  ? 10.150  -4.585  10.466  1.00 24.64 ? 62  GLN A CD    1 
ATOM   400 O  OE1   . GLN A 1 51  ? 10.597  -5.332  9.585   1.00 26.18 ? 62  GLN A OE1   1 
ATOM   401 N  NE2   . GLN A 1 51  ? 10.932  -3.959  11.327  1.00 28.90 ? 62  GLN A NE2   1 
ATOM   402 N  N     . ILE A 1 52  ? 5.022   -5.238  9.225   1.00 15.70 ? 63  ILE A N     1 
ATOM   403 C  CA    . ILE A 1 52  ? 3.963   -6.132  9.671   1.00 15.98 ? 63  ILE A CA    1 
ATOM   404 C  C     . ILE A 1 52  ? 4.324   -6.920  10.953  1.00 15.86 ? 63  ILE A C     1 
ATOM   405 O  O     . ILE A 1 52  ? 3.461   -7.183  11.784  1.00 17.06 ? 63  ILE A O     1 
ATOM   406 C  CB    . ILE A 1 52  ? 3.511   -7.043  8.484   1.00 17.19 ? 63  ILE A CB    1 
ATOM   407 C  CG1   . ILE A 1 52  ? 1.991   -7.049  8.367   1.00 20.56 ? 63  ILE A CG1   1 
ATOM   408 C  CG2   . ILE A 1 52  ? 4.031   -8.433  8.619   1.00 20.26 ? 63  ILE A CG2   1 
ATOM   409 C  CD1   . ILE A 1 52  ? 1.452   -5.827  7.649   1.00 19.77 ? 63  ILE A CD1   1 
ATOM   410 N  N     . SER A 1 53  ? 5.603   -7.228  11.142  1.00 13.73 ? 64  SER A N     1 
ATOM   411 C  CA    . SER A 1 53  ? 6.046   -7.950  12.337  1.00 17.32 ? 64  SER A CA    1 
ATOM   412 C  C     . SER A 1 53  ? 5.901   -7.109  13.602  1.00 16.64 ? 64  SER A C     1 
ATOM   413 O  O     . SER A 1 53  ? 5.898   -7.638  14.713  1.00 20.13 ? 64  SER A O     1 
ATOM   414 C  CB    . SER A 1 53  ? 7.514   -8.385  12.211  1.00 15.84 ? 64  SER A CB    1 
ATOM   415 O  OG    . SER A 1 53  ? 8.378   -7.266  12.216  1.00 20.85 ? 64  SER A OG    1 
ATOM   416 N  N     . ALA A 1 54  ? 5.787   -5.797  13.416  1.00 16.93 ? 65  ALA A N     1 
ATOM   417 C  CA    . ALA A 1 54  ? 5.641   -4.831  14.498  1.00 13.25 ? 65  ALA A CA    1 
ATOM   418 C  C     . ALA A 1 54  ? 4.194   -4.382  14.697  1.00 12.60 ? 65  ALA A C     1 
ATOM   419 O  O     . ALA A 1 54  ? 3.923   -3.453  15.460  1.00 14.46 ? 65  ALA A O     1 
ATOM   420 C  CB    . ALA A 1 54  ? 6.510   -3.629  14.214  1.00 13.36 ? 65  ALA A CB    1 
ATOM   421 N  N     . ALA A 1 55  ? 3.269   -4.997  13.973  1.00 11.59 ? 66  ALA A N     1 
ATOM   422 C  CA    . ALA A 1 55  ? 1.874   -4.629  14.120  1.00 8.77  ? 66  ALA A CA    1 
ATOM   423 C  C     . ALA A 1 55  ? 1.359   -5.303  15.388  1.00 10.04 ? 66  ALA A C     1 
ATOM   424 O  O     . ALA A 1 55  ? 1.736   -6.430  15.695  1.00 12.14 ? 66  ALA A O     1 
ATOM   425 C  CB    . ALA A 1 55  ? 1.088   -5.085  12.928  1.00 6.28  ? 66  ALA A CB    1 
ATOM   426 N  N     . GLU A 1 56  ? 0.604   -4.562  16.184  1.00 9.94  ? 67  GLU A N     1 
ATOM   427 C  CA    . GLU A 1 56  ? 0.016   -5.086  17.413  1.00 11.21 ? 67  GLU A CA    1 
ATOM   428 C  C     . GLU A 1 56  ? -1.385  -5.619  17.125  1.00 10.77 ? 67  GLU A C     1 
ATOM   429 O  O     . GLU A 1 56  ? -2.003  -5.262  16.109  1.00 9.94  ? 67  GLU A O     1 
ATOM   430 C  CB    . GLU A 1 56  ? -0.120  -3.985  18.461  1.00 15.34 ? 67  GLU A CB    1 
ATOM   431 C  CG    . GLU A 1 56  ? 1.182   -3.415  18.966  1.00 20.76 ? 67  GLU A CG    1 
ATOM   432 C  CD    . GLU A 1 56  ? 1.008   -2.045  19.634  1.00 26.46 ? 67  GLU A CD    1 
ATOM   433 O  OE1   . GLU A 1 56  ? -0.153  -1.546  19.770  1.00 24.52 ? 67  GLU A OE1   1 
ATOM   434 O  OE2   . GLU A 1 56  ? 2.060   -1.477  20.027  1.00 26.97 ? 67  GLU A OE2   1 
ATOM   435 N  N     . ASP A 1 57  ? -1.908  -6.406  18.059  1.00 8.64  ? 68  ASP A N     1 
ATOM   436 C  CA    . ASP A 1 57  ? -3.242  -6.989  17.923  1.00 11.85 ? 68  ASP A CA    1 
ATOM   437 C  C     . ASP A 1 57  ? -4.345  -5.952  17.722  1.00 10.25 ? 68  ASP A C     1 
ATOM   438 O  O     . ASP A 1 57  ? -5.337  -6.213  17.047  1.00 12.39 ? 68  ASP A O     1 
ATOM   439 C  CB    . ASP A 1 57  ? -3.563  -7.888  19.133  1.00 15.09 ? 68  ASP A CB    1 
ATOM   440 C  CG    . ASP A 1 57  ? -2.716  -9.163  19.157  1.00 19.60 ? 68  ASP A CG    1 
ATOM   441 O  OD1   . ASP A 1 57  ? -2.247  -9.583  18.073  1.00 21.67 ? 68  ASP A OD1   1 
ATOM   442 O  OD2   . ASP A 1 57  ? -2.511  -9.740  20.249  1.00 21.92 ? 68  ASP A OD2   1 
ATOM   443 N  N     . ALA A 1 58  ? -4.182  -4.783  18.325  1.00 8.02  ? 69  ALA A N     1 
ATOM   444 C  CA    . ALA A 1 58  ? -5.173  -3.735  18.169  1.00 11.09 ? 69  ALA A CA    1 
ATOM   445 C  C     . ALA A 1 58  ? -5.170  -3.147  16.749  1.00 13.76 ? 69  ALA A C     1 
ATOM   446 O  O     . ALA A 1 58  ? -6.143  -2.516  16.340  1.00 17.36 ? 69  ALA A O     1 
ATOM   447 C  CB    . ALA A 1 58  ? -4.947  -2.640  19.178  1.00 10.57 ? 69  ALA A CB    1 
ATOM   448 N  N     . ASP A 1 59  ? -4.088  -3.368  16.002  1.00 13.91 ? 70  ASP A N     1 
ATOM   449 C  CA    . ASP A 1 59  ? -3.941  -2.881  14.627  1.00 11.16 ? 70  ASP A CA    1 
ATOM   450 C  C     . ASP A 1 59  ? -4.674  -3.702  13.585  1.00 11.54 ? 70  ASP A C     1 
ATOM   451 O  O     . ASP A 1 59  ? -4.594  -3.426  12.386  1.00 13.34 ? 70  ASP A O     1 
ATOM   452 C  CB    . ASP A 1 59  ? -2.471  -2.854  14.260  1.00 8.52  ? 70  ASP A CB    1 
ATOM   453 C  CG    . ASP A 1 59  ? -1.729  -1.755  14.972  1.00 12.34 ? 70  ASP A CG    1 
ATOM   454 O  OD1   . ASP A 1 59  ? -2.332  -0.675  15.177  1.00 12.40 ? 70  ASP A OD1   1 
ATOM   455 O  OD2   . ASP A 1 59  ? -0.553  -1.973  15.330  1.00 13.49 ? 70  ASP A OD2   1 
ATOM   456 N  N     . GLU A 1 60  ? -5.352  -4.734  14.063  1.00 10.27 ? 71  GLU A N     1 
ATOM   457 C  CA    . GLU A 1 60  ? -6.113  -5.670  13.248  1.00 12.83 ? 71  GLU A CA    1 
ATOM   458 C  C     . GLU A 1 60  ? -7.093  -5.069  12.232  1.00 11.09 ? 71  GLU A C     1 
ATOM   459 O  O     . GLU A 1 60  ? -7.100  -5.468  11.060  1.00 10.61 ? 71  GLU A O     1 
ATOM   460 C  CB    . GLU A 1 60  ? -6.866  -6.567  14.203  1.00 12.58 ? 71  GLU A CB    1 
ATOM   461 C  CG    . GLU A 1 60  ? -7.266  -7.846  13.657  1.00 18.48 ? 71  GLU A CG    1 
ATOM   462 C  CD    . GLU A 1 60  ? -7.590  -8.782  14.775  1.00 17.34 ? 71  GLU A CD    1 
ATOM   463 O  OE1   . GLU A 1 60  ? -8.760  -8.755  15.216  1.00 18.07 ? 71  GLU A OE1   1 
ATOM   464 O  OE2   . GLU A 1 60  ? -6.670  -9.516  15.216  1.00 13.31 ? 71  GLU A OE2   1 
ATOM   465 N  N     . SER A 1 61  ? -7.937  -4.148  12.698  1.00 9.31  ? 72  SER A N     1 
ATOM   466 C  CA    . SER A 1 61  ? -8.925  -3.485  11.844  1.00 9.95  ? 72  SER A CA    1 
ATOM   467 C  C     . SER A 1 61  ? -8.281  -2.569  10.816  1.00 6.91  ? 72  SER A C     1 
ATOM   468 O  O     . SER A 1 61  ? -8.760  -2.467  9.700   1.00 10.17 ? 72  SER A O     1 
ATOM   469 C  CB    . SER A 1 61  ? -9.925  -2.677  12.683  1.00 11.20 ? 72  SER A CB    1 
ATOM   470 O  OG    . SER A 1 61  ? -10.770 -3.519  13.426  1.00 19.16 ? 72  SER A OG    1 
ATOM   471 N  N     . LEU A 1 62  ? -7.239  -1.860  11.223  1.00 5.63  ? 73  LEU A N     1 
ATOM   472 C  CA    . LEU A 1 62  ? -6.537  -0.959  10.328  1.00 6.97  ? 73  LEU A CA    1 
ATOM   473 C  C     . LEU A 1 62  ? -5.905  -1.782  9.214   1.00 8.03  ? 73  LEU A C     1 
ATOM   474 O  O     . LEU A 1 62  ? -6.017  -1.419  8.042   1.00 12.46 ? 73  LEU A O     1 
ATOM   475 C  CB    . LEU A 1 62  ? -5.491  -0.161  11.105  1.00 5.15  ? 73  LEU A CB    1 
ATOM   476 C  CG    . LEU A 1 62  ? -4.494  0.651   10.289  1.00 7.95  ? 73  LEU A CG    1 
ATOM   477 C  CD1   . LEU A 1 62  ? -5.223  1.728   9.487   1.00 4.33  ? 73  LEU A CD1   1 
ATOM   478 C  CD2   . LEU A 1 62  ? -3.471  1.254   11.237  1.00 4.92  ? 73  LEU A CD2   1 
ATOM   479 N  N     . LEU A 1 63  ? -5.274  -2.907  9.556   1.00 8.35  ? 74  LEU A N     1 
ATOM   480 C  CA    . LEU A 1 63  ? -4.679  -3.759  8.523   1.00 6.93  ? 74  LEU A CA    1 
ATOM   481 C  C     . LEU A 1 63  ? -5.764  -4.292  7.556   1.00 5.94  ? 74  LEU A C     1 
ATOM   482 O  O     . LEU A 1 63  ? -5.554  -4.347  6.345   1.00 7.85  ? 74  LEU A O     1 
ATOM   483 C  CB    . LEU A 1 63  ? -3.906  -4.915  9.143   1.00 8.40  ? 74  LEU A CB    1 
ATOM   484 C  CG    . LEU A 1 63  ? -2.659  -4.549  9.941   1.00 9.52  ? 74  LEU A CG    1 
ATOM   485 C  CD1   . LEU A 1 63  ? -2.084  -5.788  10.576  1.00 9.33  ? 74  LEU A CD1   1 
ATOM   486 C  CD2   . LEU A 1 63  ? -1.640  -3.876  9.057   1.00 5.07  ? 74  LEU A CD2   1 
ATOM   487 N  N     . GLY A 1 64  ? -6.930  -4.656  8.078   1.00 4.85  ? 75  GLY A N     1 
ATOM   488 C  CA    . GLY A 1 64  ? -7.999  -5.134  7.214   1.00 5.12  ? 75  GLY A CA    1 
ATOM   489 C  C     . GLY A 1 64  ? -8.576  -4.004  6.373   1.00 7.86  ? 75  GLY A C     1 
ATOM   490 O  O     . GLY A 1 64  ? -9.088  -4.215  5.262   1.00 5.89  ? 75  GLY A O     1 
ATOM   491 N  N     . HIS A 1 65  ? -8.501  -2.789  6.916   1.00 6.82  ? 76  HIS A N     1 
ATOM   492 C  CA    . HIS A 1 65  ? -9.008  -1.611  6.228   1.00 5.84  ? 76  HIS A CA    1 
ATOM   493 C  C     . HIS A 1 65  ? -8.201  -1.309  4.969   1.00 6.56  ? 76  HIS A C     1 
ATOM   494 O  O     . HIS A 1 65  ? -8.757  -0.886  3.959   1.00 5.29  ? 76  HIS A O     1 
ATOM   495 C  CB    . HIS A 1 65  ? -8.992  -0.395  7.153   1.00 8.26  ? 76  HIS A CB    1 
ATOM   496 C  CG    . HIS A 1 65  ? -9.806  0.751   6.642   1.00 9.89  ? 76  HIS A CG    1 
ATOM   497 N  ND1   . HIS A 1 65  ? -9.260  1.980   6.359   1.00 13.68 ? 76  HIS A ND1   1 
ATOM   498 C  CD2   . HIS A 1 65  ? -11.118 0.836   6.326   1.00 10.25 ? 76  HIS A CD2   1 
ATOM   499 C  CE1   . HIS A 1 65  ? -10.201 2.777   5.886   1.00 11.37 ? 76  HIS A CE1   1 
ATOM   500 N  NE2   . HIS A 1 65  ? -11.337 2.107   5.854   1.00 11.56 ? 76  HIS A NE2   1 
ATOM   501 N  N     . LEU A 1 66  ? -6.892  -1.558  5.032   1.00 6.30  ? 77  LEU A N     1 
ATOM   502 C  CA    . LEU A 1 66  ? -6.004  -1.320  3.903   1.00 5.78  ? 77  LEU A CA    1 
ATOM   503 C  C     . LEU A 1 66  ? -6.436  -2.214  2.740   1.00 7.19  ? 77  LEU A C     1 
ATOM   504 O  O     . LEU A 1 66  ? -6.439  -1.775  1.594   1.00 5.37  ? 77  LEU A O     1 
ATOM   505 C  CB    . LEU A 1 66  ? -4.533  -1.586  4.286   1.00 3.72  ? 77  LEU A CB    1 
ATOM   506 C  CG    . LEU A 1 66  ? -3.952  -0.843  5.497   1.00 3.68  ? 77  LEU A CG    1 
ATOM   507 C  CD1   . LEU A 1 66  ? -2.543  -1.272  5.723   1.00 2.31  ? 77  LEU A CD1   1 
ATOM   508 C  CD2   . LEU A 1 66  ? -4.024  0.640   5.321   1.00 2.72  ? 77  LEU A CD2   1 
ATOM   509 N  N     . MET A 1 67  ? -6.869  -3.438  3.049   1.00 8.12  ? 78  MET A N     1 
ATOM   510 C  CA    . MET A 1 67  ? -7.318  -4.376  2.024   1.00 10.11 ? 78  MET A CA    1 
ATOM   511 C  C     . MET A 1 67  ? -8.686  -4.018  1.468   1.00 8.76  ? 78  MET A C     1 
ATOM   512 O  O     . MET A 1 67  ? -8.935  -4.233  0.291   1.00 9.37  ? 78  MET A O     1 
ATOM   513 C  CB    . MET A 1 67  ? -7.359  -5.805  2.558   1.00 11.95 ? 78  MET A CB    1 
ATOM   514 C  CG    . MET A 1 67  ? -6.101  -6.247  3.243   1.00 16.64 ? 78  MET A CG    1 
ATOM   515 S  SD    . MET A 1 67  ? -6.241  -8.005  3.593   1.00 23.92 ? 78  MET A SD    1 
ATOM   516 C  CE    . MET A 1 67  ? -5.657  -8.677  2.051   1.00 24.59 ? 78  MET A CE    1 
ATOM   517 N  N     . ILE A 1 68  ? -9.583  -3.515  2.321   1.00 11.82 ? 79  ILE A N     1 
ATOM   518 C  CA    . ILE A 1 68  ? -10.933 -3.109  1.879   1.00 13.02 ? 79  ILE A CA    1 
ATOM   519 C  C     . ILE A 1 68  ? -10.803 -1.897  0.938   1.00 10.83 ? 79  ILE A C     1 
ATOM   520 O  O     . ILE A 1 68  ? -11.487 -1.827  -0.081  1.00 14.01 ? 79  ILE A O     1 
ATOM   521 C  CB    . ILE A 1 68  ? -11.908 -2.788  3.076   1.00 12.81 ? 79  ILE A CB    1 
ATOM   522 C  CG1   . ILE A 1 68  ? -12.255 -4.067  3.853   1.00 12.24 ? 79  ILE A CG1   1 
ATOM   523 C  CG2   . ILE A 1 68  ? -13.206 -2.171  2.554   1.00 8.67  ? 79  ILE A CG2   1 
ATOM   524 C  CD1   . ILE A 1 68  ? -12.995 -5.125  3.040   1.00 11.01 ? 79  ILE A CD1   1 
ATOM   525 N  N     . VAL A 1 69  ? -9.912  -0.963  1.273   1.00 8.23  ? 80  VAL A N     1 
ATOM   526 C  CA    . VAL A 1 69  ? -9.653  0.197   0.421   1.00 6.29  ? 80  VAL A CA    1 
ATOM   527 C  C     . VAL A 1 69  ? -8.963  -0.272  -0.881  1.00 5.88  ? 80  VAL A C     1 
ATOM   528 O  O     . VAL A 1 69  ? -9.322  0.178   -1.963  1.00 9.05  ? 80  VAL A O     1 
ATOM   529 C  CB    . VAL A 1 69  ? -8.783  1.242   1.156   1.00 6.47  ? 80  VAL A CB    1 
ATOM   530 C  CG1   . VAL A 1 69  ? -8.259  2.300   0.179   1.00 4.97  ? 80  VAL A CG1   1 
ATOM   531 C  CG2   . VAL A 1 69  ? -9.593  1.889   2.266   1.00 2.92  ? 80  VAL A CG2   1 
ATOM   532 N  N     . GLY A 1 70  ? -8.040  -1.233  -0.781  1.00 5.22  ? 81  GLY A N     1 
ATOM   533 C  CA    . GLY A 1 70  ? -7.347  -1.728  -1.966  1.00 3.91  ? 81  GLY A CA    1 
ATOM   534 C  C     . GLY A 1 70  ? -8.352  -2.322  -2.930  1.00 5.41  ? 81  GLY A C     1 
ATOM   535 O  O     . GLY A 1 70  ? -8.274  -2.129  -4.138  1.00 6.54  ? 81  GLY A O     1 
ATOM   536 N  N     . LYS A 1 71  ? -9.323  -3.024  -2.373  1.00 5.74  ? 82  LYS A N     1 
ATOM   537 C  CA    . LYS A 1 71  ? -10.391 -3.667  -3.132  1.00 7.64  ? 82  LYS A CA    1 
ATOM   538 C  C     . LYS A 1 71  ? -11.317 -2.621  -3.786  1.00 9.70  ? 82  LYS A C     1 
ATOM   539 O  O     . LYS A 1 71  ? -11.726 -2.781  -4.939  1.00 11.53 ? 82  LYS A O     1 
ATOM   540 C  CB    . LYS A 1 71  ? -11.184 -4.603  -2.180  1.00 10.86 ? 82  LYS A CB    1 
ATOM   541 C  CG    . LYS A 1 71  ? -12.660 -4.815  -2.526  1.00 11.23 ? 82  LYS A CG    1 
ATOM   542 C  CD    . LYS A 1 71  ? -13.554 -4.714  -1.289  1.00 12.92 ? 82  LYS A CD    1 
ATOM   543 C  CE    . LYS A 1 71  ? -15.015 -4.957  -1.654  1.00 14.61 ? 82  LYS A CE    1 
ATOM   544 N  NZ    . LYS A 1 71  ? -15.982 -4.517  -0.608  1.00 19.01 ? 82  LYS A NZ    1 
ATOM   545 N  N     . LYS A 1 72  ? -11.626 -1.549  -3.062  1.00 8.76  ? 83  LYS A N     1 
ATOM   546 C  CA    . LYS A 1 72  ? -12.503 -0.497  -3.575  1.00 9.40  ? 83  LYS A CA    1 
ATOM   547 C  C     . LYS A 1 72  ? -11.825 0.337   -4.661  1.00 10.49 ? 83  LYS A C     1 
ATOM   548 O  O     . LYS A 1 72  ? -12.460 0.698   -5.667  1.00 10.89 ? 83  LYS A O     1 
ATOM   549 C  CB    . LYS A 1 72  ? -12.946 0.424   -2.445  1.00 11.00 ? 83  LYS A CB    1 
ATOM   550 C  CG    . LYS A 1 72  ? -13.913 -0.224  -1.468  1.00 14.42 ? 83  LYS A CG    1 
ATOM   551 C  CD    . LYS A 1 72  ? -14.092 0.663   -0.245  1.00 18.97 ? 83  LYS A CD    1 
ATOM   552 C  CE    . LYS A 1 72  ? -15.266 0.237   0.629   1.00 18.14 ? 83  LYS A CE    1 
ATOM   553 N  NZ    . LYS A 1 72  ? -15.340 1.135   1.834   1.00 25.13 ? 83  LYS A NZ    1 
ATOM   554 N  N     . CYS A 1 73  ? -10.537 0.621   -4.470  1.00 7.16  ? 84  CYS A N     1 
ATOM   555 C  CA    . CYS A 1 73  ? -9.782  1.396   -5.443  1.00 8.52  ? 84  CYS A CA    1 
ATOM   556 C  C     . CYS A 1 73  ? -9.564  0.608   -6.720  1.00 8.15  ? 84  CYS A C     1 
ATOM   557 O  O     . CYS A 1 73  ? -9.660  1.159   -7.815  1.00 8.23  ? 84  CYS A O     1 
ATOM   558 C  CB    . CYS A 1 73  ? -8.435  1.817   -4.864  1.00 6.72  ? 84  CYS A CB    1 
ATOM   559 S  SG    . CYS A 1 73  ? -8.607  3.108   -3.638  1.00 10.84 ? 84  CYS A SG    1 
ATOM   560 N  N     . ALA A 1 74  ? -9.262  -0.679  -6.563  1.00 7.08  ? 85  ALA A N     1 
ATOM   561 C  CA    . ALA A 1 74  ? -9.047  -1.561  -7.690  1.00 8.00  ? 85  ALA A CA    1 
ATOM   562 C  C     . ALA A 1 74  ? -10.330 -1.600  -8.504  1.00 10.32 ? 85  ALA A C     1 
ATOM   563 O  O     . ALA A 1 74  ? -10.287 -1.760  -9.719  1.00 13.09 ? 85  ALA A O     1 
ATOM   564 C  CB    . ALA A 1 74  ? -8.698  -2.943  -7.216  1.00 4.35  ? 85  ALA A CB    1 
ATOM   565 N  N     . ALA A 1 75  ? -11.471 -1.454  -7.835  1.00 12.50 ? 86  ALA A N     1 
ATOM   566 C  CA    . ALA A 1 75  ? -12.750 -1.459  -8.532  1.00 15.23 ? 86  ALA A CA    1 
ATOM   567 C  C     . ALA A 1 75  ? -12.867 -0.156  -9.308  1.00 18.45 ? 86  ALA A C     1 
ATOM   568 O  O     . ALA A 1 75  ? -13.223 -0.174  -10.479 1.00 23.00 ? 86  ALA A O     1 
ATOM   569 C  CB    . ALA A 1 75  ? -13.890 -1.603  -7.568  1.00 14.83 ? 86  ALA A CB    1 
ATOM   570 N  N     . ASP A 1 76  ? -12.516 0.963   -8.674  1.00 20.61 ? 87  ASP A N     1 
ATOM   571 C  CA    . ASP A 1 76  ? -12.561 2.279   -9.322  1.00 22.12 ? 87  ASP A CA    1 
ATOM   572 C  C     . ASP A 1 76  ? -11.669 2.335   -10.557 1.00 21.96 ? 87  ASP A C     1 
ATOM   573 O  O     . ASP A 1 76  ? -11.999 2.992   -11.542 1.00 25.10 ? 87  ASP A O     1 
ATOM   574 C  CB    . ASP A 1 76  ? -12.072 3.385   -8.378  1.00 26.59 ? 87  ASP A CB    1 
ATOM   575 C  CG    . ASP A 1 76  ? -13.088 3.784   -7.331  1.00 30.21 ? 87  ASP A CG    1 
ATOM   576 O  OD1   . ASP A 1 76  ? -14.231 3.244   -7.317  1.00 33.16 ? 87  ASP A OD1   1 
ATOM   577 O  OD2   . ASP A 1 76  ? -12.724 4.663   -6.510  1.00 33.72 ? 87  ASP A OD2   1 
ATOM   578 N  N     . LEU A 1 77  ? -10.508 1.700   -10.483 1.00 18.86 ? 88  LEU A N     1 
ATOM   579 C  CA    . LEU A 1 77  ? -9.574  1.725   -11.595 1.00 16.55 ? 88  LEU A CA    1 
ATOM   580 C  C     . LEU A 1 77  ? -9.888  0.726   -12.707 1.00 16.36 ? 88  LEU A C     1 
ATOM   581 O  O     . LEU A 1 77  ? -9.099  0.571   -13.637 1.00 20.36 ? 88  LEU A O     1 
ATOM   582 C  CB    . LEU A 1 77  ? -8.151  1.513   -11.078 1.00 15.56 ? 88  LEU A CB    1 
ATOM   583 C  CG    . LEU A 1 77  ? -7.631  2.533   -10.060 1.00 14.31 ? 88  LEU A CG    1 
ATOM   584 C  CD1   . LEU A 1 77  ? -6.252  2.125   -9.572  1.00 13.28 ? 88  LEU A CD1   1 
ATOM   585 C  CD2   . LEU A 1 77  ? -7.583  3.909   -10.694 1.00 11.24 ? 88  LEU A CD2   1 
ATOM   586 N  N     . GLY A 1 78  ? -11.018 0.036   -12.600 1.00 14.45 ? 89  GLY A N     1 
ATOM   587 C  CA    . GLY A 1 78  ? -11.418 -0.934  -13.610 1.00 15.08 ? 89  GLY A CA    1 
ATOM   588 C  C     . GLY A 1 78  ? -10.759 -2.314  -13.636 1.00 14.84 ? 89  GLY A C     1 
ATOM   589 O  O     . GLY A 1 78  ? -10.684 -2.950  -14.693 1.00 15.54 ? 89  GLY A O     1 
ATOM   590 N  N     . LEU A 1 79  ? -10.332 -2.822  -12.486 1.00 14.79 ? 90  LEU A N     1 
ATOM   591 C  CA    . LEU A 1 79  ? -9.691  -4.123  -12.467 1.00 15.00 ? 90  LEU A CA    1 
ATOM   592 C  C     . LEU A 1 79  ? -10.716 -5.239  -12.299 1.00 17.03 ? 90  LEU A C     1 
ATOM   593 O  O     . LEU A 1 79  ? -10.709 -5.979  -11.313 1.00 20.33 ? 90  LEU A O     1 
ATOM   594 C  CB    . LEU A 1 79  ? -8.602  -4.188  -11.396 1.00 14.72 ? 90  LEU A CB    1 
ATOM   595 C  CG    . LEU A 1 79  ? -7.443  -3.187  -11.496 1.00 12.85 ? 90  LEU A CG    1 
ATOM   596 C  CD1   . LEU A 1 79  ? -6.493  -3.442  -10.342 1.00 10.01 ? 90  LEU A CD1   1 
ATOM   597 C  CD2   . LEU A 1 79  ? -6.703  -3.286  -12.818 1.00 8.63  ? 90  LEU A CD2   1 
ATOM   598 N  N     . LYS A 1 80  ? -11.571 -5.368  -13.310 1.00 18.03 ? 91  LYS A N     1 
ATOM   599 C  CA    . LYS A 1 80  ? -12.631 -6.371  -13.361 1.00 19.11 ? 91  LYS A CA    1 
ATOM   600 C  C     . LYS A 1 80  ? -12.060 -7.792  -13.368 1.00 16.68 ? 91  LYS A C     1 
ATOM   601 O  O     . LYS A 1 80  ? -12.627 -8.696  -12.769 1.00 18.43 ? 91  LYS A O     1 
ATOM   602 C  CB    . LYS A 1 80  ? -13.470 -6.182  -14.645 1.00 25.61 ? 91  LYS A CB    1 
ATOM   603 C  CG    . LYS A 1 80  ? -13.938 -4.741  -14.925 1.00 34.12 ? 91  LYS A CG    1 
ATOM   604 C  CD    . LYS A 1 80  ? -15.120 -4.322  -14.033 1.00 41.15 ? 91  LYS A CD    1 
ATOM   605 C  CE    . LYS A 1 80  ? -15.210 -2.784  -13.837 1.00 44.33 ? 91  LYS A CE    1 
ATOM   606 N  NZ    . LYS A 1 80  ? -14.174 -2.221  -12.891 1.00 40.73 ? 91  LYS A NZ    1 
ATOM   607 N  N     . LYS A 1 81  ? -10.951 -7.982  -14.074 1.00 15.46 ? 92  LYS A N     1 
ATOM   608 C  CA    . LYS A 1 81  ? -10.325 -9.289  -14.195 1.00 13.26 ? 92  LYS A CA    1 
ATOM   609 C  C     . LYS A 1 81  ? -9.506  -9.783  -13.008 1.00 9.27  ? 92  LYS A C     1 
ATOM   610 O  O     . LYS A 1 81  ? -9.023  -10.901 -13.012 1.00 7.78  ? 92  LYS A O     1 
ATOM   611 C  CB    . LYS A 1 81  ? -9.479  -9.357  -15.461 1.00 16.97 ? 92  LYS A CB    1 
ATOM   612 C  CG    . LYS A 1 81  ? -10.212 -9.868  -16.683 1.00 21.56 ? 92  LYS A CG    1 
ATOM   613 C  CD    . LYS A 1 81  ? -9.225  -10.149 -17.802 1.00 30.31 ? 92  LYS A CD    1 
ATOM   614 C  CE    . LYS A 1 81  ? -9.750  -11.224 -18.765 1.00 37.65 ? 92  LYS A CE    1 
ATOM   615 N  NZ    . LYS A 1 81  ? -8.748  -11.555 -19.842 1.00 42.21 ? 92  LYS A NZ    1 
ATOM   616 N  N     . GLY A 1 82  ? -9.358  -8.966  -11.980 1.00 8.63  ? 93  GLY A N     1 
ATOM   617 C  CA    . GLY A 1 82  ? -8.605  -9.411  -10.828 1.00 6.55  ? 93  GLY A CA    1 
ATOM   618 C  C     . GLY A 1 82  ? -7.360  -8.595  -10.572 1.00 9.06  ? 93  GLY A C     1 
ATOM   619 O  O     . GLY A 1 82  ? -7.082  -7.606  -11.274 1.00 9.25  ? 93  GLY A O     1 
ATOM   620 N  N     . TYR A 1 83  ? -6.615  -9.025  -9.558  1.00 7.60  ? 94  TYR A N     1 
ATOM   621 C  CA    . TYR A 1 83  ? -5.395  -8.374  -9.146  1.00 7.06  ? 94  TYR A CA    1 
ATOM   622 C  C     . TYR A 1 83  ? -4.689  -9.225  -8.104  1.00 9.70  ? 94  TYR A C     1 
ATOM   623 O  O     . TYR A 1 83  ? -5.150  -10.321 -7.755  1.00 10.72 ? 94  TYR A O     1 
ATOM   624 C  CB    . TYR A 1 83  ? -5.721  -7.010  -8.545  1.00 7.10  ? 94  TYR A CB    1 
ATOM   625 C  CG    . TYR A 1 83  ? -6.891  -6.996  -7.580  1.00 8.95  ? 94  TYR A CG    1 
ATOM   626 C  CD1   . TYR A 1 83  ? -8.188  -6.754  -8.030  1.00 9.01  ? 94  TYR A CD1   1 
ATOM   627 C  CD2   . TYR A 1 83  ? -6.698  -7.166  -6.215  1.00 9.91  ? 94  TYR A CD2   1 
ATOM   628 C  CE1   . TYR A 1 83  ? -9.257  -6.669  -7.152  1.00 10.30 ? 94  TYR A CE1   1 
ATOM   629 C  CE2   . TYR A 1 83  ? -7.769  -7.082  -5.315  1.00 10.38 ? 94  TYR A CE2   1 
ATOM   630 C  CZ    . TYR A 1 83  ? -9.040  -6.832  -5.795  1.00 9.64  ? 94  TYR A CZ    1 
ATOM   631 O  OH    . TYR A 1 83  ? -10.111 -6.708  -4.928  1.00 12.66 ? 94  TYR A OH    1 
ATOM   632 N  N     . ARG A 1 84  ? -3.553  -8.722  -7.630  1.00 8.54  ? 95  ARG A N     1 
ATOM   633 C  CA    . ARG A 1 84  ? -2.757  -9.393  -6.611  1.00 5.59  ? 95  ARG A CA    1 
ATOM   634 C  C     . ARG A 1 84  ? -2.356  -8.353  -5.555  1.00 5.95  ? 95  ARG A C     1 
ATOM   635 O  O     . ARG A 1 84  ? -1.977  -7.239  -5.885  1.00 6.68  ? 95  ARG A O     1 
ATOM   636 C  CB    . ARG A 1 84  ? -1.500  -10.010 -7.229  1.00 2.48  ? 95  ARG A CB    1 
ATOM   637 C  CG    . ARG A 1 84  ? -0.542  -10.616 -6.194  1.00 3.44  ? 95  ARG A CG    1 
ATOM   638 C  CD    . ARG A 1 84  ? 0.543   -11.513 -6.825  1.00 2.01  ? 95  ARG A CD    1 
ATOM   639 N  NE    . ARG A 1 84  ? -0.041  -12.737 -7.366  1.00 4.42  ? 95  ARG A NE    1 
ATOM   640 C  CZ    . ARG A 1 84  ? 0.534   -13.528 -8.267  1.00 7.02  ? 95  ARG A CZ    1 
ATOM   641 N  NH1   . ARG A 1 84  ? 1.738   -13.237 -8.746  1.00 7.56  ? 95  ARG A NH1   1 
ATOM   642 N  NH2   . ARG A 1 84  ? -0.121  -14.582 -8.734  1.00 6.21  ? 95  ARG A NH2   1 
ATOM   643 N  N     . MET A 1 85  ? -2.510  -8.698  -4.284  1.00 6.14  ? 96  MET A N     1 
ATOM   644 C  CA    . MET A 1 85  ? -2.144  -7.793  -3.198  1.00 5.52  ? 96  MET A CA    1 
ATOM   645 C  C     . MET A 1 85  ? -0.886  -8.390  -2.584  1.00 6.12  ? 96  MET A C     1 
ATOM   646 O  O     . MET A 1 85  ? -0.804  -9.598  -2.371  1.00 6.29  ? 96  MET A O     1 
ATOM   647 C  CB    . MET A 1 85  ? -3.246  -7.710  -2.135  1.00 8.75  ? 96  MET A CB    1 
ATOM   648 C  CG    . MET A 1 85  ? -4.513  -7.005  -2.564  1.00 11.70 ? 96  MET A CG    1 
ATOM   649 S  SD    . MET A 1 85  ? -5.863  -7.019  -1.319  1.00 17.18 ? 96  MET A SD    1 
ATOM   650 C  CE    . MET A 1 85  ? -6.800  -5.609  -1.903  1.00 16.98 ? 96  MET A CE    1 
ATOM   651 N  N     . VAL A 1 86  ? 0.077   -7.539  -2.262  1.00 5.66  ? 97  VAL A N     1 
ATOM   652 C  CA    . VAL A 1 86  ? 1.351   -7.975  -1.710  1.00 5.28  ? 97  VAL A CA    1 
ATOM   653 C  C     . VAL A 1 86  ? 1.833   -7.078  -0.568  1.00 5.87  ? 97  VAL A C     1 
ATOM   654 O  O     . VAL A 1 86  ? 1.772   -5.848  -0.655  1.00 5.15  ? 97  VAL A O     1 
ATOM   655 C  CB    . VAL A 1 86  ? 2.458   -7.950  -2.834  1.00 5.51  ? 97  VAL A CB    1 
ATOM   656 C  CG1   . VAL A 1 86  ? 3.809   -8.336  -2.293  1.00 3.68  ? 97  VAL A CG1   1 
ATOM   657 C  CG2   . VAL A 1 86  ? 2.089   -8.868  -3.981  1.00 7.20  ? 97  VAL A CG2   1 
ATOM   658 N  N     . VAL A 1 87  ? 2.303   -7.696  0.505   1.00 6.37  ? 98  VAL A N     1 
ATOM   659 C  CA    . VAL A 1 87  ? 2.890   -6.941  1.606   1.00 7.09  ? 98  VAL A CA    1 
ATOM   660 C  C     . VAL A 1 87  ? 4.275   -7.562  1.724   1.00 6.96  ? 98  VAL A C     1 
ATOM   661 O  O     . VAL A 1 87  ? 4.391   -8.784  1.853   1.00 5.05  ? 98  VAL A O     1 
ATOM   662 C  CB    . VAL A 1 87  ? 2.172   -7.131  2.972   1.00 9.60  ? 98  VAL A CB    1 
ATOM   663 C  CG1   . VAL A 1 87  ? 2.978   -6.447  4.076   1.00 5.12  ? 98  VAL A CG1   1 
ATOM   664 C  CG2   . VAL A 1 87  ? 0.754   -6.568  2.934   1.00 9.27  ? 98  VAL A CG2   1 
ATOM   665 N  N     . ASN A 1 88  ? 5.313   -6.728  1.663   1.00 5.10  ? 99  ASN A N     1 
ATOM   666 C  CA    . ASN A 1 88  ? 6.690   -7.192  1.781   1.00 5.23  ? 99  ASN A CA    1 
ATOM   667 C  C     . ASN A 1 88  ? 7.193   -6.975  3.216   1.00 6.20  ? 99  ASN A C     1 
ATOM   668 O  O     . ASN A 1 88  ? 7.014   -5.913  3.789   1.00 9.30  ? 99  ASN A O     1 
ATOM   669 C  CB    . ASN A 1 88  ? 7.593   -6.464  0.776   1.00 6.83  ? 99  ASN A CB    1 
ATOM   670 C  CG    . ASN A 1 88  ? 7.278   -6.837  -0.673  1.00 8.40  ? 99  ASN A CG    1 
ATOM   671 O  OD1   . ASN A 1 88  ? 6.857   -7.949  -0.950  1.00 12.98 ? 99  ASN A OD1   1 
ATOM   672 N  ND2   . ASN A 1 88  ? 7.473   -5.909  -1.592  1.00 8.89  ? 99  ASN A ND2   1 
ATOM   673 N  N     . GLU A 1 89  ? 7.767   -8.004  3.821   1.00 6.75  ? 100 GLU A N     1 
ATOM   674 C  CA    . GLU A 1 89  ? 8.277   -7.886  5.170   1.00 7.81  ? 100 GLU A CA    1 
ATOM   675 C  C     . GLU A 1 89  ? 9.768   -8.208  5.253   1.00 9.12  ? 100 GLU A C     1 
ATOM   676 O  O     . GLU A 1 89  ? 10.188  -9.312  4.893   1.00 9.16  ? 100 GLU A O     1 
ATOM   677 C  CB    . GLU A 1 89  ? 7.509   -8.810  6.110   1.00 9.69  ? 100 GLU A CB    1 
ATOM   678 C  CG    . GLU A 1 89  ? 8.157   -9.029  7.491   1.00 9.93  ? 100 GLU A CG    1 
ATOM   679 C  CD    . GLU A 1 89  ? 8.043   -7.834  8.414   1.00 13.20 ? 100 GLU A CD    1 
ATOM   680 O  OE1   . GLU A 1 89  ? 7.051   -7.083  8.335   1.00 14.00 ? 100 GLU A OE1   1 
ATOM   681 O  OE2   . GLU A 1 89  ? 8.964   -7.648  9.234   1.00 19.29 ? 100 GLU A OE2   1 
ATOM   682 N  N     . GLY A 1 90  ? 10.548  -7.233  5.724   1.00 8.17  ? 101 GLY A N     1 
ATOM   683 C  CA    . GLY A 1 90  ? 11.974  -7.410  5.887   1.00 7.71  ? 101 GLY A CA    1 
ATOM   684 C  C     . GLY A 1 90  ? 12.812  -7.615  4.643   1.00 10.37 ? 101 GLY A C     1 
ATOM   685 O  O     . GLY A 1 90  ? 12.379  -7.369  3.522   1.00 12.15 ? 101 GLY A O     1 
ATOM   686 N  N     . SER A 1 91  ? 14.025  -8.108  4.876   1.00 11.69 ? 102 SER A N     1 
ATOM   687 C  CA    . SER A 1 91  ? 15.024  -8.365  3.854   1.00 10.21 ? 102 SER A CA    1 
ATOM   688 C  C     . SER A 1 91  ? 14.613  -9.408  2.822   1.00 8.33  ? 102 SER A C     1 
ATOM   689 O  O     . SER A 1 91  ? 14.690  -9.157  1.612   1.00 7.54  ? 102 SER A O     1 
ATOM   690 C  CB    . SER A 1 91  ? 16.327  -8.777  4.532   1.00 14.93 ? 102 SER A CB    1 
ATOM   691 O  OG    . SER A 1 91  ? 17.300  -9.132  3.567   1.00 23.26 ? 102 SER A OG    1 
ATOM   692 N  N     . ASP A 1 92  ? 14.170  -10.567 3.290   1.00 5.25  ? 103 ASP A N     1 
ATOM   693 C  CA    . ASP A 1 92  ? 13.749  -11.614 2.365   1.00 6.99  ? 103 ASP A CA    1 
ATOM   694 C  C     . ASP A 1 92  ? 12.473  -11.234 1.620   1.00 5.53  ? 103 ASP A C     1 
ATOM   695 O  O     . ASP A 1 92  ? 12.223  -11.729 0.532   1.00 5.97  ? 103 ASP A O     1 
ATOM   696 C  CB    . ASP A 1 92  ? 13.523  -12.939 3.096   1.00 5.93  ? 103 ASP A CB    1 
ATOM   697 C  CG    . ASP A 1 92  ? 14.797  -13.756 3.276   1.00 9.82  ? 103 ASP A CG    1 
ATOM   698 O  OD1   . ASP A 1 92  ? 15.885  -13.368 2.802   1.00 5.60  ? 103 ASP A OD1   1 
ATOM   699 O  OD2   . ASP A 1 92  ? 14.690  -14.824 3.913   1.00 8.93  ? 103 ASP A OD2   1 
ATOM   700 N  N     . GLY A 1 93  ? 11.648  -10.386 2.227   1.00 6.44  ? 104 GLY A N     1 
ATOM   701 C  CA    . GLY A 1 93  ? 10.407  -9.982  1.585   1.00 7.29  ? 104 GLY A CA    1 
ATOM   702 C  C     . GLY A 1 93  ? 10.629  -8.904  0.548   1.00 7.87  ? 104 GLY A C     1 
ATOM   703 O  O     . GLY A 1 93  ? 9.799   -8.693  -0.333  1.00 7.71  ? 104 GLY A O     1 
ATOM   704 N  N     . GLY A 1 94  ? 11.769  -8.228  0.630   1.00 9.08  ? 105 GLY A N     1 
ATOM   705 C  CA    . GLY A 1 94  ? 12.052  -7.170  -0.320  1.00 11.66 ? 105 GLY A CA    1 
ATOM   706 C  C     . GLY A 1 94  ? 11.593  -5.799  0.142   1.00 13.78 ? 105 GLY A C     1 
ATOM   707 O  O     . GLY A 1 94  ? 11.415  -4.907  -0.687  1.00 14.38 ? 105 GLY A O     1 
ATOM   708 N  N     . GLN A 1 95  ? 11.390  -5.623  1.450   1.00 10.42 ? 106 GLN A N     1 
ATOM   709 C  CA    . GLN A 1 95  ? 10.958  -4.332  1.987   1.00 13.12 ? 106 GLN A CA    1 
ATOM   710 C  C     . GLN A 1 95  ? 12.108  -3.327  1.950   1.00 13.61 ? 106 GLN A C     1 
ATOM   711 O  O     . GLN A 1 95  ? 13.194  -3.588  2.476   1.00 15.50 ? 106 GLN A O     1 
ATOM   712 C  CB    . GLN A 1 95  ? 10.463  -4.466  3.432   1.00 12.86 ? 106 GLN A CB    1 
ATOM   713 C  CG    . GLN A 1 95  ? 9.871   -3.179  4.041   1.00 10.19 ? 106 GLN A CG    1 
ATOM   714 C  CD    . GLN A 1 95  ? 9.213   -3.414  5.393   1.00 9.56  ? 106 GLN A CD    1 
ATOM   715 O  OE1   . GLN A 1 95  ? 9.358   -4.486  5.986   1.00 7.13  ? 106 GLN A OE1   1 
ATOM   716 N  NE2   . GLN A 1 95  ? 8.466   -2.419  5.882   1.00 9.65  ? 106 GLN A NE2   1 
ATOM   717 N  N     . SER A 1 96  ? 11.875  -2.194  1.305   1.00 12.85 ? 107 SER A N     1 
ATOM   718 C  CA    . SER A 1 96  ? 12.896  -1.163  1.216   1.00 15.35 ? 107 SER A CA    1 
ATOM   719 C  C     . SER A 1 96  ? 12.450  0.099   1.947   1.00 13.66 ? 107 SER A C     1 
ATOM   720 O  O     . SER A 1 96  ? 13.277  0.941   2.336   1.00 13.92 ? 107 SER A O     1 
ATOM   721 C  CB    . SER A 1 96  ? 13.271  -0.879  -0.241  1.00 14.11 ? 107 SER A CB    1 
ATOM   722 O  OG    . SER A 1 96  ? 12.139  -0.580  -1.033  1.00 23.85 ? 107 SER A OG    1 
ATOM   723 N  N     . VAL A 1 97  ? 11.139  0.220   2.141   1.00 10.46 ? 108 VAL A N     1 
ATOM   724 C  CA    . VAL A 1 97  ? 10.589  1.358   2.865   1.00 8.51  ? 108 VAL A CA    1 
ATOM   725 C  C     . VAL A 1 97  ? 9.935   0.829   4.141   1.00 6.62  ? 108 VAL A C     1 
ATOM   726 O  O     . VAL A 1 97  ? 9.010   0.033   4.097   1.00 4.88  ? 108 VAL A O     1 
ATOM   727 C  CB    . VAL A 1 97  ? 9.590   2.168   2.011   1.00 8.14  ? 108 VAL A CB    1 
ATOM   728 C  CG1   . VAL A 1 97  ? 9.052   3.381   2.806   1.00 7.50  ? 108 VAL A CG1   1 
ATOM   729 C  CG2   . VAL A 1 97  ? 10.268  2.625   0.728   1.00 8.31  ? 108 VAL A CG2   1 
ATOM   730 N  N     . TYR A 1 98  ? 10.440  1.282   5.284   1.00 7.48  ? 109 TYR A N     1 
ATOM   731 C  CA    . TYR A 1 98  ? 9.927   0.830   6.575   1.00 10.05 ? 109 TYR A CA    1 
ATOM   732 C  C     . TYR A 1 98  ? 8.709   1.533   7.174   1.00 9.20  ? 109 TYR A C     1 
ATOM   733 O  O     . TYR A 1 98  ? 8.745   2.094   8.265   1.00 8.56  ? 109 TYR A O     1 
ATOM   734 C  CB    . TYR A 1 98  ? 11.080  0.660   7.567   1.00 11.36 ? 109 TYR A CB    1 
ATOM   735 C  CG    . TYR A 1 98  ? 11.883  -0.614  7.246   1.00 17.84 ? 109 TYR A CG    1 
ATOM   736 C  CD1   . TYR A 1 98  ? 12.843  -0.642  6.222   1.00 18.99 ? 109 TYR A CD1   1 
ATOM   737 C  CD2   . TYR A 1 98  ? 11.600  -1.811  7.899   1.00 19.28 ? 109 TYR A CD2   1 
ATOM   738 C  CE1   . TYR A 1 98  ? 13.482  -1.829  5.864   1.00 21.53 ? 109 TYR A CE1   1 
ATOM   739 C  CE2   . TYR A 1 98  ? 12.229  -2.993  7.555   1.00 22.74 ? 109 TYR A CE2   1 
ATOM   740 C  CZ    . TYR A 1 98  ? 13.162  -3.004  6.539   1.00 24.24 ? 109 TYR A CZ    1 
ATOM   741 O  OH    . TYR A 1 98  ? 13.761  -4.218  6.211   1.00 29.91 ? 109 TYR A OH    1 
ATOM   742 N  N     . HIS A 1 99  ? 7.614   1.436   6.435   1.00 8.15  ? 110 HIS A N     1 
ATOM   743 C  CA    . HIS A 1 99  ? 6.317   1.984   6.802   1.00 8.98  ? 110 HIS A CA    1 
ATOM   744 C  C     . HIS A 1 99  ? 5.390   1.025   6.073   1.00 9.97  ? 110 HIS A C     1 
ATOM   745 O  O     . HIS A 1 99  ? 5.442   0.922   4.848   1.00 13.93 ? 110 HIS A O     1 
ATOM   746 C  CB    . HIS A 1 99  ? 6.126   3.414   6.250   1.00 7.90  ? 110 HIS A CB    1 
ATOM   747 C  CG    . HIS A 1 99  ? 4.827   4.072   6.655   1.00 8.89  ? 110 HIS A CG    1 
ATOM   748 N  ND1   . HIS A 1 99  ? 4.771   5.161   7.500   1.00 10.08 ? 110 HIS A ND1   1 
ATOM   749 C  CD2   . HIS A 1 99  ? 3.551   3.810   6.304   1.00 8.09  ? 110 HIS A CD2   1 
ATOM   750 C  CE1   . HIS A 1 99  ? 3.515   5.538   7.652   1.00 11.23 ? 110 HIS A CE1   1 
ATOM   751 N  NE2   . HIS A 1 99  ? 2.752   4.739   6.936   1.00 7.75  ? 110 HIS A NE2   1 
ATOM   752 N  N     . VAL A 1 100 ? 4.612   0.268   6.838   1.00 10.87 ? 111 VAL A N     1 
ATOM   753 C  CA    . VAL A 1 100 ? 3.684   -0.702  6.303   1.00 10.25 ? 111 VAL A CA    1 
ATOM   754 C  C     . VAL A 1 100 ? 2.891   -0.186  5.101   1.00 10.27 ? 111 VAL A C     1 
ATOM   755 O  O     . VAL A 1 100 ? 2.314   0.895   5.140   1.00 11.47 ? 111 VAL A O     1 
ATOM   756 C  CB    . VAL A 1 100 ? 2.702   -1.164  7.395   1.00 12.45 ? 111 VAL A CB    1 
ATOM   757 C  CG1   . VAL A 1 100 ? 1.622   -2.022  6.785   1.00 16.19 ? 111 VAL A CG1   1 
ATOM   758 C  CG2   . VAL A 1 100 ? 3.434   -1.950  8.453   1.00 14.70 ? 111 VAL A CG2   1 
ATOM   759 N  N     . HIS A 1 101 ? 2.930   -0.950  4.019   1.00 11.20 ? 112 HIS A N     1 
ATOM   760 C  CA    . HIS A 1 101 ? 2.194   -0.625  2.808   1.00 9.86  ? 112 HIS A CA    1 
ATOM   761 C  C     . HIS A 1 101 ? 1.729   -1.893  2.092   1.00 8.18  ? 112 HIS A C     1 
ATOM   762 O  O     . HIS A 1 101 ? 2.335   -2.955  2.207   1.00 7.88  ? 112 HIS A O     1 
ATOM   763 C  CB    . HIS A 1 101 ? 3.013   0.261   1.868   1.00 8.01  ? 112 HIS A CB    1 
ATOM   764 C  CG    . HIS A 1 101 ? 4.375   -0.265  1.561   1.00 8.29  ? 112 HIS A CG    1 
ATOM   765 N  ND1   . HIS A 1 101 ? 5.423   -0.184  2.449   1.00 10.37 ? 112 HIS A ND1   1 
ATOM   766 C  CD2   . HIS A 1 101 ? 4.878   -0.846  0.445   1.00 8.64  ? 112 HIS A CD2   1 
ATOM   767 C  CE1   . HIS A 1 101 ? 6.513   -0.685  1.897   1.00 11.39 ? 112 HIS A CE1   1 
ATOM   768 N  NE2   . HIS A 1 101 ? 6.207   -1.092  0.681   1.00 7.68  ? 112 HIS A NE2   1 
ATOM   769 N  N     . LEU A 1 102 ? 0.628   -1.767  1.369   1.00 8.06  ? 113 LEU A N     1 
ATOM   770 C  CA    . LEU A 1 102 ? 0.061   -2.882  0.627   1.00 7.43  ? 113 LEU A CA    1 
ATOM   771 C  C     . LEU A 1 102 ? 0.140   -2.549  -0.863  1.00 5.35  ? 113 LEU A C     1 
ATOM   772 O  O     . LEU A 1 102 ? -0.222  -1.442  -1.259  1.00 4.96  ? 113 LEU A O     1 
ATOM   773 C  CB    . LEU A 1 102 ? -1.399  -3.045  1.036   1.00 6.50  ? 113 LEU A CB    1 
ATOM   774 C  CG    . LEU A 1 102 ? -2.267  -4.095  0.356   1.00 10.00 ? 113 LEU A CG    1 
ATOM   775 C  CD1   . LEU A 1 102 ? -1.967  -5.453  0.964   1.00 7.84  ? 113 LEU A CD1   1 
ATOM   776 C  CD2   . LEU A 1 102 ? -3.735  -3.734  0.585   1.00 8.93  ? 113 LEU A CD2   1 
ATOM   777 N  N     . HIS A 1 103 ? 0.690   -3.469  -1.659  1.00 5.23  ? 114 HIS A N     1 
ATOM   778 C  CA    . HIS A 1 103 ? 0.793   -3.301  -3.109  1.00 3.82  ? 114 HIS A CA    1 
ATOM   779 C  C     . HIS A 1 103 ? -0.463  -3.910  -3.747  1.00 6.35  ? 114 HIS A C     1 
ATOM   780 O  O     . HIS A 1 103 ? -0.939  -4.952  -3.315  1.00 7.20  ? 114 HIS A O     1 
ATOM   781 C  CB    . HIS A 1 103 ? 2.010   -4.054  -3.699  1.00 4.44  ? 114 HIS A CB    1 
ATOM   782 C  CG    . HIS A 1 103 ? 3.348   -3.512  -3.294  1.00 2.85  ? 114 HIS A CG    1 
ATOM   783 N  ND1   . HIS A 1 103 ? 4.096   -2.719  -4.144  1.00 7.52  ? 114 HIS A ND1   1 
ATOM   784 C  CD2   . HIS A 1 103 ? 4.087   -3.799  -2.196  1.00 3.44  ? 114 HIS A CD2   1 
ATOM   785 C  CE1   . HIS A 1 103 ? 5.264   -2.549  -3.551  1.00 4.41  ? 114 HIS A CE1   1 
ATOM   786 N  NE2   . HIS A 1 103 ? 5.308   -3.180  -2.372  1.00 11.34 ? 114 HIS A NE2   1 
ATOM   787 N  N     . VAL A 1 104 ? -1.063  -3.214  -4.708  1.00 4.82  ? 115 VAL A N     1 
ATOM   788 C  CA    . VAL A 1 104 ? -2.191  -3.773  -5.432  1.00 4.12  ? 115 VAL A CA    1 
ATOM   789 C  C     . VAL A 1 104 ? -1.809  -3.663  -6.913  1.00 7.60  ? 115 VAL A C     1 
ATOM   790 O  O     . VAL A 1 104 ? -1.677  -2.552  -7.453  1.00 5.90  ? 115 VAL A O     1 
ATOM   791 C  CB    . VAL A 1 104 ? -3.515  -3.059  -5.177  1.00 4.96  ? 115 VAL A CB    1 
ATOM   792 C  CG1   . VAL A 1 104 ? -4.634  -3.760  -5.958  1.00 2.06  ? 115 VAL A CG1   1 
ATOM   793 C  CG2   . VAL A 1 104 ? -3.826  -3.060  -3.659  1.00 2.67  ? 115 VAL A CG2   1 
ATOM   794 N  N     . LEU A 1 105 ? -1.552  -4.815  -7.539  1.00 6.01  ? 116 LEU A N     1 
ATOM   795 C  CA    . LEU A 1 105 ? -1.158  -4.875  -8.949  1.00 7.98  ? 116 LEU A CA    1 
ATOM   796 C  C     . LEU A 1 105 ? -2.209  -5.572  -9.824  1.00 8.64  ? 116 LEU A C     1 
ATOM   797 O  O     . LEU A 1 105 ? -2.745  -6.619  -9.443  1.00 10.85 ? 116 LEU A O     1 
ATOM   798 C  CB    . LEU A 1 105 ? 0.185   -5.603  -9.114  1.00 6.72  ? 116 LEU A CB    1 
ATOM   799 C  CG    . LEU A 1 105 ? 1.474   -5.171  -8.427  1.00 8.17  ? 116 LEU A CG    1 
ATOM   800 C  CD1   . LEU A 1 105 ? 1.580   -5.775  -7.038  1.00 10.37 ? 116 LEU A CD1   1 
ATOM   801 C  CD2   . LEU A 1 105 ? 2.624   -5.648  -9.273  1.00 9.18  ? 116 LEU A CD2   1 
ATOM   802 N  N     . GLY A 1 106 ? -2.468  -5.022  -11.009 1.00 8.01  ? 117 GLY A N     1 
ATOM   803 C  CA    . GLY A 1 106 ? -3.440  -5.625  -11.908 1.00 5.62  ? 117 GLY A CA    1 
ATOM   804 C  C     . GLY A 1 106 ? -3.273  -5.108  -13.321 1.00 5.14  ? 117 GLY A C     1 
ATOM   805 O  O     . GLY A 1 106 ? -2.319  -4.402  -13.616 1.00 5.22  ? 117 GLY A O     1 
ATOM   806 N  N     . GLY A 1 107 ? -4.193  -5.472  -14.204 1.00 4.45  ? 118 GLY A N     1 
ATOM   807 C  CA    . GLY A 1 107 ? -4.101  -4.998  -15.573 1.00 6.39  ? 118 GLY A CA    1 
ATOM   808 C  C     . GLY A 1 107 ? -3.420  -5.960  -16.511 1.00 5.90  ? 118 GLY A C     1 
ATOM   809 O  O     . GLY A 1 107 ? -3.344  -5.697  -17.701 1.00 8.60  ? 118 GLY A O     1 
ATOM   810 N  N     . ARG A 1 108 ? -2.859  -7.031  -15.956 1.00 7.50  ? 119 ARG A N     1 
ATOM   811 C  CA    . ARG A 1 108 ? -2.197  -8.083  -16.716 1.00 6.27  ? 119 ARG A CA    1 
ATOM   812 C  C     . ARG A 1 108 ? -2.302  -9.354  -15.888 1.00 8.56  ? 119 ARG A C     1 
ATOM   813 O  O     . ARG A 1 108 ? -2.726  -9.328  -14.730 1.00 9.03  ? 119 ARG A O     1 
ATOM   814 C  CB    . ARG A 1 108 ? -0.706  -7.782  -16.970 1.00 8.21  ? 119 ARG A CB    1 
ATOM   815 C  CG    . ARG A 1 108 ? 0.198   -7.739  -15.731 1.00 4.25  ? 119 ARG A CG    1 
ATOM   816 C  CD    . ARG A 1 108 ? 1.676   -7.740  -16.142 1.00 5.73  ? 119 ARG A CD    1 
ATOM   817 N  NE    . ARG A 1 108 ? 2.594   -7.493  -15.027 1.00 7.08  ? 119 ARG A NE    1 
ATOM   818 C  CZ    . ARG A 1 108 ? 3.047   -8.439  -14.213 1.00 10.15 ? 119 ARG A CZ    1 
ATOM   819 N  NH1   . ARG A 1 108 ? 2.666   -9.700  -14.381 1.00 8.64  ? 119 ARG A NH1   1 
ATOM   820 N  NH2   . ARG A 1 108 ? 3.882   -8.131  -13.232 1.00 11.52 ? 119 ARG A NH2   1 
ATOM   821 N  N     . GLN A 1 109 ? -1.945  -10.471 -16.492 1.00 6.09  ? 120 GLN A N     1 
ATOM   822 C  CA    . GLN A 1 109 ? -1.997  -11.722 -15.796 1.00 6.45  ? 120 GLN A CA    1 
ATOM   823 C  C     . GLN A 1 109 ? -0.783  -11.787 -14.863 1.00 7.73  ? 120 GLN A C     1 
ATOM   824 O  O     . GLN A 1 109 ? 0.337   -11.481 -15.280 1.00 9.40  ? 120 GLN A O     1 
ATOM   825 C  CB    . GLN A 1 109 ? -1.964  -12.871 -16.814 1.00 7.03  ? 120 GLN A CB    1 
ATOM   826 C  CG    . GLN A 1 109 ? -1.792  -14.260 -16.198 1.00 8.86  ? 120 GLN A CG    1 
ATOM   827 C  CD    . GLN A 1 109 ? -3.038  -14.749 -15.505 1.00 8.31  ? 120 GLN A CD    1 
ATOM   828 O  OE1   . GLN A 1 109 ? -4.086  -14.877 -16.136 1.00 15.64 ? 120 GLN A OE1   1 
ATOM   829 N  NE2   . GLN A 1 109 ? -2.932  -15.046 -14.215 1.00 6.50  ? 120 GLN A NE2   1 
ATOM   830 N  N     . MET A 1 110 ? -1.009  -12.135 -13.600 1.00 5.91  ? 121 MET A N     1 
ATOM   831 C  CA    . MET A 1 110 ? 0.071   -12.271 -12.639 1.00 6.56  ? 121 MET A CA    1 
ATOM   832 C  C     . MET A 1 110 ? 0.528   -13.730 -12.672 1.00 8.12  ? 121 MET A C     1 
ATOM   833 O  O     . MET A 1 110 ? -0.282  -14.654 -12.857 1.00 6.71  ? 121 MET A O     1 
ATOM   834 C  CB    . MET A 1 110 ? -0.386  -11.856 -11.232 1.00 8.70  ? 121 MET A CB    1 
ATOM   835 C  CG    . MET A 1 110 ? -0.908  -10.407 -11.151 1.00 9.28  ? 121 MET A CG    1 
ATOM   836 S  SD    . MET A 1 110 ? 0.266   -9.168  -11.766 1.00 9.39  ? 121 MET A SD    1 
ATOM   837 C  CE    . MET A 1 110 ? 1.406   -9.097  -10.383 1.00 7.66  ? 121 MET A CE    1 
ATOM   838 N  N     . ASN A 1 111 ? 1.836   -13.931 -12.550 1.00 9.08  ? 122 ASN A N     1 
ATOM   839 C  CA    . ASN A 1 111 ? 2.425   -15.260 -12.605 1.00 10.46 ? 122 ASN A CA    1 
ATOM   840 C  C     . ASN A 1 111 ? 2.656   -15.885 -11.286 1.00 9.04  ? 122 ASN A C     1 
ATOM   841 O  O     . ASN A 1 111 ? 2.508   -15.264 -10.252 1.00 7.98  ? 122 ASN A O     1 
ATOM   842 C  CB    . ASN A 1 111 ? 3.759   -15.222 -13.330 1.00 16.13 ? 122 ASN A CB    1 
ATOM   843 C  CG    . ASN A 1 111 ? 3.609   -15.459 -14.797 1.00 26.49 ? 122 ASN A CG    1 
ATOM   844 O  OD1   . ASN A 1 111 ? 3.635   -16.610 -15.248 1.00 30.76 ? 122 ASN A OD1   1 
ATOM   845 N  ND2   . ASN A 1 111 ? 3.402   -14.377 -15.566 1.00 28.49 ? 122 ASN A ND2   1 
ATOM   846 N  N     . TRP A 1 112 ? 3.116   -17.118 -11.332 1.00 9.24  ? 123 TRP A N     1 
ATOM   847 C  CA    . TRP A 1 112 ? 3.395   -17.858 -10.119 1.00 11.09 ? 123 TRP A CA    1 
ATOM   848 C  C     . TRP A 1 112 ? 4.758   -18.494 -10.390 1.00 10.46 ? 123 TRP A C     1 
ATOM   849 O  O     . TRP A 1 112 ? 5.018   -19.002 -11.485 1.00 12.08 ? 123 TRP A O     1 
ATOM   850 C  CB    . TRP A 1 112 ? 2.310   -18.945 -9.898  1.00 8.52  ? 123 TRP A CB    1 
ATOM   851 C  CG    . TRP A 1 112 ? 2.107   -19.348 -8.431  1.00 7.89  ? 123 TRP A CG    1 
ATOM   852 C  CD1   . TRP A 1 112 ? 2.332   -20.570 -7.881  1.00 8.71  ? 123 TRP A CD1   1 
ATOM   853 C  CD2   . TRP A 1 112 ? 1.656   -18.501 -7.360  1.00 4.51  ? 123 TRP A CD2   1 
ATOM   854 N  NE1   . TRP A 1 112 ? 2.064   -20.546 -6.531  1.00 6.55  ? 123 TRP A NE1   1 
ATOM   855 C  CE2   . TRP A 1 112 ? 1.645   -19.284 -6.185  1.00 7.09  ? 123 TRP A CE2   1 
ATOM   856 C  CE3   . TRP A 1 112 ? 1.275   -17.161 -7.265  1.00 5.23  ? 123 TRP A CE3   1 
ATOM   857 C  CZ2   . TRP A 1 112 ? 1.261   -18.768 -4.935  1.00 7.73  ? 123 TRP A CZ2   1 
ATOM   858 C  CZ3   . TRP A 1 112 ? 0.895   -16.645 -6.028  1.00 8.40  ? 123 TRP A CZ3   1 
ATOM   859 C  CH2   . TRP A 1 112 ? 0.894   -17.444 -4.883  1.00 4.23  ? 123 TRP A CH2   1 
ATOM   860 N  N     . PRO A 1 113 ? 5.653   -18.502 -9.392  1.00 8.80  ? 124 PRO A N     1 
ATOM   861 C  CA    . PRO A 1 113 ? 5.530   -17.982 -8.020  1.00 7.99  ? 124 PRO A CA    1 
ATOM   862 C  C     . PRO A 1 113 ? 5.497   -16.472 -7.970  1.00 6.58  ? 124 PRO A C     1 
ATOM   863 O  O     . PRO A 1 113 ? 5.859   -15.797 -8.925  1.00 8.47  ? 124 PRO A O     1 
ATOM   864 C  CB    . PRO A 1 113 ? 6.779   -18.550 -7.340  1.00 8.58  ? 124 PRO A CB    1 
ATOM   865 C  CG    . PRO A 1 113 ? 7.779   -18.535 -8.479  1.00 6.46  ? 124 PRO A CG    1 
ATOM   866 C  CD    . PRO A 1 113 ? 6.980   -19.088 -9.625  1.00 6.66  ? 124 PRO A CD    1 
ATOM   867 N  N     . PRO A 1 114 ? 5.049   -15.917 -6.844  1.00 7.71  ? 125 PRO A N     1 
ATOM   868 C  CA    . PRO A 1 114 ? 4.998   -14.452 -6.766  1.00 7.78  ? 125 PRO A CA    1 
ATOM   869 C  C     . PRO A 1 114 ? 6.378   -13.883 -6.378  1.00 8.07  ? 125 PRO A C     1 
ATOM   870 O  O     . PRO A 1 114 ? 6.528   -13.225 -5.338  1.00 8.99  ? 125 PRO A O     1 
ATOM   871 C  CB    . PRO A 1 114 ? 3.941   -14.235 -5.672  1.00 5.96  ? 125 PRO A CB    1 
ATOM   872 C  CG    . PRO A 1 114 ? 4.223   -15.359 -4.712  1.00 4.84  ? 125 PRO A CG    1 
ATOM   873 C  CD    . PRO A 1 114 ? 4.505   -16.550 -5.628  1.00 4.21  ? 125 PRO A CD    1 
ATOM   874 N  N     . GLY A 1 115 ? 7.364   -14.075 -7.253  1.00 8.07  ? 126 GLY A N     1 
ATOM   875 C  CA    . GLY A 1 115 ? 8.723   -13.655 -6.955  1.00 6.10  ? 126 GLY A CA    1 
ATOM   876 C  C     . GLY A 1 115 ? 9.423   -14.790 -6.207  1.00 5.81  ? 126 GLY A C     1 
ATOM   877 O  O     . GLY A 1 115 ? 8.907   -15.918 -6.152  1.00 5.29  ? 126 GLY A O     1 
ATOM   878 O  OXT   . GLY A 1 115 ? 10.494  -14.572 -5.643  1.00 7.97  ? 126 GLY A OXT   1 
HETATM 879 P  P     . 8BR B 2 .   ? 8.811   -2.307  -0.916  1.00 42.62 ? 201 8BR A P     1 
HETATM 880 O  O1P   . 8BR B 2 .   ? 9.830   -2.646  -1.981  1.00 43.93 ? 201 8BR A O1P   1 
HETATM 881 O  O2P   . 8BR B 2 .   ? 9.309   -1.555  0.294   1.00 38.15 ? 201 8BR A O2P   1 
HETATM 882 O  O3P   . 8BR B 2 .   ? 7.779   -3.355  -0.632  1.00 40.86 ? 201 8BR A O3P   1 
HETATM 883 O  "O5'" . 8BR B 2 .   ? 7.925   -1.191  -1.674  1.00 40.28 ? 201 8BR A "O5'" 1 
HETATM 884 C  "C5'" . 8BR B 2 .   ? 8.535   0.093   -2.022  1.00 28.55 ? 201 8BR A "C5'" 1 
HETATM 885 C  "C4'" . 8BR B 2 .   ? 7.740   0.675   -3.161  1.00 22.31 ? 201 8BR A "C4'" 1 
HETATM 886 O  "O4'" . 8BR B 2 .   ? 7.597   2.124   -3.016  1.00 16.05 ? 201 8BR A "O4'" 1 
HETATM 887 C  "C3'" . 8BR B 2 .   ? 8.371   0.468   -4.574  1.00 16.18 ? 201 8BR A "C3'" 1 
HETATM 888 O  "O3'" . 8BR B 2 .   ? 7.416   -0.221  -5.453  1.00 12.71 ? 201 8BR A "O3'" 1 
HETATM 889 C  "C2'" . 8BR B 2 .   ? 8.633   1.891   -5.108  1.00 15.55 ? 201 8BR A "C2'" 1 
HETATM 890 O  "O2'" . 8BR B 2 .   ? 8.524   2.057   -6.489  1.00 16.68 ? 201 8BR A "O2'" 1 
HETATM 891 C  "C1'" . 8BR B 2 .   ? 7.614   2.682   -4.284  1.00 16.41 ? 201 8BR A "C1'" 1 
HETATM 892 N  N9    . 8BR B 2 .   ? 7.918   4.133   -4.155  1.00 18.47 ? 201 8BR A N9    1 
HETATM 893 C  C8    . 8BR B 2 .   ? 9.008   4.720   -3.475  1.00 17.62 ? 201 8BR A C8    1 
HETATM 894 BR BR8   . 8BR B 2 .   ? 10.451  3.799   -2.737  1.00 23.95 ? 201 8BR A BR8   1 
HETATM 895 N  N7    . 8BR B 2 .   ? 8.897   6.051   -3.389  1.00 17.99 ? 201 8BR A N7    1 
HETATM 896 C  C5    . 8BR B 2 .   ? 7.698   6.306   -3.952  1.00 19.64 ? 201 8BR A C5    1 
HETATM 897 C  C6    . 8BR B 2 .   ? 7.052   7.502   -4.208  1.00 18.19 ? 201 8BR A C6    1 
HETATM 898 N  N6    . 8BR B 2 .   ? 7.598   8.696   -3.893  1.00 20.00 ? 201 8BR A N6    1 
HETATM 899 N  N1    . 8BR B 2 .   ? 5.851   7.465   -4.816  1.00 21.20 ? 201 8BR A N1    1 
HETATM 900 C  C2    . 8BR B 2 .   ? 5.306   6.268   -5.253  1.00 18.62 ? 201 8BR A C2    1 
HETATM 901 N  N3    . 8BR B 2 .   ? 5.751   5.113   -4.865  1.00 18.75 ? 201 8BR A N3    1 
HETATM 902 C  C4    . 8BR B 2 .   ? 7.013   5.111   -4.375  1.00 17.13 ? 201 8BR A C4    1 
HETATM 903 O  O     . HOH C 3 .   ? -4.420  -3.781  -19.353 1.00 13.27 ? 211 HOH A O     1 
HETATM 904 O  O     . HOH C 3 .   ? -6.634  -7.075  -13.882 1.00 3.33  ? 212 HOH A O     1 
HETATM 905 O  O     . HOH C 3 .   ? 16.265  -16.965 4.399   1.00 19.96 ? 213 HOH A O     1 
HETATM 906 O  O     . HOH C 3 .   ? 4.973   -4.110  0.924   1.00 17.53 ? 214 HOH A O     1 
HETATM 907 O  O     . HOH C 3 .   ? -3.774  4.965   10.364  1.00 14.40 ? 215 HOH A O     1 
HETATM 908 O  O     . HOH C 3 .   ? 3.361   20.617  -0.730  1.00 17.16 ? 216 HOH A O     1 
HETATM 909 O  O     . HOH C 3 .   ? -1.330  -6.298  -20.007 1.00 15.40 ? 217 HOH A O     1 
HETATM 910 O  O     . HOH C 3 .   ? -8.720  -5.770  -15.379 1.00 26.76 ? 218 HOH A O     1 
HETATM 911 O  O     . HOH C 3 .   ? 5.249   -3.094  4.219   1.00 11.00 ? 219 HOH A O     1 
HETATM 912 O  O     . HOH C 3 .   ? -0.748  2.495   -11.776 1.00 20.27 ? 220 HOH A O     1 
HETATM 913 O  O     . HOH C 3 .   ? -6.282  -13.849 -16.787 1.00 25.65 ? 221 HOH A O     1 
HETATM 914 O  O     . HOH C 3 .   ? 12.799  3.371   5.463   1.00 27.32 ? 222 HOH A O     1 
HETATM 915 O  O     . HOH C 3 .   ? -12.151 -5.316  -6.289  1.00 10.98 ? 223 HOH A O     1 
HETATM 916 O  O     . HOH C 3 .   ? -10.425 0.598   11.085  1.00 41.22 ? 224 HOH A O     1 
HETATM 917 O  O     . HOH C 3 .   ? -8.325  -3.998  15.616  1.00 14.48 ? 225 HOH A O     1 
HETATM 918 O  O     . HOH C 3 .   ? -0.243  -10.119 -19.905 1.00 32.10 ? 226 HOH A O     1 
HETATM 919 O  O     . HOH C 3 .   ? 1.702   3.470   -11.092 1.00 33.21 ? 227 HOH A O     1 
HETATM 920 O  O     . HOH C 3 .   ? 18.293  -14.557 1.640   1.00 29.78 ? 228 HOH A O     1 
HETATM 921 O  O     . HOH C 3 .   ? 6.166   -5.071  6.379   1.00 16.59 ? 229 HOH A O     1 
HETATM 922 O  O     . HOH C 3 .   ? 12.409  6.047   3.539   1.00 16.07 ? 230 HOH A O     1 
HETATM 923 O  O     . HOH C 3 .   ? -7.378  -1.157  14.118  1.00 21.61 ? 231 HOH A O     1 
HETATM 924 O  O     . HOH C 3 .   ? 14.774  11.863  16.846  1.00 62.42 ? 232 HOH A O     1 
HETATM 925 O  O     . HOH C 3 .   ? 1.485   -0.446  16.099  1.00 23.33 ? 233 HOH A O     1 
HETATM 926 O  O     . HOH C 3 .   ? 14.783  -8.459  8.018   1.00 22.47 ? 234 HOH A O     1 
HETATM 927 O  O     . HOH C 3 .   ? -4.874  -1.639  -15.704 1.00 33.13 ? 235 HOH A O     1 
HETATM 928 O  O     . HOH C 3 .   ? 3.243   -4.562  -16.931 1.00 44.53 ? 236 HOH A O     1 
HETATM 929 O  O     . HOH C 3 .   ? -9.447  5.865   13.133  1.00 44.68 ? 237 HOH A O     1 
HETATM 930 O  O     . HOH C 3 .   ? -14.641 -0.039  5.530   1.00 35.47 ? 238 HOH A O     1 
HETATM 931 O  O     . HOH C 3 .   ? 4.679   10.210  -6.625  1.00 44.73 ? 239 HOH A O     1 
HETATM 932 O  O     . HOH C 3 .   ? 7.082   6.820   8.090   1.00 7.13  ? 240 HOH A O     1 
HETATM 933 O  O     . HOH C 3 .   ? 10.392  17.875  1.425   1.00 54.49 ? 241 HOH A O     1 
HETATM 934 O  O     . HOH C 3 .   ? 5.172   0.969   15.170  1.00 32.12 ? 242 HOH A O     1 
HETATM 935 O  O     . HOH C 3 .   ? -9.120  4.781   -14.678 1.00 38.56 ? 243 HOH A O     1 
HETATM 936 O  O     . HOH C 3 .   ? 7.350   -15.479 -11.468 1.00 29.03 ? 244 HOH A O     1 
HETATM 937 O  O     . HOH C 3 .   ? 11.573  -9.524  9.747   1.00 52.15 ? 245 HOH A O     1 
HETATM 938 O  O     . HOH C 3 .   ? -7.777  -0.775  -15.753 1.00 32.12 ? 246 HOH A O     1 
HETATM 939 O  O     . HOH C 3 .   ? 1.495   14.066  -0.851  1.00 20.11 ? 247 HOH A O     1 
HETATM 940 O  O     . HOH C 3 .   ? 2.890   -1.296  -17.380 1.00 55.33 ? 248 HOH A O     1 
HETATM 941 O  O     . HOH C 3 .   ? 6.942   -10.871 14.641  1.00 29.14 ? 249 HOH A O     1 
HETATM 942 O  O     . HOH C 3 .   ? -16.943 -9.094  -15.349 1.00 42.83 ? 250 HOH A O     1 
HETATM 943 O  O     . HOH C 3 .   ? 1.511   -22.811 -4.734  1.00 9.02  ? 251 HOH A O     1 
HETATM 944 O  O     . HOH C 3 .   ? -2.756  2.836   -13.930 1.00 52.86 ? 252 HOH A O     1 
HETATM 945 O  O     . HOH C 3 .   ? -13.410 4.641   3.576   1.00 28.93 ? 253 HOH A O     1 
HETATM 946 O  O     . HOH C 3 .   ? -10.074 7.511   -7.371  1.00 59.79 ? 254 HOH A O     1 
HETATM 947 O  O     . HOH C 3 .   ? -12.952 9.869   1.970   1.00 26.28 ? 255 HOH A O     1 
HETATM 948 O  O     . HOH C 3 .   ? 6.276   -21.271 -12.724 1.00 44.63 ? 256 HOH A O     1 
HETATM 949 O  O     . HOH C 3 .   ? -6.060  7.269   12.567  1.00 62.33 ? 257 HOH A O     1 
HETATM 950 O  O     . HOH C 3 .   ? -7.643  -3.587  -16.855 1.00 47.19 ? 258 HOH A O     1 
HETATM 951 O  O     . HOH C 3 .   ? -16.425 -3.426  1.371   1.00 25.16 ? 259 HOH A O     1 
HETATM 952 O  O     . HOH C 3 .   ? 9.808   12.411  6.938   1.00 56.07 ? 260 HOH A O     1 
HETATM 953 O  O     . HOH C 3 .   ? 10.437  8.426   -3.348  1.00 54.80 ? 261 HOH A O     1 
# 
